data_8JD9
#
_entry.id   8JD9
#
_cell.length_a   1.00
_cell.length_b   1.00
_cell.length_c   1.00
_cell.angle_alpha   90.00
_cell.angle_beta   90.00
_cell.angle_gamma   90.00
#
_symmetry.space_group_name_H-M   'P 1'
#
loop_
_entity.id
_entity.type
_entity.pdbx_description
1 polymer 'Sodium/hydrogen exchanger 7'
2 non-polymer 1,2-DIACYL-SN-GLYCERO-3-PHOSPHOCHOLINE
#
_entity_poly.entity_id   1
_entity_poly.type   'polypeptide(L)'
_entity_poly.pdbx_seq_one_letter_code
;MKLESSPVDAVLFVGMSLVLGIASRHLLRGTRVPYTVALLVIGIALGSLEYGAKHNLGKIGHGIRIWNEIDPELLLAVFL
PALLFESSFSMEVHQIKRCLGQMVLLAVPGVLISTACLGSLVKVTFPYEWDWKTSLLLGGLLSATDPVAVVALLKELGAS
KKLSTIIEGESLMNDGTAIVVFQLFLKMAMGQNSDWSSIIKFLLKVALGAVGIGLAFGIASVIWLKFIFNDTVIEITLTI
AVSYFAYYTAQEWAGASGVLTVMTLGMFYAAFARTAFKGDSQKSLHHFWEMVAYIANTLIFILSGVVIAEGILDSDKIAY
QGNSWRFLFLLYVYIQLSRVVVVGVLYPLLCRFGYGLDWKESIILVWSGLRGAVALALSLSVKQSSGNSHISKETGTLFL
FFTGGIVFLTLIVNGSTTQFVLRLLRMDILPAPKKRILEYTKYEMLNKALRAFQDLGDDEELGPADWPTVESYISSLKGS
EGELVHHPHNGSKIGSLDPKSLKDIRMRFLNGVQATYWEMLDEGRISEVTANILMQSVDEALDQVSTTLCDWRGLKPHVN
FPNYYNFLHSKVVPRKLVTYFAVERLESACYISAAFLRAHTIARQQLYDFLGESNIGSIVINESEKEGEEAKKFLEKVRS
SFPQVLRVVKTKQVTYSVLNHLLGYIENLEKVGLLEEKEIAHLHDAVQTGLKKLLRNPPIVKLPKLSDMITSHPLSVALP
PAFCEPLKHSKKEPMKLRGVTLYKEGSKPTGVWLIFDGIVKWKSKILSNNHSLHPTFSHGSTLGLYEVLTGKPYLCDLIT
DSMVLCFFIDSEKILSLQSDSTIDDFLWQESALVLLKLLRPQIFESVAMQELRALVSTESSKLTTYVTGESIEIDCNSIG
LLLEGFVKPVGIKEELISSPAALSPSNGNQSFHNSSEASGIMRVSFSQQATQYIVETRARAIIFNIGAFGADRTLHRRPS
SLTPPRSSSSDQLQRSFRKEHRGLMSWPENIYAKQQQEINKTTLSLSERAMQLSIFGSMVNVYRRSVSFGGIYNNKLQDN
LLYKKLPLNPAQGLVSAKSESSIVTKKQLETRKHACQLPLKGESSTRQNTMVESSDEEDEDEGIVVRIDSPSKIVFRNDL
LESAWSHPQFEKGGGSGGGSGGSAWSHPQFEKGSDYKDDDDK
;
_entity_poly.pdbx_strand_id   A,B
#
loop_
_chem_comp.id
_chem_comp.type
_chem_comp.name
_chem_comp.formula
PC1 non-polymer 1,2-DIACYL-SN-GLYCERO-3-PHOSPHOCHOLINE 'C44 H88 N O8 P'
#
# COMPACT_ATOMS: atom_id res chain seq x y z
N LYS A 2 0.85 4.49 -51.17
CA LYS A 2 0.95 3.02 -51.15
C LYS A 2 2.36 2.58 -50.75
N LEU A 3 2.44 1.73 -49.74
CA LEU A 3 3.70 1.18 -49.25
C LEU A 3 3.65 -0.34 -49.31
N GLU A 4 4.69 -0.98 -48.79
CA GLU A 4 4.76 -2.45 -48.82
C GLU A 4 5.54 -2.93 -47.59
N SER A 5 4.80 -3.29 -46.55
CA SER A 5 5.33 -3.96 -45.37
C SER A 5 6.53 -3.21 -44.78
N SER A 6 6.35 -1.91 -44.57
CA SER A 6 7.38 -1.14 -43.88
C SER A 6 7.48 -1.61 -42.43
N PRO A 7 8.70 -1.77 -41.90
CA PRO A 7 8.86 -2.39 -40.57
C PRO A 7 8.10 -1.68 -39.45
N VAL A 8 7.61 -0.46 -39.69
CA VAL A 8 6.79 0.22 -38.69
C VAL A 8 5.44 -0.46 -38.51
N ASP A 9 5.04 -1.31 -39.45
CA ASP A 9 3.74 -1.98 -39.36
C ASP A 9 3.71 -3.06 -38.27
N ALA A 10 4.87 -3.50 -37.79
CA ALA A 10 4.89 -4.39 -36.64
C ALA A 10 4.33 -3.70 -35.41
N VAL A 11 4.59 -2.39 -35.27
CA VAL A 11 4.00 -1.61 -34.19
C VAL A 11 2.48 -1.59 -34.33
N LEU A 12 1.99 -1.40 -35.56
CA LEU A 12 0.55 -1.51 -35.80
C LEU A 12 0.03 -2.86 -35.32
N PHE A 13 0.70 -3.93 -35.70
CA PHE A 13 0.20 -5.26 -35.36
C PHE A 13 0.15 -5.46 -33.85
N VAL A 14 1.22 -5.08 -33.15
CA VAL A 14 1.25 -5.31 -31.70
C VAL A 14 0.22 -4.43 -30.99
N GLY A 15 0.10 -3.16 -31.39
CA GLY A 15 -0.88 -2.30 -30.75
C GLY A 15 -2.31 -2.74 -31.01
N MET A 16 -2.62 -3.11 -32.26
CA MET A 16 -3.95 -3.59 -32.58
C MET A 16 -4.26 -4.90 -31.85
N SER A 17 -3.27 -5.79 -31.75
CA SER A 17 -3.48 -7.03 -31.01
C SER A 17 -3.73 -6.75 -29.53
N LEU A 18 -2.99 -5.82 -28.94
CA LEU A 18 -3.23 -5.46 -27.54
C LEU A 18 -4.62 -4.88 -27.36
N VAL A 19 -5.06 -4.01 -28.27
CA VAL A 19 -6.40 -3.44 -28.18
C VAL A 19 -7.45 -4.53 -28.27
N LEU A 20 -7.28 -5.45 -29.22
CA LEU A 20 -8.26 -6.53 -29.41
C LEU A 20 -8.28 -7.45 -28.18
N GLY A 21 -7.11 -7.75 -27.62
CA GLY A 21 -7.07 -8.58 -26.42
C GLY A 21 -7.72 -7.92 -25.23
N ILE A 22 -7.50 -6.61 -25.05
CA ILE A 22 -8.15 -5.89 -23.97
C ILE A 22 -9.66 -5.90 -24.16
N ALA A 23 -10.12 -5.67 -25.39
CA ALA A 23 -11.56 -5.68 -25.67
C ALA A 23 -12.15 -7.06 -25.40
N SER A 24 -11.46 -8.12 -25.82
CA SER A 24 -11.97 -9.47 -25.61
C SER A 24 -12.01 -9.82 -24.12
N ARG A 25 -10.98 -9.43 -23.37
CA ARG A 25 -10.98 -9.69 -21.94
C ARG A 25 -12.10 -8.91 -21.25
N HIS A 26 -12.33 -7.67 -21.67
CA HIS A 26 -13.36 -6.85 -21.04
C HIS A 26 -14.76 -7.40 -21.36
N LEU A 27 -15.01 -7.73 -22.62
CA LEU A 27 -16.35 -8.17 -23.01
C LEU A 27 -16.66 -9.57 -22.52
N LEU A 28 -15.66 -10.46 -22.48
CA LEU A 28 -15.83 -11.83 -22.02
C LEU A 28 -15.20 -11.95 -20.65
N ARG A 29 -15.98 -11.63 -19.61
CA ARG A 29 -15.52 -11.75 -18.24
C ARG A 29 -16.37 -12.75 -17.45
N GLY A 30 -17.69 -12.61 -17.46
CA GLY A 30 -18.57 -13.57 -16.86
C GLY A 30 -19.02 -14.69 -17.76
N THR A 31 -18.75 -14.57 -19.06
CA THR A 31 -19.12 -15.61 -20.01
C THR A 31 -18.24 -16.84 -19.85
N ARG A 32 -18.77 -17.98 -20.30
CA ARG A 32 -18.03 -19.24 -20.20
C ARG A 32 -16.78 -19.22 -21.07
N VAL A 33 -16.89 -18.68 -22.27
CA VAL A 33 -15.76 -18.72 -23.22
C VAL A 33 -14.66 -17.78 -22.75
N PRO A 34 -13.40 -18.18 -22.82
CA PRO A 34 -12.31 -17.25 -22.48
C PRO A 34 -12.09 -16.24 -23.59
N TYR A 35 -11.32 -15.20 -23.28
CA TYR A 35 -10.96 -14.21 -24.28
C TYR A 35 -9.94 -14.75 -25.27
N THR A 36 -9.17 -15.78 -24.89
CA THR A 36 -8.16 -16.31 -25.78
C THR A 36 -8.76 -17.00 -27.00
N VAL A 37 -9.89 -17.69 -26.84
CA VAL A 37 -10.53 -18.30 -28.00
C VAL A 37 -11.07 -17.24 -28.94
N ALA A 38 -11.57 -16.12 -28.39
CA ALA A 38 -11.98 -15.01 -29.24
C ALA A 38 -10.80 -14.41 -29.98
N LEU A 39 -9.65 -14.29 -29.31
CA LEU A 39 -8.45 -13.81 -29.97
C LEU A 39 -8.03 -14.74 -31.10
N LEU A 40 -8.10 -16.05 -30.86
CA LEU A 40 -7.76 -17.02 -31.89
C LEU A 40 -8.72 -16.92 -33.07
N VAL A 41 -10.01 -16.75 -32.80
CA VAL A 41 -10.99 -16.63 -33.88
C VAL A 41 -10.73 -15.35 -34.68
N ILE A 42 -10.41 -14.26 -34.00
CA ILE A 42 -10.12 -13.00 -34.69
C ILE A 42 -8.89 -13.15 -35.57
N GLY A 43 -7.84 -13.79 -35.05
CA GLY A 43 -6.66 -14.03 -35.87
C GLY A 43 -6.95 -14.92 -37.06
N ILE A 44 -7.77 -15.95 -36.86
CA ILE A 44 -8.17 -16.82 -37.97
C ILE A 44 -8.88 -16.02 -39.05
N ALA A 45 -9.84 -15.19 -38.64
CA ALA A 45 -10.59 -14.40 -39.60
C ALA A 45 -9.69 -13.43 -40.36
N LEU A 46 -8.79 -12.76 -39.63
CA LEU A 46 -7.88 -11.80 -40.27
C LEU A 46 -6.96 -12.49 -41.27
N GLY A 47 -6.33 -13.59 -40.85
CA GLY A 47 -5.47 -14.31 -41.78
C GLY A 47 -6.23 -14.86 -42.96
N SER A 48 -7.47 -15.32 -42.74
CA SER A 48 -8.28 -15.85 -43.84
C SER A 48 -8.57 -14.76 -44.86
N LEU A 49 -9.10 -13.63 -44.42
CA LEU A 49 -9.44 -12.57 -45.36
C LEU A 49 -8.23 -11.84 -45.91
N GLU A 50 -7.04 -12.05 -45.35
CA GLU A 50 -5.85 -11.41 -45.88
C GLU A 50 -5.03 -12.32 -46.79
N TYR A 51 -5.13 -13.64 -46.65
CA TYR A 51 -4.41 -14.58 -47.49
C TYR A 51 -5.33 -15.35 -48.44
N GLY A 52 -6.37 -16.01 -47.91
CA GLY A 52 -7.26 -16.77 -48.76
C GLY A 52 -8.10 -15.93 -49.68
N ALA A 53 -8.32 -14.66 -49.34
CA ALA A 53 -9.02 -13.72 -50.20
C ALA A 53 -8.13 -12.61 -50.74
N LYS A 54 -6.94 -12.43 -50.17
CA LYS A 54 -5.97 -11.42 -50.62
C LYS A 54 -6.59 -10.03 -50.64
N HIS A 55 -7.40 -9.73 -49.63
CA HIS A 55 -8.00 -8.40 -49.51
C HIS A 55 -6.92 -7.36 -49.22
N ASN A 56 -7.16 -6.15 -49.72
CA ASN A 56 -6.23 -5.03 -49.50
C ASN A 56 -6.50 -4.46 -48.11
N LEU A 57 -5.79 -4.99 -47.12
CA LEU A 57 -5.92 -4.51 -45.74
C LEU A 57 -5.10 -3.27 -45.46
N GLY A 58 -4.31 -2.81 -46.42
CA GLY A 58 -3.49 -1.63 -46.18
C GLY A 58 -2.38 -1.94 -45.20
N LYS A 59 -2.10 -0.97 -44.33
CA LYS A 59 -1.03 -1.13 -43.35
C LYS A 59 -1.34 -2.19 -42.31
N ILE A 60 -2.62 -2.54 -42.12
CA ILE A 60 -2.97 -3.60 -41.17
C ILE A 60 -2.45 -4.95 -41.68
N GLY A 61 -2.66 -5.23 -42.97
CA GLY A 61 -2.15 -6.46 -43.53
C GLY A 61 -0.64 -6.48 -43.63
N HIS A 62 -0.02 -5.31 -43.76
CA HIS A 62 1.44 -5.24 -43.82
C HIS A 62 2.06 -5.73 -42.52
N GLY A 63 1.49 -5.34 -41.37
CA GLY A 63 1.98 -5.85 -40.11
C GLY A 63 1.77 -7.35 -39.96
N ILE A 64 0.65 -7.85 -40.49
CA ILE A 64 0.39 -9.29 -40.46
C ILE A 64 1.46 -10.03 -41.24
N ARG A 65 1.78 -9.55 -42.45
CA ARG A 65 2.81 -10.18 -43.25
C ARG A 65 4.21 -9.98 -42.69
N ILE A 66 4.44 -8.92 -41.92
CA ILE A 66 5.73 -8.77 -41.26
C ILE A 66 5.87 -9.77 -40.12
N TRP A 67 4.82 -9.95 -39.32
CA TRP A 67 4.87 -10.89 -38.21
C TRP A 67 4.83 -12.34 -38.66
N ASN A 68 4.32 -12.60 -39.87
CA ASN A 68 4.25 -13.98 -40.34
C ASN A 68 5.63 -14.60 -40.54
N GLU A 69 6.64 -13.77 -40.84
CA GLU A 69 8.01 -14.23 -41.00
C GLU A 69 8.80 -14.22 -39.70
N ILE A 70 8.12 -14.36 -38.56
CA ILE A 70 8.83 -14.43 -37.28
C ILE A 70 9.67 -15.69 -37.24
N ASP A 71 10.91 -15.55 -36.81
CA ASP A 71 11.81 -16.70 -36.75
C ASP A 71 11.30 -17.72 -35.74
N PRO A 72 11.38 -19.02 -36.04
CA PRO A 72 10.98 -20.01 -35.04
C PRO A 72 11.78 -19.91 -33.74
N GLU A 73 13.08 -19.60 -33.84
CA GLU A 73 13.89 -19.44 -32.64
C GLU A 73 13.58 -18.14 -31.93
N LEU A 74 13.42 -17.05 -32.67
CA LEU A 74 13.13 -15.76 -32.04
C LEU A 74 11.76 -15.76 -31.36
N LEU A 75 10.78 -16.43 -31.97
CA LEU A 75 9.44 -16.49 -31.39
C LEU A 75 9.47 -17.14 -30.01
N LEU A 76 10.22 -18.24 -29.87
CA LEU A 76 10.34 -18.88 -28.57
C LEU A 76 11.26 -18.11 -27.63
N ALA A 77 12.25 -17.40 -28.17
CA ALA A 77 13.15 -16.63 -27.33
C ALA A 77 12.45 -15.43 -26.70
N VAL A 78 11.47 -14.86 -27.40
CA VAL A 78 10.81 -13.65 -26.92
C VAL A 78 9.54 -13.98 -26.13
N PHE A 79 8.73 -14.91 -26.63
CA PHE A 79 7.38 -15.11 -26.10
C PHE A 79 7.28 -16.19 -25.05
N LEU A 80 8.17 -17.17 -25.06
CA LEU A 80 8.08 -18.26 -24.09
C LEU A 80 8.57 -17.84 -22.70
N PRO A 81 9.66 -17.08 -22.57
CA PRO A 81 9.98 -16.53 -21.25
C PRO A 81 8.88 -15.64 -20.69
N ALA A 82 8.17 -14.93 -21.54
CA ALA A 82 7.07 -14.08 -21.08
C ALA A 82 5.92 -14.93 -20.53
N LEU A 83 5.62 -16.05 -21.18
CA LEU A 83 4.46 -16.85 -20.80
C LEU A 83 4.65 -17.53 -19.45
N LEU A 84 5.86 -18.00 -19.17
CA LEU A 84 6.09 -18.94 -18.06
C LEU A 84 6.92 -18.35 -16.93
N PHE A 85 7.37 -17.11 -17.01
CA PHE A 85 8.11 -16.52 -15.91
C PHE A 85 7.20 -16.20 -14.74
N GLU A 86 6.04 -15.60 -15.01
CA GLU A 86 5.16 -15.18 -13.93
C GLU A 86 4.49 -16.37 -13.25
N SER A 87 4.17 -17.41 -14.01
CA SER A 87 3.62 -18.62 -13.40
C SER A 87 4.62 -19.26 -12.45
N SER A 88 5.90 -19.30 -12.82
CA SER A 88 6.93 -19.79 -11.92
C SER A 88 7.18 -18.79 -10.80
N PHE A 89 7.10 -17.49 -11.10
CA PHE A 89 7.32 -16.47 -10.08
C PHE A 89 6.19 -16.46 -9.06
N SER A 90 4.94 -16.49 -9.53
CA SER A 90 3.79 -16.51 -8.64
C SER A 90 3.50 -17.95 -8.22
N MET A 91 4.44 -18.50 -7.44
CA MET A 91 4.36 -19.87 -6.97
C MET A 91 4.77 -19.90 -5.50
N GLU A 92 3.92 -20.49 -4.67
CA GLU A 92 4.15 -20.54 -3.22
C GLU A 92 4.99 -21.77 -2.90
N VAL A 93 6.28 -21.55 -2.61
CA VAL A 93 7.17 -22.66 -2.30
C VAL A 93 6.73 -23.37 -1.02
N HIS A 94 6.34 -22.60 0.00
CA HIS A 94 5.89 -23.20 1.25
C HIS A 94 4.64 -24.06 1.07
N GLN A 95 3.91 -23.88 -0.02
CA GLN A 95 2.73 -24.70 -0.30
C GLN A 95 3.02 -25.83 -1.27
N ILE A 96 3.88 -25.62 -2.25
CA ILE A 96 4.28 -26.69 -3.15
C ILE A 96 5.19 -27.70 -2.45
N LYS A 97 5.95 -27.25 -1.45
CA LYS A 97 6.79 -28.17 -0.68
C LYS A 97 5.96 -29.25 0.01
N ARG A 98 4.72 -28.94 0.35
CA ARG A 98 3.84 -29.91 1.00
C ARG A 98 3.28 -30.94 0.03
N CYS A 99 3.38 -30.69 -1.28
CA CYS A 99 2.88 -31.63 -2.28
C CYS A 99 3.87 -31.74 -3.44
N LEU A 100 5.17 -31.81 -3.12
CA LEU A 100 6.17 -32.00 -4.17
C LEU A 100 5.96 -33.30 -4.90
N GLY A 101 5.79 -34.39 -4.16
CA GLY A 101 5.69 -35.70 -4.79
C GLY A 101 4.44 -35.86 -5.63
N GLN A 102 3.32 -35.32 -5.16
CA GLN A 102 2.05 -35.52 -5.86
C GLN A 102 2.04 -34.86 -7.23
N MET A 103 2.88 -33.83 -7.46
CA MET A 103 3.01 -33.25 -8.79
C MET A 103 4.25 -33.70 -9.53
N VAL A 104 5.30 -34.16 -8.84
CA VAL A 104 6.42 -34.80 -9.54
C VAL A 104 5.96 -36.09 -10.19
N LEU A 105 5.03 -36.81 -9.55
CA LEU A 105 4.40 -37.96 -10.19
C LEU A 105 3.67 -37.52 -11.46
N LEU A 106 3.03 -36.35 -11.43
CA LEU A 106 2.37 -35.82 -12.60
C LEU A 106 3.34 -35.09 -13.55
N ALA A 107 4.55 -34.78 -13.09
CA ALA A 107 5.46 -33.99 -13.93
C ALA A 107 6.20 -34.89 -14.92
N VAL A 108 7.08 -35.74 -14.44
CA VAL A 108 7.86 -36.59 -15.34
C VAL A 108 7.03 -37.79 -15.80
N PRO A 109 6.55 -38.67 -14.91
CA PRO A 109 5.80 -39.84 -15.39
C PRO A 109 4.52 -39.49 -16.11
N GLY A 110 3.80 -38.46 -15.66
CA GLY A 110 2.56 -38.10 -16.31
C GLY A 110 2.78 -37.61 -17.74
N VAL A 111 3.77 -36.73 -17.92
CA VAL A 111 4.09 -36.24 -19.25
C VAL A 111 4.58 -37.38 -20.13
N LEU A 112 5.42 -38.27 -19.59
CA LEU A 112 5.92 -39.39 -20.39
C LEU A 112 4.77 -40.27 -20.86
N ILE A 113 3.86 -40.63 -19.94
CA ILE A 113 2.75 -41.49 -20.30
C ILE A 113 1.84 -40.81 -21.32
N SER A 114 1.51 -39.54 -21.09
CA SER A 114 0.65 -38.82 -22.01
C SER A 114 1.27 -38.71 -23.40
N THR A 115 2.56 -38.37 -23.46
CA THR A 115 3.24 -38.26 -24.74
C THR A 115 3.27 -39.60 -25.46
N ALA A 116 3.60 -40.67 -24.74
CA ALA A 116 3.67 -41.98 -25.37
C ALA A 116 2.30 -42.40 -25.90
N CYS A 117 1.25 -42.24 -25.09
CA CYS A 117 -0.08 -42.64 -25.51
C CYS A 117 -0.55 -41.84 -26.73
N LEU A 118 -0.40 -40.51 -26.66
CA LEU A 118 -0.85 -39.66 -27.76
C LEU A 118 -0.06 -39.94 -29.04
N GLY A 119 1.26 -40.08 -28.92
CA GLY A 119 2.07 -40.35 -30.09
C GLY A 119 1.75 -41.70 -30.72
N SER A 120 1.57 -42.73 -29.90
CA SER A 120 1.20 -44.03 -30.44
C SER A 120 -0.16 -43.97 -31.13
N LEU A 121 -1.12 -43.28 -30.52
CA LEU A 121 -2.45 -43.21 -31.10
C LEU A 121 -2.43 -42.48 -32.44
N VAL A 122 -1.73 -41.34 -32.51
CA VAL A 122 -1.71 -40.58 -33.76
C VAL A 122 -0.90 -41.33 -34.83
N LYS A 123 0.19 -41.99 -34.43
CA LYS A 123 0.96 -42.76 -35.41
C LYS A 123 0.14 -43.91 -35.99
N VAL A 124 -0.64 -44.58 -35.14
CA VAL A 124 -1.47 -45.68 -35.63
C VAL A 124 -2.61 -45.16 -36.49
N THR A 125 -3.22 -44.04 -36.10
CA THR A 125 -4.47 -43.59 -36.71
C THR A 125 -4.30 -42.54 -37.80
N PHE A 126 -3.45 -41.53 -37.59
CA PHE A 126 -3.42 -40.39 -38.50
C PHE A 126 -2.90 -40.81 -39.87
N PRO A 127 -3.64 -40.56 -40.95
CA PRO A 127 -3.24 -41.02 -42.30
C PRO A 127 -2.37 -40.02 -43.06
N TYR A 128 -1.31 -39.55 -42.41
CA TYR A 128 -0.36 -38.64 -43.03
C TYR A 128 1.01 -39.25 -43.23
N GLU A 129 1.14 -40.57 -43.07
CA GLU A 129 2.42 -41.27 -43.20
C GLU A 129 3.48 -40.65 -42.30
N TRP A 130 3.07 -40.25 -41.10
CA TRP A 130 3.96 -39.58 -40.17
C TRP A 130 4.90 -40.59 -39.51
N ASP A 131 6.17 -40.19 -39.38
CA ASP A 131 7.14 -41.02 -38.69
C ASP A 131 6.82 -41.07 -37.20
N TRP A 132 7.40 -42.05 -36.52
CA TRP A 132 7.25 -42.13 -35.07
C TRP A 132 7.81 -40.90 -34.39
N LYS A 133 8.89 -40.33 -34.94
CA LYS A 133 9.47 -39.12 -34.35
C LYS A 133 8.49 -37.95 -34.43
N THR A 134 7.84 -37.77 -35.57
CA THR A 134 6.89 -36.66 -35.71
C THR A 134 5.66 -36.87 -34.84
N SER A 135 5.16 -38.10 -34.77
CA SER A 135 4.00 -38.39 -33.91
C SER A 135 4.34 -38.15 -32.45
N LEU A 136 5.53 -38.58 -32.02
CA LEU A 136 5.94 -38.33 -30.64
C LEU A 136 6.17 -36.85 -30.38
N LEU A 137 6.65 -36.11 -31.39
CA LEU A 137 6.78 -34.66 -31.25
C LEU A 137 5.41 -34.01 -31.05
N LEU A 138 4.42 -34.42 -31.84
CA LEU A 138 3.08 -33.86 -31.68
C LEU A 138 2.50 -34.21 -30.31
N GLY A 139 2.69 -35.45 -29.86
CA GLY A 139 2.22 -35.83 -28.54
C GLY A 139 2.91 -35.05 -27.44
N GLY A 140 4.21 -34.83 -27.57
CA GLY A 140 4.94 -34.09 -26.55
C GLY A 140 4.55 -32.63 -26.47
N LEU A 141 4.35 -31.99 -27.63
CA LEU A 141 3.95 -30.60 -27.61
C LEU A 141 2.50 -30.44 -27.20
N LEU A 142 1.66 -31.45 -27.45
CA LEU A 142 0.26 -31.39 -27.06
C LEU A 142 0.03 -31.78 -25.61
N SER A 143 1.06 -32.27 -24.91
CA SER A 143 0.94 -32.60 -23.50
C SER A 143 1.21 -31.41 -22.59
N ALA A 144 1.50 -30.24 -23.16
CA ALA A 144 1.77 -29.04 -22.38
C ALA A 144 0.45 -28.36 -22.02
N THR A 145 0.34 -27.95 -20.76
CA THR A 145 -0.86 -27.30 -20.24
C THR A 145 -0.53 -25.90 -19.76
N ASP A 146 -1.29 -24.92 -20.24
CA ASP A 146 -1.00 -23.52 -19.93
C ASP A 146 -1.33 -23.21 -18.47
N PRO A 147 -0.37 -22.74 -17.68
CA PRO A 147 -0.70 -22.32 -16.31
C PRO A 147 -1.66 -21.15 -16.27
N VAL A 148 -1.60 -20.24 -17.25
CA VAL A 148 -2.46 -19.07 -17.25
C VAL A 148 -3.93 -19.48 -17.33
N ALA A 149 -4.24 -20.40 -18.24
CA ALA A 149 -5.62 -20.84 -18.41
C ALA A 149 -6.15 -21.54 -17.16
N VAL A 150 -5.33 -22.40 -16.55
CA VAL A 150 -5.81 -23.14 -15.39
C VAL A 150 -5.97 -22.22 -14.17
N VAL A 151 -5.06 -21.24 -14.00
CA VAL A 151 -5.22 -20.33 -12.88
C VAL A 151 -6.41 -19.40 -13.11
N ALA A 152 -6.69 -19.03 -14.37
CA ALA A 152 -7.88 -18.24 -14.65
C ALA A 152 -9.15 -19.03 -14.38
N LEU A 153 -9.14 -20.32 -14.72
CA LEU A 153 -10.33 -21.15 -14.51
C LEU A 153 -10.55 -21.43 -13.02
N LEU A 154 -9.48 -21.74 -12.29
CA LEU A 154 -9.62 -22.12 -10.89
C LEU A 154 -10.13 -20.97 -10.03
N LYS A 155 -9.71 -19.73 -10.32
CA LYS A 155 -10.23 -18.58 -9.60
C LYS A 155 -11.64 -18.21 -10.04
N GLU A 156 -12.10 -18.71 -11.19
CA GLU A 156 -13.44 -18.36 -11.67
C GLU A 156 -14.52 -18.97 -10.80
N LEU A 157 -14.33 -20.21 -10.34
CA LEU A 157 -15.34 -20.90 -9.56
C LEU A 157 -14.69 -21.50 -8.32
N GLY A 158 -15.50 -21.69 -7.28
CA GLY A 158 -15.02 -22.16 -6.00
C GLY A 158 -14.40 -23.55 -6.02
N ALA A 159 -13.09 -23.61 -5.83
CA ALA A 159 -12.36 -24.87 -5.71
C ALA A 159 -11.50 -24.83 -4.45
N SER A 160 -11.28 -26.00 -3.87
CA SER A 160 -10.50 -26.08 -2.64
C SER A 160 -9.07 -25.64 -2.89
N LYS A 161 -8.44 -25.11 -1.83
CA LYS A 161 -7.07 -24.62 -1.97
C LYS A 161 -6.12 -25.75 -2.33
N LYS A 162 -6.31 -26.93 -1.74
CA LYS A 162 -5.45 -28.08 -2.05
C LYS A 162 -5.57 -28.45 -3.52
N LEU A 163 -6.80 -28.57 -4.02
CA LEU A 163 -7.01 -28.97 -5.41
C LEU A 163 -6.48 -27.92 -6.38
N SER A 164 -6.72 -26.65 -6.09
CA SER A 164 -6.22 -25.59 -6.96
C SER A 164 -4.70 -25.57 -6.99
N THR A 165 -4.07 -25.73 -5.83
CA THR A 165 -2.61 -25.77 -5.79
C THR A 165 -2.07 -26.97 -6.57
N ILE A 166 -2.71 -28.12 -6.41
CA ILE A 166 -2.28 -29.32 -7.14
C ILE A 166 -2.38 -29.09 -8.63
N ILE A 167 -3.51 -28.53 -9.08
CA ILE A 167 -3.71 -28.32 -10.52
C ILE A 167 -2.71 -27.31 -11.07
N GLU A 168 -2.47 -26.21 -10.35
CA GLU A 168 -1.53 -25.20 -10.83
C GLU A 168 -0.11 -25.75 -10.91
N GLY A 169 0.33 -26.44 -9.85
CA GLY A 169 1.65 -27.04 -9.87
C GLY A 169 1.79 -28.08 -10.96
N GLU A 170 0.74 -28.88 -11.17
CA GLU A 170 0.76 -29.88 -12.22
C GLU A 170 0.89 -29.24 -13.59
N SER A 171 0.14 -28.16 -13.83
CA SER A 171 0.23 -27.48 -15.13
C SER A 171 1.62 -26.91 -15.36
N LEU A 172 2.19 -26.26 -14.34
CA LEU A 172 3.52 -25.69 -14.51
C LEU A 172 4.58 -26.77 -14.74
N MET A 173 4.55 -27.84 -13.95
CA MET A 173 5.49 -28.93 -14.15
C MET A 173 5.28 -29.63 -15.48
N ASN A 174 4.03 -29.75 -15.92
CA ASN A 174 3.75 -30.36 -17.22
C ASN A 174 4.35 -29.55 -18.34
N ASP A 175 4.24 -28.22 -18.27
CA ASP A 175 4.92 -27.39 -19.26
C ASP A 175 6.43 -27.59 -19.20
N GLY A 176 6.99 -27.62 -17.99
CA GLY A 176 8.42 -27.77 -17.85
C GLY A 176 8.94 -29.06 -18.46
N THR A 177 8.21 -30.16 -18.26
CA THR A 177 8.63 -31.44 -18.83
C THR A 177 8.32 -31.54 -20.32
N ALA A 178 7.20 -30.95 -20.74
CA ALA A 178 6.80 -31.03 -22.15
C ALA A 178 7.74 -30.23 -23.04
N ILE A 179 8.31 -29.14 -22.54
CA ILE A 179 9.31 -28.42 -23.32
C ILE A 179 10.51 -29.31 -23.61
N VAL A 180 10.97 -30.04 -22.59
CA VAL A 180 12.12 -30.93 -22.78
C VAL A 180 11.76 -32.06 -23.74
N VAL A 181 10.57 -32.65 -23.58
CA VAL A 181 10.17 -33.75 -24.46
C VAL A 181 10.06 -33.27 -25.90
N PHE A 182 9.45 -32.10 -26.10
CA PHE A 182 9.30 -31.53 -27.44
C PHE A 182 10.66 -31.25 -28.06
N GLN A 183 11.58 -30.67 -27.29
CA GLN A 183 12.91 -30.39 -27.81
C GLN A 183 13.64 -31.67 -28.19
N LEU A 184 13.52 -32.71 -27.35
CA LEU A 184 14.16 -33.99 -27.66
C LEU A 184 13.63 -34.56 -28.95
N PHE A 185 12.31 -34.61 -29.11
CA PHE A 185 11.75 -35.22 -30.32
C PHE A 185 11.97 -34.34 -31.55
N LEU A 186 12.07 -33.02 -31.37
CA LEU A 186 12.37 -32.14 -32.50
C LEU A 186 13.81 -32.33 -32.96
N LYS A 187 14.74 -32.47 -32.01
CA LYS A 187 16.12 -32.75 -32.39
C LYS A 187 16.24 -34.12 -33.04
N MET A 188 15.48 -35.11 -32.55
CA MET A 188 15.48 -36.42 -33.19
C MET A 188 14.93 -36.34 -34.61
N ALA A 189 13.90 -35.52 -34.84
CA ALA A 189 13.27 -35.45 -36.15
C ALA A 189 14.12 -34.73 -37.19
N MET A 190 15.09 -33.92 -36.77
CA MET A 190 15.85 -33.12 -37.74
C MET A 190 16.96 -33.91 -38.41
N GLY A 191 18.00 -34.27 -37.65
CA GLY A 191 19.12 -34.98 -38.25
C GLY A 191 19.84 -35.94 -37.33
N GLN A 192 19.32 -36.16 -36.13
CA GLN A 192 20.08 -36.84 -35.08
C GLN A 192 19.71 -38.30 -34.98
N ASN A 193 20.73 -39.15 -34.82
CA ASN A 193 20.52 -40.58 -34.69
C ASN A 193 19.79 -40.89 -33.39
N SER A 194 18.88 -41.87 -33.45
CA SER A 194 18.07 -42.26 -32.29
C SER A 194 18.73 -43.42 -31.55
N ASP A 195 19.94 -43.19 -31.07
CA ASP A 195 20.64 -44.16 -30.24
C ASP A 195 20.52 -43.75 -28.78
N TRP A 196 20.39 -44.75 -27.90
CA TRP A 196 20.09 -44.49 -26.50
C TRP A 196 21.19 -43.66 -25.83
N SER A 197 22.44 -43.84 -26.24
CA SER A 197 23.53 -43.05 -25.66
C SER A 197 23.35 -41.57 -25.96
N SER A 198 23.06 -41.24 -27.22
CA SER A 198 22.86 -39.84 -27.60
C SER A 198 21.61 -39.27 -26.94
N ILE A 199 20.54 -40.07 -26.85
CA ILE A 199 19.31 -39.60 -26.22
C ILE A 199 19.57 -39.30 -24.75
N ILE A 200 20.28 -40.19 -24.05
CA ILE A 200 20.58 -39.97 -22.64
C ILE A 200 21.46 -38.74 -22.45
N LYS A 201 22.48 -38.60 -23.31
CA LYS A 201 23.36 -37.44 -23.20
C LYS A 201 22.60 -36.14 -23.44
N PHE A 202 21.71 -36.12 -24.44
CA PHE A 202 20.94 -34.91 -24.73
C PHE A 202 19.98 -34.60 -23.59
N LEU A 203 19.31 -35.61 -23.05
CA LEU A 203 18.40 -35.37 -21.94
C LEU A 203 19.14 -34.85 -20.72
N LEU A 204 20.30 -35.43 -20.41
CA LEU A 204 21.11 -34.94 -19.30
C LEU A 204 21.53 -33.50 -19.53
N LYS A 205 22.09 -33.20 -20.71
CA LYS A 205 22.52 -31.84 -20.99
C LYS A 205 21.38 -30.85 -20.88
N VAL A 206 20.28 -31.10 -21.58
CA VAL A 206 19.13 -30.18 -21.53
C VAL A 206 18.66 -30.00 -20.09
N ALA A 207 18.26 -31.09 -19.44
CA ALA A 207 17.64 -30.98 -18.12
C ALA A 207 18.61 -30.37 -17.10
N LEU A 208 19.71 -31.06 -16.82
CA LEU A 208 20.65 -30.54 -15.82
C LEU A 208 21.78 -29.75 -16.48
N GLY A 209 21.42 -28.88 -17.42
CA GLY A 209 22.24 -27.74 -17.77
C GLY A 209 21.33 -26.56 -17.99
N ALA A 210 20.02 -26.81 -17.98
CA ALA A 210 19.03 -25.76 -17.86
C ALA A 210 18.70 -25.47 -16.40
N VAL A 211 18.48 -26.52 -15.60
CA VAL A 211 18.24 -26.32 -14.17
C VAL A 211 19.47 -25.69 -13.52
N GLY A 212 20.66 -26.18 -13.86
CA GLY A 212 21.88 -25.63 -13.28
C GLY A 212 22.12 -24.19 -13.67
N ILE A 213 21.91 -23.86 -14.95
CA ILE A 213 22.11 -22.49 -15.41
C ILE A 213 21.08 -21.56 -14.77
N GLY A 214 19.82 -22.00 -14.67
CA GLY A 214 18.82 -21.20 -14.00
C GLY A 214 19.15 -20.98 -12.54
N LEU A 215 19.65 -22.02 -11.85
CA LEU A 215 20.03 -21.87 -10.46
C LEU A 215 21.19 -20.89 -10.30
N ALA A 216 22.19 -20.99 -11.18
CA ALA A 216 23.33 -20.08 -11.09
C ALA A 216 22.90 -18.63 -11.33
N PHE A 217 22.07 -18.41 -12.36
CA PHE A 217 21.58 -17.07 -12.64
C PHE A 217 20.73 -16.55 -11.49
N GLY A 218 19.90 -17.40 -10.89
CA GLY A 218 19.11 -16.97 -9.77
C GLY A 218 19.94 -16.61 -8.56
N ILE A 219 20.97 -17.41 -8.28
CA ILE A 219 21.86 -17.10 -7.17
C ILE A 219 22.55 -15.75 -7.38
N ALA A 220 23.10 -15.55 -8.58
CA ALA A 220 23.78 -14.29 -8.87
C ALA A 220 22.84 -13.11 -8.78
N SER A 221 21.64 -13.23 -9.35
CA SER A 221 20.69 -12.12 -9.35
C SER A 221 20.14 -11.85 -7.96
N VAL A 222 19.96 -12.88 -7.13
CA VAL A 222 19.50 -12.66 -5.76
C VAL A 222 20.58 -11.98 -4.94
N ILE A 223 21.84 -12.39 -5.12
CA ILE A 223 22.94 -11.70 -4.44
C ILE A 223 23.00 -10.25 -4.88
N TRP A 224 22.77 -9.98 -6.16
CA TRP A 224 22.74 -8.61 -6.63
C TRP A 224 21.59 -7.82 -6.02
N LEU A 225 20.40 -8.43 -5.97
CA LEU A 225 19.22 -7.75 -5.43
C LEU A 225 19.39 -7.46 -3.94
N LYS A 226 20.13 -8.30 -3.23
CA LYS A 226 20.40 -8.03 -1.82
C LYS A 226 21.25 -6.78 -1.60
N PHE A 227 21.75 -6.17 -2.67
CA PHE A 227 22.53 -4.94 -2.57
C PHE A 227 21.92 -3.77 -3.31
N ILE A 228 20.78 -3.95 -3.97
CA ILE A 228 20.06 -2.85 -4.61
C ILE A 228 19.02 -2.38 -3.60
N PHE A 229 19.40 -1.37 -2.81
CA PHE A 229 18.63 -1.04 -1.61
C PHE A 229 17.28 -0.42 -1.97
N ASN A 230 17.30 0.75 -2.61
CA ASN A 230 16.07 1.49 -2.91
C ASN A 230 16.05 1.90 -4.38
N ASP A 231 15.64 0.96 -5.24
CA ASP A 231 15.29 1.30 -6.62
C ASP A 231 14.36 0.20 -7.15
N THR A 232 13.07 0.50 -7.20
CA THR A 232 12.11 -0.49 -7.71
C THR A 232 12.34 -0.77 -9.19
N VAL A 233 12.66 0.27 -9.96
CA VAL A 233 12.81 0.11 -11.41
C VAL A 233 13.96 -0.85 -11.73
N ILE A 234 15.09 -0.70 -11.03
CA ILE A 234 16.21 -1.62 -11.25
C ILE A 234 15.82 -3.04 -10.87
N GLU A 235 15.08 -3.20 -9.78
CA GLU A 235 14.69 -4.53 -9.34
C GLU A 235 13.79 -5.21 -10.37
N ILE A 236 12.82 -4.47 -10.93
CA ILE A 236 11.95 -5.07 -11.93
C ILE A 236 12.68 -5.31 -13.24
N THR A 237 13.63 -4.42 -13.60
CA THR A 237 14.38 -4.62 -14.84
C THR A 237 15.36 -5.77 -14.73
N LEU A 238 15.86 -6.04 -13.52
CA LEU A 238 16.80 -7.14 -13.34
C LEU A 238 16.16 -8.47 -13.66
N THR A 239 14.90 -8.65 -13.29
CA THR A 239 14.21 -9.89 -13.62
C THR A 239 14.14 -10.09 -15.14
N ILE A 240 13.77 -9.03 -15.87
CA ILE A 240 13.70 -9.13 -17.33
C ILE A 240 15.07 -9.47 -17.91
N ALA A 241 16.09 -8.71 -17.49
CA ALA A 241 17.42 -8.90 -18.05
C ALA A 241 17.95 -10.30 -17.76
N VAL A 242 17.80 -10.77 -16.51
CA VAL A 242 18.34 -12.07 -16.14
C VAL A 242 17.57 -13.19 -16.82
N SER A 243 16.24 -13.09 -16.89
CA SER A 243 15.48 -14.13 -17.55
C SER A 243 15.81 -14.22 -19.04
N TYR A 244 15.83 -13.09 -19.73
CA TYR A 244 16.08 -13.10 -21.16
C TYR A 244 17.55 -13.29 -21.51
N PHE A 245 18.46 -13.16 -20.54
CA PHE A 245 19.85 -13.54 -20.76
C PHE A 245 20.10 -15.00 -20.45
N ALA A 246 19.43 -15.54 -19.44
CA ALA A 246 19.54 -16.96 -19.12
C ALA A 246 18.92 -17.82 -20.21
N TYR A 247 17.81 -17.36 -20.79
CA TYR A 247 17.23 -18.09 -21.92
C TYR A 247 18.22 -18.17 -23.06
N TYR A 248 18.90 -17.07 -23.39
CA TYR A 248 19.88 -17.11 -24.46
C TYR A 248 21.07 -17.99 -24.10
N THR A 249 21.58 -17.86 -22.87
CA THR A 249 22.75 -18.63 -22.46
C THR A 249 22.46 -20.13 -22.46
N ALA A 250 21.22 -20.52 -22.18
CA ALA A 250 20.86 -21.93 -22.25
C ALA A 250 20.64 -22.38 -23.69
N GLN A 251 19.88 -21.60 -24.45
CA GLN A 251 19.56 -22.01 -25.82
C GLN A 251 20.75 -21.85 -26.75
N GLU A 252 21.49 -20.74 -26.64
CA GLU A 252 22.62 -20.44 -27.51
C GLU A 252 23.81 -20.03 -26.63
N TRP A 253 24.67 -21.01 -26.35
CA TRP A 253 25.96 -21.00 -25.64
C TRP A 253 26.11 -22.29 -24.86
N ALA A 254 25.00 -22.96 -24.57
CA ALA A 254 25.04 -24.23 -23.82
C ALA A 254 24.24 -25.35 -24.47
N GLY A 255 23.32 -25.05 -25.38
CA GLY A 255 22.52 -26.10 -26.00
C GLY A 255 21.45 -26.68 -25.12
N ALA A 256 21.23 -26.13 -23.94
CA ALA A 256 20.20 -26.63 -23.03
C ALA A 256 18.85 -26.03 -23.42
N SER A 257 17.86 -26.19 -22.55
CA SER A 257 16.53 -25.66 -22.78
C SER A 257 16.42 -24.30 -22.10
N GLY A 258 16.22 -23.25 -22.90
CA GLY A 258 16.04 -21.93 -22.33
C GLY A 258 14.76 -21.79 -21.54
N VAL A 259 13.69 -22.47 -21.98
CA VAL A 259 12.42 -22.40 -21.26
C VAL A 259 12.55 -23.00 -19.87
N LEU A 260 13.21 -24.16 -19.77
CA LEU A 260 13.43 -24.78 -18.47
C LEU A 260 14.31 -23.90 -17.59
N THR A 261 15.30 -23.22 -18.20
CA THR A 261 16.13 -22.31 -17.43
C THR A 261 15.32 -21.15 -16.87
N VAL A 262 14.43 -20.57 -17.70
CA VAL A 262 13.60 -19.46 -17.23
C VAL A 262 12.66 -19.93 -16.12
N MET A 263 12.09 -21.13 -16.28
CA MET A 263 11.20 -21.66 -15.24
C MET A 263 11.96 -21.91 -13.95
N THR A 264 13.18 -22.45 -14.03
CA THR A 264 13.99 -22.66 -12.84
C THR A 264 14.33 -21.32 -12.18
N LEU A 265 14.62 -20.30 -12.98
CA LEU A 265 14.86 -18.97 -12.43
C LEU A 265 13.63 -18.44 -11.71
N GLY A 266 12.45 -18.67 -12.28
CA GLY A 266 11.22 -18.26 -11.61
C GLY A 266 11.01 -19.00 -10.30
N MET A 267 11.30 -20.31 -10.28
CA MET A 267 11.20 -21.08 -9.05
C MET A 267 12.16 -20.52 -7.99
N PHE A 268 13.39 -20.21 -8.40
CA PHE A 268 14.36 -19.66 -7.45
C PHE A 268 13.93 -18.29 -6.94
N TYR A 269 13.33 -17.47 -7.81
CA TYR A 269 12.81 -16.18 -7.36
C TYR A 269 11.67 -16.37 -6.37
N ALA A 270 10.80 -17.34 -6.61
CA ALA A 270 9.72 -17.62 -5.67
C ALA A 270 10.26 -18.11 -4.33
N ALA A 271 11.33 -18.91 -4.37
CA ALA A 271 11.84 -19.53 -3.14
C ALA A 271 12.74 -18.58 -2.35
N PHE A 272 13.86 -18.18 -2.93
CA PHE A 272 14.91 -17.46 -2.21
C PHE A 272 14.89 -15.96 -2.44
N ALA A 273 13.84 -15.43 -3.06
CA ALA A 273 13.74 -13.99 -3.28
C ALA A 273 12.41 -13.51 -2.72
N ARG A 274 12.40 -13.25 -1.40
CA ARG A 274 11.33 -12.50 -0.75
C ARG A 274 11.99 -11.45 0.13
N THR A 275 13.22 -11.73 0.56
CA THR A 275 14.06 -10.77 1.25
C THR A 275 14.93 -9.97 0.30
N ALA A 276 14.96 -10.32 -0.99
CA ALA A 276 15.73 -9.59 -1.98
C ALA A 276 14.90 -8.47 -2.60
N PHE A 277 13.73 -8.81 -3.14
CA PHE A 277 12.80 -7.79 -3.59
C PHE A 277 12.13 -7.14 -2.38
N LYS A 278 12.11 -5.81 -2.36
CA LYS A 278 11.45 -5.11 -1.26
C LYS A 278 9.94 -5.33 -1.34
N GLY A 279 9.27 -5.16 -0.20
CA GLY A 279 7.83 -5.33 -0.17
C GLY A 279 7.10 -4.37 -1.10
N ASP A 280 7.64 -3.16 -1.25
CA ASP A 280 7.03 -2.19 -2.16
C ASP A 280 7.10 -2.68 -3.61
N SER A 281 8.23 -3.25 -4.01
CA SER A 281 8.40 -3.66 -5.39
C SER A 281 7.53 -4.88 -5.73
N GLN A 282 7.39 -5.82 -4.79
CA GLN A 282 6.85 -7.14 -5.11
C GLN A 282 5.43 -7.11 -5.65
N LYS A 283 4.69 -6.02 -5.46
CA LYS A 283 3.37 -5.92 -6.06
C LYS A 283 3.45 -5.46 -7.50
N SER A 284 4.22 -4.41 -7.76
CA SER A 284 4.39 -3.92 -9.13
C SER A 284 5.12 -4.94 -9.99
N LEU A 285 6.05 -5.69 -9.41
CA LEU A 285 6.76 -6.72 -10.16
C LEU A 285 5.82 -7.82 -10.62
N HIS A 286 4.95 -8.29 -9.72
CA HIS A 286 3.96 -9.30 -10.08
C HIS A 286 2.98 -8.76 -11.10
N HIS A 287 2.54 -7.50 -10.93
CA HIS A 287 1.65 -6.89 -11.91
C HIS A 287 2.31 -6.82 -13.28
N PHE A 288 3.57 -6.41 -13.33
CA PHE A 288 4.27 -6.29 -14.60
C PHE A 288 4.42 -7.64 -15.28
N TRP A 289 4.82 -8.67 -14.53
CA TRP A 289 5.03 -9.96 -15.17
C TRP A 289 3.71 -10.62 -15.56
N GLU A 290 2.65 -10.41 -14.78
CA GLU A 290 1.33 -10.87 -15.20
C GLU A 290 0.91 -10.18 -16.49
N MET A 291 1.17 -8.87 -16.60
CA MET A 291 0.86 -8.15 -17.84
C MET A 291 1.68 -8.67 -19.01
N VAL A 292 2.96 -8.97 -18.78
CA VAL A 292 3.80 -9.50 -19.84
C VAL A 292 3.29 -10.84 -20.32
N ALA A 293 2.90 -11.72 -19.38
CA ALA A 293 2.30 -12.99 -19.76
C ALA A 293 1.00 -12.78 -20.54
N TYR A 294 0.19 -11.81 -20.11
CA TYR A 294 -1.05 -11.49 -20.81
C TYR A 294 -0.80 -11.03 -22.23
N ILE A 295 0.20 -10.15 -22.40
CA ILE A 295 0.55 -9.66 -23.73
C ILE A 295 1.05 -10.79 -24.61
N ALA A 296 1.90 -11.66 -24.05
CA ALA A 296 2.39 -12.81 -24.80
C ALA A 296 1.24 -13.71 -25.22
N ASN A 297 0.29 -13.98 -24.30
CA ASN A 297 -0.87 -14.79 -24.64
C ASN A 297 -1.66 -14.16 -25.77
N THR A 298 -1.94 -12.86 -25.69
CA THR A 298 -2.72 -12.20 -26.73
C THR A 298 -2.02 -12.24 -28.08
N LEU A 299 -0.74 -11.87 -28.09
CA LEU A 299 0.02 -11.84 -29.33
C LEU A 299 0.10 -13.23 -29.95
N ILE A 300 0.34 -14.25 -29.13
CA ILE A 300 0.47 -15.61 -29.65
C ILE A 300 -0.88 -16.12 -30.16
N PHE A 301 -1.96 -15.85 -29.42
CA PHE A 301 -3.27 -16.33 -29.84
C PHE A 301 -3.75 -15.65 -31.11
N ILE A 302 -3.26 -14.43 -31.38
CA ILE A 302 -3.63 -13.79 -32.65
C ILE A 302 -2.70 -14.25 -33.78
N LEU A 303 -1.40 -14.30 -33.52
CA LEU A 303 -0.45 -14.67 -34.56
C LEU A 303 -0.64 -16.12 -34.99
N SER A 304 -0.89 -17.03 -34.04
CA SER A 304 -1.13 -18.42 -34.38
C SER A 304 -2.39 -18.57 -35.21
N GLY A 305 -3.43 -17.81 -34.88
CA GLY A 305 -4.62 -17.82 -35.73
C GLY A 305 -4.34 -17.33 -37.13
N VAL A 306 -3.53 -16.26 -37.25
CA VAL A 306 -3.17 -15.74 -38.57
C VAL A 306 -2.42 -16.79 -39.37
N VAL A 307 -1.45 -17.46 -38.74
CA VAL A 307 -0.64 -18.43 -39.47
C VAL A 307 -1.45 -19.70 -39.78
N ILE A 308 -2.36 -20.10 -38.90
CA ILE A 308 -3.24 -21.22 -39.21
C ILE A 308 -4.12 -20.88 -40.41
N ALA A 309 -4.66 -19.66 -40.43
CA ALA A 309 -5.48 -19.25 -41.56
C ALA A 309 -4.66 -19.20 -42.84
N GLU A 310 -3.40 -18.82 -42.76
CA GLU A 310 -2.54 -18.88 -43.94
C GLU A 310 -2.33 -20.32 -44.41
N GLY A 311 -1.96 -21.20 -43.48
CA GLY A 311 -1.62 -22.56 -43.86
C GLY A 311 -2.79 -23.35 -44.39
N ILE A 312 -3.95 -23.25 -43.72
CA ILE A 312 -5.10 -24.01 -44.18
C ILE A 312 -5.80 -23.32 -45.35
N LEU A 313 -5.71 -21.99 -45.43
CA LEU A 313 -6.22 -21.26 -46.60
C LEU A 313 -5.08 -20.81 -47.50
N ASP A 314 -4.07 -21.66 -47.63
CA ASP A 314 -3.09 -21.61 -48.71
C ASP A 314 -3.78 -22.19 -49.94
N SER A 315 -3.02 -22.61 -50.93
CA SER A 315 -3.62 -23.36 -52.04
C SER A 315 -4.64 -24.34 -51.49
N ASP A 316 -5.89 -24.18 -51.93
CA ASP A 316 -7.05 -24.58 -51.12
C ASP A 316 -7.17 -26.09 -51.06
N LYS A 317 -6.34 -26.70 -50.21
CA LYS A 317 -6.45 -28.11 -49.90
C LYS A 317 -6.75 -28.37 -48.43
N ILE A 318 -5.91 -27.87 -47.51
CA ILE A 318 -5.91 -28.36 -46.14
C ILE A 318 -7.22 -28.02 -45.43
N ALA A 319 -7.69 -26.78 -45.58
CA ALA A 319 -8.93 -26.39 -44.91
C ALA A 319 -10.12 -27.17 -45.44
N TYR A 320 -10.13 -27.49 -46.73
CA TYR A 320 -11.25 -28.19 -47.35
C TYR A 320 -11.10 -29.70 -47.34
N GLN A 321 -9.94 -30.23 -46.94
CA GLN A 321 -9.77 -31.66 -46.80
C GLN A 321 -10.58 -32.17 -45.61
N GLY A 322 -11.27 -33.29 -45.80
CA GLY A 322 -12.01 -33.90 -44.72
C GLY A 322 -11.14 -34.57 -43.68
N ASN A 323 -9.91 -34.94 -44.05
CA ASN A 323 -9.00 -35.60 -43.11
C ASN A 323 -8.49 -34.67 -42.02
N SER A 324 -8.74 -33.36 -42.14
CA SER A 324 -8.37 -32.43 -41.08
C SER A 324 -9.49 -32.27 -40.07
N TRP A 325 -10.72 -32.00 -40.55
CA TRP A 325 -11.86 -31.80 -39.67
C TRP A 325 -12.41 -33.11 -39.10
N ARG A 326 -12.13 -34.25 -39.73
CA ARG A 326 -12.52 -35.53 -39.15
C ARG A 326 -11.46 -36.13 -38.24
N PHE A 327 -10.26 -35.56 -38.21
CA PHE A 327 -9.20 -36.05 -37.34
C PHE A 327 -8.83 -35.09 -36.23
N LEU A 328 -9.23 -33.81 -36.31
CA LEU A 328 -9.07 -32.93 -35.15
C LEU A 328 -9.93 -33.41 -33.98
N PHE A 329 -11.17 -33.82 -34.27
CA PHE A 329 -12.01 -34.38 -33.22
C PHE A 329 -11.43 -35.69 -32.68
N LEU A 330 -10.88 -36.51 -33.55
CA LEU A 330 -10.24 -37.74 -33.09
C LEU A 330 -9.04 -37.45 -32.21
N LEU A 331 -8.26 -36.43 -32.55
CA LEU A 331 -7.12 -36.05 -31.72
C LEU A 331 -7.58 -35.51 -30.37
N TYR A 332 -8.69 -34.76 -30.35
CA TYR A 332 -9.25 -34.31 -29.08
C TYR A 332 -9.70 -35.50 -28.22
N VAL A 333 -10.37 -36.48 -28.84
CA VAL A 333 -10.77 -37.67 -28.10
C VAL A 333 -9.54 -38.41 -27.59
N TYR A 334 -8.49 -38.49 -28.40
CA TYR A 334 -7.27 -39.17 -27.99
C TYR A 334 -6.60 -38.46 -26.82
N ILE A 335 -6.57 -37.13 -26.83
CA ILE A 335 -5.92 -36.41 -25.74
C ILE A 335 -6.75 -36.53 -24.47
N GLN A 336 -8.08 -36.53 -24.59
CA GLN A 336 -8.91 -36.77 -23.42
C GLN A 336 -8.69 -38.18 -22.85
N LEU A 337 -8.61 -39.18 -23.72
CA LEU A 337 -8.35 -40.54 -23.26
C LEU A 337 -6.97 -40.66 -22.64
N SER A 338 -5.98 -39.95 -23.19
CA SER A 338 -4.64 -39.95 -22.61
C SER A 338 -4.64 -39.33 -21.21
N ARG A 339 -5.38 -38.23 -21.06
CA ARG A 339 -5.53 -37.63 -19.73
C ARG A 339 -6.18 -38.60 -18.76
N VAL A 340 -7.24 -39.28 -19.21
CA VAL A 340 -7.93 -40.24 -18.35
C VAL A 340 -6.98 -41.37 -17.95
N VAL A 341 -6.20 -41.87 -18.90
CA VAL A 341 -5.26 -42.96 -18.62
C VAL A 341 -4.20 -42.51 -17.63
N VAL A 342 -3.64 -41.31 -17.82
CA VAL A 342 -2.61 -40.82 -16.91
C VAL A 342 -3.17 -40.71 -15.50
N VAL A 343 -4.37 -40.13 -15.38
CA VAL A 343 -4.97 -39.96 -14.06
C VAL A 343 -5.25 -41.31 -13.41
N GLY A 344 -5.79 -42.25 -14.19
CA GLY A 344 -6.12 -43.56 -13.64
C GLY A 344 -4.90 -44.36 -13.22
N VAL A 345 -3.82 -44.28 -14.02
CA VAL A 345 -2.60 -45.01 -13.68
C VAL A 345 -1.93 -44.40 -12.46
N LEU A 346 -1.91 -43.07 -12.36
CA LEU A 346 -1.24 -42.44 -11.23
C LEU A 346 -2.09 -42.42 -9.97
N TYR A 347 -3.41 -42.63 -10.08
CA TYR A 347 -4.26 -42.57 -8.89
C TYR A 347 -3.91 -43.57 -7.80
N PRO A 348 -3.62 -44.85 -8.09
CA PRO A 348 -3.32 -45.78 -6.98
C PRO A 348 -2.15 -45.36 -6.11
N LEU A 349 -1.30 -44.44 -6.58
CA LEU A 349 -0.19 -43.96 -5.77
C LEU A 349 -0.19 -42.45 -5.60
N LEU A 350 -0.99 -41.71 -6.39
CA LEU A 350 -1.15 -40.28 -6.14
C LEU A 350 -1.82 -40.01 -4.79
N CYS A 351 -2.88 -40.78 -4.47
CA CYS A 351 -3.66 -40.52 -3.27
C CYS A 351 -2.87 -40.81 -2.00
N ARG A 352 -1.75 -41.52 -2.10
CA ARG A 352 -0.89 -41.79 -0.96
C ARG A 352 0.21 -40.77 -0.78
N PHE A 353 0.23 -39.72 -1.61
CA PHE A 353 1.29 -38.72 -1.59
C PHE A 353 0.68 -37.33 -1.57
N GLY A 354 1.47 -36.38 -1.06
CA GLY A 354 1.04 -34.99 -1.01
C GLY A 354 -0.20 -34.80 -0.18
N TYR A 355 -1.16 -34.05 -0.73
CA TYR A 355 -2.43 -33.80 -0.05
C TYR A 355 -3.43 -34.93 -0.25
N GLY A 356 -3.07 -35.99 -0.97
CA GLY A 356 -4.02 -37.01 -1.31
C GLY A 356 -4.86 -36.62 -2.50
N LEU A 357 -5.80 -37.48 -2.86
CA LEU A 357 -6.64 -37.25 -4.03
C LEU A 357 -7.95 -38.01 -3.85
N ASP A 358 -9.02 -37.27 -3.60
CA ASP A 358 -10.35 -37.88 -3.54
C ASP A 358 -10.82 -38.25 -4.94
N TRP A 359 -11.87 -39.07 -5.00
CA TRP A 359 -12.43 -39.43 -6.30
C TRP A 359 -13.01 -38.21 -7.00
N LYS A 360 -13.65 -37.31 -6.24
CA LYS A 360 -14.09 -36.05 -6.82
C LYS A 360 -12.91 -35.23 -7.32
N GLU A 361 -11.83 -35.16 -6.53
CA GLU A 361 -10.64 -34.46 -6.97
C GLU A 361 -10.00 -35.12 -8.19
N SER A 362 -10.12 -36.44 -8.31
CA SER A 362 -9.63 -37.13 -9.50
C SER A 362 -10.47 -36.79 -10.72
N ILE A 363 -11.79 -36.73 -10.56
CA ILE A 363 -12.66 -36.32 -11.65
C ILE A 363 -12.36 -34.88 -12.07
N ILE A 364 -11.99 -34.04 -11.11
CA ILE A 364 -11.62 -32.67 -11.43
C ILE A 364 -10.25 -32.63 -12.11
N LEU A 365 -9.34 -33.54 -11.77
CA LEU A 365 -8.04 -33.59 -12.45
C LEU A 365 -8.22 -33.86 -13.93
N VAL A 366 -9.10 -34.80 -14.28
CA VAL A 366 -9.57 -34.90 -15.65
C VAL A 366 -10.46 -33.69 -15.94
N TRP A 367 -10.47 -33.26 -17.21
CA TRP A 367 -11.20 -32.09 -17.70
C TRP A 367 -10.54 -30.78 -17.29
N SER A 368 -9.46 -30.82 -16.50
CA SER A 368 -8.73 -29.62 -16.12
C SER A 368 -7.48 -29.41 -16.97
N GLY A 369 -7.26 -30.26 -17.97
CA GLY A 369 -6.13 -30.09 -18.85
C GLY A 369 -6.43 -29.08 -19.95
N LEU A 370 -5.91 -27.87 -19.79
CA LEU A 370 -6.17 -26.79 -20.72
C LEU A 370 -4.90 -26.47 -21.49
N ARG A 371 -4.99 -26.48 -22.81
CA ARG A 371 -3.88 -26.13 -23.68
C ARG A 371 -4.00 -24.67 -24.09
N GLY A 372 -2.92 -23.92 -23.96
CA GLY A 372 -2.96 -22.50 -24.23
C GLY A 372 -1.89 -22.02 -25.20
N ALA A 373 -1.14 -21.00 -24.78
CA ALA A 373 -0.16 -20.39 -25.67
C ALA A 373 1.19 -21.08 -25.67
N VAL A 374 1.44 -22.02 -24.75
CA VAL A 374 2.70 -22.75 -24.78
C VAL A 374 2.70 -23.77 -25.92
N ALA A 375 1.66 -24.60 -25.98
CA ALA A 375 1.52 -25.52 -27.11
C ALA A 375 1.35 -24.77 -28.42
N LEU A 376 0.60 -23.67 -28.38
CA LEU A 376 0.45 -22.85 -29.58
C LEU A 376 1.78 -22.30 -30.06
N ALA A 377 2.62 -21.81 -29.13
CA ALA A 377 3.92 -21.30 -29.51
C ALA A 377 4.82 -22.40 -30.05
N LEU A 378 4.79 -23.58 -29.44
CA LEU A 378 5.61 -24.70 -29.92
C LEU A 378 5.20 -25.11 -31.32
N SER A 379 3.89 -25.24 -31.56
CA SER A 379 3.43 -25.64 -32.88
C SER A 379 3.66 -24.54 -33.91
N LEU A 380 3.57 -23.27 -33.51
CA LEU A 380 3.87 -22.18 -34.44
C LEU A 380 5.35 -22.16 -34.79
N SER A 381 6.22 -22.45 -33.81
CA SER A 381 7.63 -22.57 -34.11
C SER A 381 7.90 -23.72 -35.07
N VAL A 382 7.18 -24.84 -34.89
CA VAL A 382 7.32 -25.95 -35.82
C VAL A 382 6.87 -25.55 -37.23
N LYS A 383 5.74 -24.84 -37.31
CA LYS A 383 5.22 -24.40 -38.60
C LYS A 383 6.20 -23.46 -39.31
N GLN A 384 6.74 -22.50 -38.57
CA GLN A 384 7.68 -21.54 -39.16
C GLN A 384 8.98 -22.20 -39.59
N SER A 385 9.33 -23.34 -39.00
CA SER A 385 10.53 -24.08 -39.37
C SER A 385 10.23 -25.22 -40.33
N SER A 386 9.00 -25.34 -40.81
CA SER A 386 8.63 -26.42 -41.71
C SER A 386 9.17 -26.13 -43.11
N GLY A 387 8.82 -26.99 -44.06
CA GLY A 387 9.27 -26.87 -45.43
C GLY A 387 10.56 -27.58 -45.75
N ASN A 388 11.23 -28.15 -44.75
CA ASN A 388 12.46 -28.90 -44.99
C ASN A 388 12.13 -30.32 -45.44
N SER A 389 13.18 -31.13 -45.61
CA SER A 389 12.97 -32.53 -45.95
C SER A 389 12.48 -33.31 -44.74
N HIS A 390 13.01 -33.00 -43.55
CA HIS A 390 12.61 -33.72 -42.34
C HIS A 390 11.16 -33.39 -41.97
N ILE A 391 10.81 -32.12 -41.95
CA ILE A 391 9.43 -31.68 -41.74
C ILE A 391 8.99 -30.89 -42.97
N SER A 392 7.98 -31.41 -43.67
CA SER A 392 7.44 -30.74 -44.84
C SER A 392 6.59 -29.55 -44.41
N LYS A 393 6.24 -28.71 -45.40
CA LYS A 393 5.32 -27.61 -45.14
C LYS A 393 3.97 -28.14 -44.67
N GLU A 394 3.49 -29.22 -45.29
CA GLU A 394 2.23 -29.81 -44.87
C GLU A 394 2.31 -30.32 -43.44
N THR A 395 3.44 -30.92 -43.06
CA THR A 395 3.57 -31.47 -41.71
C THR A 395 3.51 -30.37 -40.66
N GLY A 396 4.28 -29.29 -40.86
CA GLY A 396 4.26 -28.20 -39.90
C GLY A 396 2.93 -27.48 -39.86
N THR A 397 2.32 -27.26 -41.03
CA THR A 397 1.00 -26.64 -41.08
C THR A 397 -0.03 -27.48 -40.35
N LEU A 398 0.02 -28.80 -40.54
CA LEU A 398 -0.92 -29.68 -39.86
C LEU A 398 -0.67 -29.70 -38.36
N PHE A 399 0.59 -29.69 -37.94
CA PHE A 399 0.90 -29.60 -36.52
C PHE A 399 0.29 -28.34 -35.91
N LEU A 400 0.51 -27.20 -36.54
CA LEU A 400 -0.01 -25.94 -36.01
C LEU A 400 -1.54 -25.93 -36.02
N PHE A 401 -2.15 -26.42 -37.09
CA PHE A 401 -3.62 -26.45 -37.16
C PHE A 401 -4.21 -27.35 -36.10
N PHE A 402 -3.64 -28.55 -35.92
CA PHE A 402 -4.15 -29.47 -34.91
C PHE A 402 -3.95 -28.91 -33.51
N THR A 403 -2.81 -28.28 -33.24
CA THR A 403 -2.59 -27.69 -31.93
C THR A 403 -3.57 -26.55 -31.66
N GLY A 404 -3.81 -25.70 -32.66
CA GLY A 404 -4.80 -24.64 -32.48
C GLY A 404 -6.20 -25.16 -32.26
N GLY A 405 -6.59 -26.18 -33.02
CA GLY A 405 -7.89 -26.78 -32.82
C GLY A 405 -8.03 -27.43 -31.45
N ILE A 406 -6.96 -28.09 -30.98
CA ILE A 406 -6.99 -28.69 -29.65
C ILE A 406 -7.08 -27.62 -28.58
N VAL A 407 -6.34 -26.51 -28.75
CA VAL A 407 -6.40 -25.43 -27.78
C VAL A 407 -7.82 -24.86 -27.72
N PHE A 408 -8.42 -24.62 -28.88
CA PHE A 408 -9.78 -24.09 -28.93
C PHE A 408 -10.76 -25.06 -28.27
N LEU A 409 -10.67 -26.35 -28.63
CA LEU A 409 -11.61 -27.33 -28.11
C LEU A 409 -11.45 -27.50 -26.60
N THR A 410 -10.21 -27.51 -26.10
CA THR A 410 -10.00 -27.61 -24.67
C THR A 410 -10.58 -26.40 -23.95
N LEU A 411 -10.19 -25.19 -24.37
CA LEU A 411 -10.67 -23.99 -23.70
C LEU A 411 -12.18 -23.83 -23.81
N ILE A 412 -12.82 -24.46 -24.80
CA ILE A 412 -14.26 -24.37 -24.94
C ILE A 412 -14.98 -25.43 -24.10
N VAL A 413 -14.51 -26.67 -24.13
CA VAL A 413 -15.25 -27.80 -23.57
C VAL A 413 -14.77 -28.16 -22.17
N ASN A 414 -13.46 -28.22 -21.96
CA ASN A 414 -12.93 -28.62 -20.66
C ASN A 414 -13.32 -27.61 -19.58
N GLY A 415 -13.26 -26.33 -19.89
CA GLY A 415 -13.68 -25.32 -18.92
C GLY A 415 -15.14 -25.42 -18.57
N SER A 416 -15.99 -25.62 -19.57
CA SER A 416 -17.43 -25.78 -19.32
C SER A 416 -17.70 -27.04 -18.51
N THR A 417 -16.99 -28.12 -18.80
CA THR A 417 -17.18 -29.35 -18.05
C THR A 417 -16.71 -29.21 -16.61
N THR A 418 -15.63 -28.47 -16.39
CA THR A 418 -15.19 -28.20 -15.02
C THR A 418 -16.20 -27.32 -14.30
N GLN A 419 -16.81 -26.36 -15.01
CA GLN A 419 -17.89 -25.57 -14.42
C GLN A 419 -19.06 -26.46 -14.01
N PHE A 420 -19.44 -27.40 -14.88
CA PHE A 420 -20.63 -28.21 -14.63
C PHE A 420 -20.37 -29.29 -13.59
N VAL A 421 -19.15 -29.79 -13.50
CA VAL A 421 -18.86 -30.93 -12.64
C VAL A 421 -18.60 -30.50 -11.20
N LEU A 422 -17.83 -29.43 -11.00
CA LEU A 422 -17.61 -28.92 -9.64
C LEU A 422 -18.93 -28.52 -8.99
N ARG A 423 -19.85 -27.94 -9.76
CA ARG A 423 -21.18 -27.67 -9.24
C ARG A 423 -21.96 -28.95 -8.99
N LEU A 424 -21.70 -29.99 -9.79
CA LEU A 424 -22.39 -31.26 -9.64
C LEU A 424 -21.86 -32.09 -8.47
N LEU A 425 -20.57 -31.98 -8.17
CA LEU A 425 -19.96 -32.73 -7.08
C LEU A 425 -20.02 -31.98 -5.75
N ARG A 426 -20.67 -30.82 -5.71
CA ARG A 426 -20.88 -30.06 -4.48
C ARG A 426 -19.56 -29.64 -3.83
N MET A 427 -18.52 -29.44 -4.64
CA MET A 427 -17.23 -28.99 -4.13
C MET A 427 -17.06 -27.48 -4.22
N ASP A 428 -18.07 -26.76 -4.68
CA ASP A 428 -18.01 -25.31 -4.81
C ASP A 428 -18.79 -24.58 -3.73
N ILE A 429 -19.43 -25.31 -2.82
CA ILE A 429 -20.23 -24.70 -1.77
C ILE A 429 -19.35 -24.41 -0.56
N LEU A 430 -19.60 -23.27 0.08
CA LEU A 430 -18.83 -22.91 1.27
C LEU A 430 -19.23 -23.81 2.43
N PRO A 431 -18.26 -24.37 3.16
CA PRO A 431 -18.62 -25.21 4.32
C PRO A 431 -19.26 -24.38 5.43
N ALA A 432 -19.98 -25.09 6.30
CA ALA A 432 -20.66 -24.43 7.41
C ALA A 432 -19.72 -23.63 8.31
N PRO A 433 -18.58 -24.16 8.78
CA PRO A 433 -17.70 -23.34 9.63
C PRO A 433 -16.93 -22.27 8.87
N LYS A 434 -16.91 -22.32 7.54
CA LYS A 434 -16.28 -21.25 6.76
C LYS A 434 -17.27 -20.22 6.27
N LYS A 435 -18.56 -20.55 6.20
CA LYS A 435 -19.58 -19.53 5.98
C LYS A 435 -20.07 -19.00 7.33
N ARG A 436 -19.09 -18.70 8.18
CA ARG A 436 -19.28 -17.97 9.42
C ARG A 436 -18.21 -16.93 9.67
N ILE A 437 -17.02 -17.09 9.08
CA ILE A 437 -16.00 -16.05 9.12
C ILE A 437 -16.20 -15.02 8.03
N LEU A 438 -16.79 -15.41 6.90
CA LEU A 438 -17.23 -14.42 5.91
C LEU A 438 -18.29 -13.51 6.49
N GLU A 439 -19.24 -14.08 7.23
CA GLU A 439 -20.26 -13.26 7.89
C GLU A 439 -19.63 -12.35 8.94
N TYR A 440 -18.60 -12.83 9.63
CA TYR A 440 -17.90 -11.98 10.59
C TYR A 440 -17.20 -10.82 9.90
N THR A 441 -16.38 -11.11 8.89
CA THR A 441 -15.81 -10.07 8.04
C THR A 441 -16.72 -9.71 6.89
N LYS A 442 -18.01 -9.55 7.21
CA LYS A 442 -18.96 -8.78 6.42
C LYS A 442 -19.83 -7.89 7.28
N TYR A 443 -20.02 -8.24 8.55
CA TYR A 443 -20.60 -7.34 9.55
C TYR A 443 -19.53 -6.40 10.10
N GLU A 444 -18.26 -6.84 10.08
CA GLU A 444 -17.18 -5.99 10.55
C GLU A 444 -16.86 -4.89 9.55
N MET A 445 -16.94 -5.18 8.24
CA MET A 445 -16.76 -4.12 7.26
C MET A 445 -17.86 -3.08 7.37
N LEU A 446 -19.09 -3.51 7.63
CA LEU A 446 -20.18 -2.56 7.82
C LEU A 446 -19.95 -1.70 9.06
N ASN A 447 -19.39 -2.29 10.11
CA ASN A 447 -19.04 -1.51 11.29
C ASN A 447 -17.95 -0.49 10.99
N LYS A 448 -16.94 -0.89 10.21
CA LYS A 448 -15.89 0.04 9.82
C LYS A 448 -16.44 1.18 8.97
N ALA A 449 -17.36 0.86 8.05
CA ALA A 449 -18.01 1.89 7.25
C ALA A 449 -18.82 2.84 8.13
N LEU A 450 -19.54 2.30 9.11
CA LEU A 450 -20.29 3.14 10.03
C LEU A 450 -19.37 4.07 10.81
N ARG A 451 -18.24 3.55 11.29
CA ARG A 451 -17.28 4.39 12.01
C ARG A 451 -16.67 5.46 11.10
N ALA A 452 -16.39 5.11 9.85
CA ALA A 452 -15.87 6.09 8.90
C ALA A 452 -16.89 7.19 8.65
N PHE A 453 -18.16 6.84 8.55
CA PHE A 453 -19.21 7.84 8.42
C PHE A 453 -19.29 8.70 9.69
N GLN A 454 -19.07 8.09 10.85
CA GLN A 454 -19.03 8.84 12.11
C GLN A 454 -17.92 9.88 12.10
N ASP A 455 -16.72 9.50 11.64
CA ASP A 455 -15.59 10.42 11.69
C ASP A 455 -15.84 11.65 10.82
N LEU A 456 -16.38 11.45 9.62
CA LEU A 456 -16.71 12.56 8.73
C LEU A 456 -18.20 12.89 8.88
N GLY A 457 -18.55 13.38 10.06
CA GLY A 457 -19.95 13.51 10.41
C GLY A 457 -20.50 14.90 10.66
N ASP A 458 -19.67 15.83 11.14
CA ASP A 458 -20.19 17.17 11.47
C ASP A 458 -20.02 18.12 10.29
N ASP A 459 -18.77 18.46 9.96
CA ASP A 459 -18.41 19.24 8.78
C ASP A 459 -19.43 20.33 8.45
N GLU A 460 -19.56 21.32 9.35
CA GLU A 460 -20.60 22.33 9.21
C GLU A 460 -20.48 23.11 7.91
N GLU A 461 -19.30 23.14 7.31
CA GLU A 461 -19.03 24.01 6.19
C GLU A 461 -19.64 23.47 4.90
N LEU A 462 -19.26 22.25 4.51
CA LEU A 462 -19.90 21.63 3.35
C LEU A 462 -21.32 21.17 3.67
N GLY A 463 -21.56 20.72 4.90
CA GLY A 463 -22.86 20.25 5.31
C GLY A 463 -22.84 18.80 5.72
N PRO A 464 -24.03 18.22 5.89
CA PRO A 464 -24.12 16.79 6.26
C PRO A 464 -24.16 15.88 5.04
N ALA A 465 -23.50 14.73 5.17
CA ALA A 465 -23.50 13.75 4.12
C ALA A 465 -24.84 12.99 4.09
N ASP A 466 -25.10 12.35 2.95
CA ASP A 466 -26.33 11.57 2.76
C ASP A 466 -26.01 10.11 2.99
N TRP A 467 -26.42 9.60 4.16
CA TRP A 467 -26.13 8.21 4.50
C TRP A 467 -26.73 7.20 3.53
N PRO A 468 -27.98 7.33 3.05
CA PRO A 468 -28.47 6.35 2.07
C PRO A 468 -27.61 6.24 0.83
N THR A 469 -27.08 7.36 0.34
CA THR A 469 -26.19 7.31 -0.81
C THR A 469 -24.89 6.57 -0.46
N VAL A 470 -24.37 6.79 0.75
CA VAL A 470 -23.16 6.08 1.17
C VAL A 470 -23.41 4.59 1.23
N GLU A 471 -24.56 4.18 1.77
CA GLU A 471 -24.86 2.75 1.89
C GLU A 471 -25.26 2.13 0.56
N SER A 472 -25.66 2.93 -0.42
CA SER A 472 -25.94 2.39 -1.73
C SER A 472 -24.70 1.84 -2.42
N TYR A 473 -23.51 2.20 -1.95
CA TYR A 473 -22.26 1.72 -2.50
C TYR A 473 -21.64 0.60 -1.68
N ILE A 474 -22.24 0.24 -0.54
CA ILE A 474 -21.71 -0.83 0.30
C ILE A 474 -22.83 -1.81 0.64
N SER A 475 -23.96 -1.68 -0.05
CA SER A 475 -25.07 -2.61 0.13
C SER A 475 -24.67 -4.07 -0.08
N SER A 476 -23.53 -4.33 -0.72
CA SER A 476 -23.08 -5.71 -0.90
C SER A 476 -22.75 -6.39 0.43
N LEU A 477 -22.52 -5.61 1.50
CA LEU A 477 -22.19 -6.17 2.79
C LEU A 477 -23.41 -6.57 3.60
N LYS A 478 -24.58 -6.03 3.28
CA LYS A 478 -25.80 -6.32 4.03
C LYS A 478 -26.68 -7.28 3.24
N GLY A 479 -27.36 -8.17 3.96
CA GLY A 479 -28.23 -9.14 3.34
C GLY A 479 -29.63 -9.15 3.93
N SER A 496 -28.12 -20.25 19.11
CA SER A 496 -26.79 -19.96 19.63
C SER A 496 -25.79 -21.03 19.21
N LEU A 497 -24.76 -21.23 20.02
CA LEU A 497 -23.72 -22.20 19.74
C LEU A 497 -23.89 -23.51 20.51
N ASP A 498 -25.00 -23.68 21.25
CA ASP A 498 -25.32 -24.84 22.08
C ASP A 498 -24.08 -25.38 22.79
N PRO A 499 -23.59 -24.69 23.84
CA PRO A 499 -22.31 -25.05 24.46
C PRO A 499 -22.16 -26.52 24.82
N LYS A 500 -23.27 -27.25 24.92
CA LYS A 500 -23.22 -28.70 25.16
C LYS A 500 -23.02 -29.47 23.85
N SER A 501 -21.99 -29.08 23.10
CA SER A 501 -21.73 -29.67 21.79
C SER A 501 -20.38 -30.37 21.72
N LEU A 502 -19.30 -29.71 22.15
CA LEU A 502 -17.93 -30.19 22.08
C LEU A 502 -17.43 -30.15 20.64
N LYS A 503 -18.33 -29.85 19.71
CA LYS A 503 -17.97 -29.60 18.32
C LYS A 503 -18.01 -28.12 17.97
N ASP A 504 -19.02 -27.39 18.44
CA ASP A 504 -19.06 -25.95 18.26
C ASP A 504 -18.09 -25.24 19.18
N ILE A 505 -17.82 -25.79 20.36
CA ILE A 505 -16.85 -25.18 21.28
C ILE A 505 -15.47 -25.18 20.66
N ARG A 506 -15.07 -26.31 20.07
CA ARG A 506 -13.76 -26.39 19.42
C ARG A 506 -13.70 -25.47 18.20
N MET A 507 -14.81 -25.34 17.48
CA MET A 507 -14.86 -24.40 16.36
C MET A 507 -14.67 -22.97 16.82
N ARG A 508 -15.31 -22.59 17.93
CA ARG A 508 -15.11 -21.25 18.48
C ARG A 508 -13.68 -21.05 18.95
N PHE A 509 -13.08 -22.08 19.56
CA PHE A 509 -11.68 -21.97 19.96
C PHE A 509 -10.78 -21.76 18.76
N LEU A 510 -11.02 -22.50 17.67
CA LEU A 510 -10.22 -22.32 16.47
C LEU A 510 -10.44 -20.95 15.84
N ASN A 511 -11.67 -20.43 15.92
CA ASN A 511 -11.93 -19.07 15.46
C ASN A 511 -11.15 -18.06 16.30
N GLY A 512 -11.06 -18.32 17.61
CA GLY A 512 -10.25 -17.45 18.46
C GLY A 512 -8.78 -17.50 18.10
N VAL A 513 -8.27 -18.69 17.78
CA VAL A 513 -6.88 -18.81 17.33
C VAL A 513 -6.68 -18.04 16.02
N GLN A 514 -7.64 -18.15 15.11
CA GLN A 514 -7.58 -17.40 13.85
C GLN A 514 -7.54 -15.90 14.12
N ALA A 515 -8.39 -15.43 15.04
CA ALA A 515 -8.42 -14.00 15.37
C ALA A 515 -7.11 -13.57 16.00
N THR A 516 -6.52 -14.42 16.84
CA THR A 516 -5.23 -14.09 17.44
C THR A 516 -4.14 -13.98 16.38
N TYR A 517 -4.12 -14.90 15.41
CA TYR A 517 -3.17 -14.81 14.31
C TYR A 517 -3.38 -13.53 13.51
N TRP A 518 -4.65 -13.17 13.28
CA TRP A 518 -4.96 -11.94 12.58
C TRP A 518 -4.43 -10.72 13.33
N GLU A 519 -4.62 -10.70 14.65
CA GLU A 519 -4.11 -9.59 15.46
C GLU A 519 -2.58 -9.56 15.44
N MET A 520 -1.95 -10.73 15.45
CA MET A 520 -0.49 -10.78 15.39
C MET A 520 0.03 -10.25 14.06
N LEU A 521 -0.68 -10.53 12.97
CA LEU A 521 -0.27 -9.99 11.67
C LEU A 521 -0.51 -8.49 11.60
N ASP A 522 -1.66 -8.01 12.07
CA ASP A 522 -1.96 -6.59 12.04
C ASP A 522 -0.98 -5.81 12.90
N GLU A 523 -0.65 -6.33 14.08
CA GLU A 523 0.36 -5.73 14.93
C GLU A 523 1.74 -5.76 14.28
N GLY A 524 1.94 -6.61 13.28
CA GLY A 524 3.24 -6.80 12.69
C GLY A 524 4.12 -7.79 13.41
N ARG A 525 3.56 -8.57 14.34
CA ARG A 525 4.36 -9.55 15.07
C ARG A 525 4.87 -10.65 14.16
N ILE A 526 4.04 -11.14 13.22
CA ILE A 526 4.42 -12.22 12.34
C ILE A 526 4.36 -11.74 10.90
N SER A 527 5.17 -12.38 10.05
CA SER A 527 5.26 -12.01 8.65
C SER A 527 4.02 -12.51 7.89
N GLU A 528 3.92 -12.13 6.63
CA GLU A 528 2.76 -12.51 5.82
C GLU A 528 2.77 -13.99 5.49
N VAL A 529 3.95 -14.56 5.19
CA VAL A 529 4.03 -15.98 4.84
C VAL A 529 3.78 -16.84 6.08
N THR A 530 4.34 -16.45 7.22
CA THR A 530 4.09 -17.17 8.46
C THR A 530 2.60 -17.12 8.82
N ALA A 531 2.00 -15.94 8.67
CA ALA A 531 0.56 -15.80 8.93
C ALA A 531 -0.25 -16.68 7.99
N ASN A 532 0.14 -16.74 6.71
CA ASN A 532 -0.58 -17.58 5.76
C ASN A 532 -0.48 -19.04 6.16
N ILE A 533 0.71 -19.49 6.57
CA ILE A 533 0.89 -20.88 6.97
C ILE A 533 0.01 -21.20 8.18
N LEU A 534 0.04 -20.33 9.20
CA LEU A 534 -0.74 -20.58 10.40
C LEU A 534 -2.24 -20.56 10.10
N MET A 535 -2.68 -19.60 9.30
CA MET A 535 -4.11 -19.49 8.98
C MET A 535 -4.58 -20.68 8.18
N GLN A 536 -3.78 -21.17 7.23
CA GLN A 536 -4.18 -22.35 6.48
C GLN A 536 -4.16 -23.59 7.36
N SER A 537 -3.26 -23.64 8.35
CA SER A 537 -3.31 -24.74 9.32
C SER A 537 -4.63 -24.74 10.08
N VAL A 538 -5.05 -23.57 10.56
CA VAL A 538 -6.32 -23.49 11.28
C VAL A 538 -7.49 -23.80 10.35
N ASP A 539 -7.40 -23.38 9.08
CA ASP A 539 -8.44 -23.71 8.12
C ASP A 539 -8.55 -25.21 7.93
N GLU A 540 -7.41 -25.91 7.90
CA GLU A 540 -7.43 -27.37 7.91
C GLU A 540 -8.10 -27.90 9.18
N ALA A 541 -7.88 -27.20 10.31
CA ALA A 541 -8.45 -27.67 11.56
C ALA A 541 -9.97 -27.63 11.55
N LEU A 542 -10.57 -26.56 11.01
CA LEU A 542 -12.02 -26.44 11.04
C LEU A 542 -12.70 -27.58 10.29
N ASP A 543 -12.02 -28.18 9.33
CA ASP A 543 -12.62 -29.30 8.59
C ASP A 543 -12.83 -30.50 9.50
N GLN A 544 -11.78 -30.93 10.21
CA GLN A 544 -11.89 -32.00 11.20
C GLN A 544 -12.00 -31.42 12.61
N VAL A 545 -13.13 -30.76 12.87
CA VAL A 545 -13.38 -30.16 14.17
C VAL A 545 -14.21 -31.07 15.07
N SER A 546 -14.90 -32.07 14.52
CA SER A 546 -15.75 -32.96 15.30
C SER A 546 -14.98 -34.07 15.98
N THR A 547 -13.67 -34.19 15.75
CA THR A 547 -12.87 -35.25 16.34
C THR A 547 -11.92 -34.74 17.41
N THR A 548 -11.05 -33.79 17.06
CA THR A 548 -10.09 -33.22 18.00
C THR A 548 -9.49 -31.98 17.36
N LEU A 549 -8.52 -31.37 18.04
CA LEU A 549 -7.90 -30.12 17.60
C LEU A 549 -6.73 -30.45 16.68
N CYS A 550 -7.03 -30.60 15.39
CA CYS A 550 -6.01 -30.91 14.38
C CYS A 550 -5.62 -29.65 13.61
N ASP A 551 -4.83 -28.80 14.26
CA ASP A 551 -4.21 -27.67 13.58
C ASP A 551 -2.70 -27.63 13.69
N TRP A 552 -2.10 -28.41 14.59
CA TRP A 552 -0.65 -28.53 14.61
C TRP A 552 -0.14 -29.45 13.50
N ARG A 553 -0.98 -30.35 13.00
CA ARG A 553 -0.53 -31.25 11.94
C ARG A 553 -0.16 -30.48 10.68
N GLY A 554 -0.81 -29.35 10.44
CA GLY A 554 -0.47 -28.50 9.31
C GLY A 554 0.74 -27.63 9.52
N LEU A 555 1.36 -27.70 10.70
CA LEU A 555 2.54 -26.90 11.00
C LEU A 555 3.80 -27.73 11.18
N LYS A 556 3.67 -29.03 11.47
CA LYS A 556 4.85 -29.89 11.63
C LYS A 556 5.63 -30.10 10.34
N PRO A 557 5.03 -30.00 9.14
CA PRO A 557 5.89 -29.93 7.94
C PRO A 557 6.83 -28.74 7.96
N HIS A 558 6.41 -27.62 8.51
CA HIS A 558 7.23 -26.42 8.57
C HIS A 558 8.07 -26.34 9.85
N VAL A 559 7.83 -27.22 10.82
CA VAL A 559 8.56 -27.23 12.08
C VAL A 559 9.28 -28.57 12.16
N ASN A 560 10.58 -28.56 11.86
CA ASN A 560 11.39 -29.76 11.91
C ASN A 560 12.76 -29.43 12.48
N PHE A 561 13.30 -30.37 13.27
CA PHE A 561 14.64 -30.23 13.85
C PHE A 561 15.41 -31.51 13.54
N PRO A 562 15.88 -31.68 12.30
CA PRO A 562 16.63 -32.89 11.95
C PRO A 562 17.91 -33.01 12.76
N ASN A 563 18.32 -34.25 13.00
CA ASN A 563 19.44 -34.54 13.90
C ASN A 563 20.78 -34.10 13.36
N TYR A 564 20.90 -33.77 12.07
CA TYR A 564 22.20 -33.39 11.54
C TYR A 564 22.60 -31.96 11.88
N TYR A 565 21.70 -31.18 12.49
CA TYR A 565 22.09 -29.87 13.00
C TYR A 565 23.09 -29.97 14.14
N ASN A 566 22.99 -31.04 14.94
CA ASN A 566 23.79 -31.15 16.16
C ASN A 566 25.28 -31.31 15.84
N PHE A 567 25.62 -31.80 14.65
CA PHE A 567 27.03 -31.95 14.29
C PHE A 567 27.73 -30.62 14.04
N LEU A 568 26.98 -29.52 13.97
CA LEU A 568 27.61 -28.21 13.77
C LEU A 568 28.45 -27.79 14.96
N HIS A 569 28.24 -28.38 16.14
CA HIS A 569 29.03 -28.04 17.31
C HIS A 569 30.48 -28.52 17.21
N SER A 570 30.80 -29.33 16.22
CA SER A 570 32.16 -29.83 16.04
C SER A 570 33.09 -28.68 15.61
N LYS A 571 34.38 -29.00 15.57
CA LYS A 571 35.40 -28.02 15.21
C LYS A 571 35.57 -27.87 13.70
N VAL A 572 34.83 -28.65 12.91
CA VAL A 572 34.95 -28.56 11.45
C VAL A 572 34.55 -27.18 10.95
N VAL A 573 33.66 -26.50 11.66
CA VAL A 573 33.21 -25.16 11.28
C VAL A 573 33.30 -24.24 12.49
N PRO A 574 33.56 -22.95 12.30
CA PRO A 574 33.61 -22.03 13.45
C PRO A 574 32.25 -21.87 14.10
N ARG A 575 32.28 -21.61 15.41
CA ARG A 575 31.03 -21.46 16.15
C ARG A 575 30.24 -20.24 15.68
N LYS A 576 30.93 -19.14 15.36
CA LYS A 576 30.24 -17.94 14.89
C LYS A 576 29.57 -18.19 13.54
N LEU A 577 30.13 -19.08 12.72
CA LEU A 577 29.50 -19.45 11.46
C LEU A 577 28.33 -20.41 11.66
N VAL A 578 28.33 -21.16 12.76
CA VAL A 578 27.24 -22.10 13.03
C VAL A 578 25.92 -21.36 13.24
N THR A 579 25.97 -20.21 13.92
CA THR A 579 24.75 -19.47 14.23
C THR A 579 24.01 -19.08 12.96
N TYR A 580 24.74 -18.66 11.92
CA TYR A 580 24.12 -18.17 10.69
C TYR A 580 23.18 -19.21 10.10
N PHE A 581 23.74 -20.34 9.64
CA PHE A 581 22.92 -21.42 9.08
C PHE A 581 21.82 -21.83 10.05
N ALA A 582 22.11 -21.82 11.35
CA ALA A 582 21.08 -22.09 12.33
C ALA A 582 19.97 -21.04 12.27
N VAL A 583 20.32 -19.79 12.00
CA VAL A 583 19.29 -18.75 11.96
C VAL A 583 18.39 -18.91 10.74
N GLU A 584 18.96 -19.07 9.54
CA GLU A 584 18.08 -19.25 8.38
C GLU A 584 17.30 -20.57 8.47
N ARG A 585 17.94 -21.64 8.94
CA ARG A 585 17.23 -22.91 9.06
C ARG A 585 16.13 -22.83 10.10
N LEU A 586 16.46 -22.37 11.31
CA LEU A 586 15.50 -22.29 12.41
C LEU A 586 14.95 -20.87 12.55
N GLU A 587 14.34 -20.36 11.48
CA GLU A 587 13.68 -19.05 11.53
C GLU A 587 12.18 -19.16 11.32
N SER A 588 11.73 -19.75 10.22
CA SER A 588 10.30 -19.91 9.99
C SER A 588 9.68 -20.86 11.00
N ALA A 589 10.40 -21.94 11.34
CA ALA A 589 9.87 -22.90 12.31
C ALA A 589 9.75 -22.28 13.69
N CYS A 590 10.75 -21.51 14.12
CA CYS A 590 10.69 -20.87 15.43
C CYS A 590 9.56 -19.84 15.49
N TYR A 591 9.43 -19.03 14.44
CA TYR A 591 8.34 -18.06 14.41
C TYR A 591 6.98 -18.74 14.42
N ILE A 592 6.85 -19.83 13.65
CA ILE A 592 5.58 -20.55 13.61
C ILE A 592 5.25 -21.15 14.96
N SER A 593 6.24 -21.76 15.63
CA SER A 593 6.00 -22.37 16.93
C SER A 593 5.63 -21.32 17.96
N ALA A 594 6.33 -20.19 17.98
CA ALA A 594 6.01 -19.13 18.92
C ALA A 594 4.62 -18.58 18.68
N ALA A 595 4.26 -18.33 17.42
CA ALA A 595 2.93 -17.84 17.13
C ALA A 595 1.86 -18.86 17.54
N PHE A 596 2.13 -20.14 17.29
CA PHE A 596 1.23 -21.21 17.67
C PHE A 596 0.98 -21.20 19.18
N LEU A 597 2.05 -21.18 19.96
CA LEU A 597 1.91 -21.25 21.42
C LEU A 597 1.23 -20.00 21.97
N ARG A 598 1.62 -18.82 21.49
CA ARG A 598 1.01 -17.58 21.96
C ARG A 598 -0.47 -17.52 21.60
N ALA A 599 -0.82 -17.93 20.37
CA ALA A 599 -2.20 -17.91 19.94
C ALA A 599 -3.05 -18.87 20.77
N HIS A 600 -2.53 -20.06 21.07
CA HIS A 600 -3.31 -20.99 21.89
C HIS A 600 -3.41 -20.53 23.33
N THR A 601 -2.38 -19.88 23.87
CA THR A 601 -2.51 -19.30 25.20
C THR A 601 -3.62 -18.25 25.23
N ILE A 602 -3.61 -17.34 24.26
CA ILE A 602 -4.60 -16.28 24.21
C ILE A 602 -5.99 -16.86 23.99
N ALA A 603 -6.10 -17.86 23.13
CA ALA A 603 -7.39 -18.48 22.85
C ALA A 603 -7.92 -19.26 24.04
N ARG A 604 -7.04 -19.91 24.80
CA ARG A 604 -7.46 -20.57 26.03
C ARG A 604 -8.01 -19.55 27.02
N GLN A 605 -7.30 -18.43 27.19
CA GLN A 605 -7.80 -17.38 28.09
C GLN A 605 -9.14 -16.84 27.61
N GLN A 606 -9.28 -16.61 26.30
CA GLN A 606 -10.53 -16.08 25.76
C GLN A 606 -11.67 -17.08 25.94
N LEU A 607 -11.40 -18.36 25.72
CA LEU A 607 -12.43 -19.37 25.90
C LEU A 607 -12.88 -19.47 27.35
N TYR A 608 -11.93 -19.39 28.29
CA TYR A 608 -12.31 -19.37 29.70
C TYR A 608 -13.13 -18.14 30.03
N ASP A 609 -12.74 -16.98 29.49
CA ASP A 609 -13.47 -15.75 29.75
C ASP A 609 -14.90 -15.82 29.22
N PHE A 610 -15.07 -16.39 28.03
CA PHE A 610 -16.37 -16.41 27.38
C PHE A 610 -17.27 -17.49 27.99
N LEU A 611 -16.83 -18.75 27.94
CA LEU A 611 -17.66 -19.85 28.41
C LEU A 611 -17.71 -19.94 29.92
N GLY A 612 -16.81 -19.26 30.63
CA GLY A 612 -16.79 -19.42 32.07
C GLY A 612 -16.28 -20.79 32.47
N GLU A 613 -16.82 -21.29 33.60
CA GLU A 613 -16.44 -22.60 34.10
C GLU A 613 -17.38 -23.64 33.50
N SER A 614 -16.82 -24.57 32.71
CA SER A 614 -17.60 -25.62 32.09
C SER A 614 -16.70 -26.83 31.86
N ASN A 615 -17.33 -28.00 31.73
CA ASN A 615 -16.57 -29.22 31.51
C ASN A 615 -16.01 -29.28 30.10
N ILE A 616 -16.82 -28.92 29.10
CA ILE A 616 -16.38 -28.99 27.71
C ILE A 616 -15.30 -27.96 27.43
N GLY A 617 -15.43 -26.76 28.01
CA GLY A 617 -14.37 -25.78 27.89
C GLY A 617 -13.06 -26.28 28.48
N SER A 618 -13.13 -26.95 29.63
CA SER A 618 -11.93 -27.54 30.22
C SER A 618 -11.36 -28.63 29.33
N ILE A 619 -12.22 -29.41 28.68
CA ILE A 619 -11.77 -30.46 27.77
C ILE A 619 -10.98 -29.84 26.61
N VAL A 620 -11.53 -28.78 26.01
CA VAL A 620 -10.86 -28.14 24.89
C VAL A 620 -9.56 -27.48 25.33
N ILE A 621 -9.56 -26.88 26.53
CA ILE A 621 -8.34 -26.26 27.05
C ILE A 621 -7.26 -27.31 27.27
N ASN A 622 -7.63 -28.45 27.84
CA ASN A 622 -6.67 -29.54 28.04
C ASN A 622 -6.16 -30.08 26.71
N GLU A 623 -7.06 -30.19 25.71
CA GLU A 623 -6.63 -30.60 24.38
C GLU A 623 -5.56 -29.67 23.82
N SER A 624 -5.81 -28.36 23.93
CA SER A 624 -4.84 -27.39 23.42
C SER A 624 -3.52 -27.47 24.18
N GLU A 625 -3.60 -27.58 25.50
CA GLU A 625 -2.40 -27.64 26.32
C GLU A 625 -1.56 -28.86 26.00
N LYS A 626 -2.21 -30.02 25.79
CA LYS A 626 -1.47 -31.22 25.47
C LYS A 626 -0.96 -31.21 24.03
N GLU A 627 -1.67 -30.53 23.13
CA GLU A 627 -1.25 -30.53 21.74
C GLU A 627 -0.07 -29.58 21.51
N GLY A 628 -0.02 -28.47 22.25
CA GLY A 628 1.12 -27.58 22.14
C GLY A 628 2.44 -28.17 22.61
N GLU A 629 2.43 -29.42 23.06
CA GLU A 629 3.64 -30.04 23.60
C GLU A 629 4.72 -30.20 22.54
N GLU A 630 4.34 -30.51 21.31
CA GLU A 630 5.34 -30.69 20.26
C GLU A 630 6.03 -29.36 19.92
N ALA A 631 5.25 -28.27 19.85
CA ALA A 631 5.86 -26.96 19.62
C ALA A 631 6.76 -26.56 20.78
N LYS A 632 6.32 -26.82 22.02
CA LYS A 632 7.16 -26.53 23.17
C LYS A 632 8.45 -27.34 23.11
N LYS A 633 8.36 -28.61 22.70
CA LYS A 633 9.54 -29.45 22.60
C LYS A 633 10.50 -28.95 21.53
N PHE A 634 9.97 -28.53 20.38
CA PHE A 634 10.83 -27.97 19.34
C PHE A 634 11.54 -26.71 19.83
N LEU A 635 10.81 -25.82 20.50
CA LEU A 635 11.43 -24.60 21.01
C LEU A 635 12.47 -24.93 22.09
N GLU A 636 12.22 -25.93 22.91
CA GLU A 636 13.21 -26.35 23.90
C GLU A 636 14.46 -26.93 23.23
N LYS A 637 14.27 -27.68 22.14
CA LYS A 637 15.40 -28.18 21.38
C LYS A 637 16.22 -27.03 20.81
N VAL A 638 15.54 -25.99 20.31
CA VAL A 638 16.25 -24.81 19.83
C VAL A 638 17.01 -24.14 20.97
N ARG A 639 16.40 -24.07 22.15
CA ARG A 639 17.06 -23.46 23.31
C ARG A 639 18.33 -24.22 23.66
N SER A 640 18.24 -25.55 23.76
CA SER A 640 19.39 -26.33 24.21
C SER A 640 20.49 -26.38 23.17
N SER A 641 20.12 -26.52 21.90
CA SER A 641 21.12 -26.66 20.84
C SER A 641 21.82 -25.33 20.57
N PHE A 642 21.05 -24.32 20.16
CA PHE A 642 21.59 -23.00 19.84
C PHE A 642 20.93 -21.95 20.72
N PRO A 643 21.56 -21.55 21.83
CA PRO A 643 20.90 -20.60 22.74
C PRO A 643 20.60 -19.25 22.12
N GLN A 644 21.44 -18.76 21.22
CA GLN A 644 21.32 -17.40 20.72
C GLN A 644 20.40 -17.26 19.51
N VAL A 645 19.97 -18.37 18.91
CA VAL A 645 19.14 -18.30 17.71
C VAL A 645 17.79 -17.67 18.02
N LEU A 646 17.20 -18.03 19.16
CA LEU A 646 15.90 -17.47 19.50
C LEU A 646 15.98 -15.96 19.74
N ARG A 647 17.02 -15.51 20.44
CA ARG A 647 17.20 -14.08 20.63
C ARG A 647 17.44 -13.37 19.31
N VAL A 648 18.24 -13.97 18.42
CA VAL A 648 18.52 -13.35 17.13
C VAL A 648 17.25 -13.22 16.30
N VAL A 649 16.44 -14.27 16.26
CA VAL A 649 15.22 -14.21 15.46
C VAL A 649 14.20 -13.27 16.10
N LYS A 650 14.15 -13.19 17.43
CA LYS A 650 13.28 -12.23 18.08
C LYS A 650 13.68 -10.80 17.74
N THR A 651 14.98 -10.51 17.78
CA THR A 651 15.46 -9.18 17.42
C THR A 651 15.16 -8.87 15.97
N LYS A 652 15.37 -9.85 15.07
CA LYS A 652 15.07 -9.64 13.66
C LYS A 652 13.59 -9.36 13.45
N GLN A 653 12.73 -10.11 14.12
CA GLN A 653 11.29 -9.91 14.03
C GLN A 653 10.90 -8.52 14.50
N VAL A 654 11.40 -8.11 15.67
CA VAL A 654 11.04 -6.82 16.23
C VAL A 654 11.52 -5.68 15.34
N THR A 655 12.77 -5.78 14.85
CA THR A 655 13.31 -4.71 14.02
C THR A 655 12.61 -4.67 12.67
N TYR A 656 12.22 -5.83 12.12
CA TYR A 656 11.45 -5.85 10.90
C TYR A 656 10.11 -5.14 11.08
N SER A 657 9.43 -5.41 12.20
CA SER A 657 8.18 -4.71 12.48
C SER A 657 8.40 -3.21 12.62
N VAL A 658 9.46 -2.82 13.32
CA VAL A 658 9.75 -1.40 13.54
C VAL A 658 10.00 -0.70 12.21
N LEU A 659 10.83 -1.31 11.37
CA LEU A 659 11.16 -0.70 10.08
C LEU A 659 9.96 -0.68 9.15
N ASN A 660 9.09 -1.68 9.22
CA ASN A 660 7.87 -1.65 8.41
C ASN A 660 6.93 -0.54 8.87
N HIS A 661 6.82 -0.34 10.18
CA HIS A 661 6.01 0.77 10.68
C HIS A 661 6.59 2.11 10.23
N LEU A 662 7.91 2.26 10.32
CA LEU A 662 8.55 3.49 9.84
C LEU A 662 8.33 3.68 8.34
N LEU A 663 8.38 2.59 7.57
CA LEU A 663 8.16 2.68 6.14
C LEU A 663 6.74 3.10 5.82
N GLY A 664 5.76 2.57 6.54
CA GLY A 664 4.38 3.00 6.34
C GLY A 664 4.19 4.46 6.71
N TYR A 665 4.82 4.90 7.80
CA TYR A 665 4.74 6.31 8.18
C TYR A 665 5.36 7.20 7.11
N ILE A 666 6.49 6.78 6.55
CA ILE A 666 7.15 7.56 5.51
C ILE A 666 6.32 7.56 4.23
N GLU A 667 5.65 6.45 3.93
CA GLU A 667 4.74 6.45 2.77
C GLU A 667 3.60 7.43 2.97
N ASN A 668 3.01 7.46 4.18
CA ASN A 668 1.97 8.43 4.47
C ASN A 668 2.51 9.86 4.37
N LEU A 669 3.74 10.08 4.81
CA LEU A 669 4.34 11.40 4.74
C LEU A 669 4.65 11.80 3.30
N GLU A 670 4.99 10.84 2.44
CA GLU A 670 5.10 11.11 1.01
C GLU A 670 3.75 11.49 0.42
N LYS A 671 2.69 10.82 0.89
CA LYS A 671 1.34 11.16 0.45
C LYS A 671 0.96 12.58 0.82
N VAL A 672 1.66 13.19 1.77
CA VAL A 672 1.42 14.56 2.21
C VAL A 672 2.50 15.46 1.63
N GLY A 673 2.10 16.58 1.06
CA GLY A 673 3.07 17.52 0.54
C GLY A 673 3.78 18.31 1.61
N LEU A 674 4.37 17.61 2.58
CA LEU A 674 4.88 18.23 3.79
C LEU A 674 6.39 18.45 3.74
N LEU A 675 7.16 17.37 3.57
CA LEU A 675 8.61 17.47 3.58
C LEU A 675 9.14 17.72 2.17
N GLU A 676 10.35 18.29 2.12
CA GLU A 676 11.04 18.44 0.84
C GLU A 676 11.37 17.07 0.28
N GLU A 677 11.36 16.98 -1.05
CA GLU A 677 11.55 15.69 -1.71
C GLU A 677 12.91 15.08 -1.37
N LYS A 678 13.94 15.92 -1.26
CA LYS A 678 15.27 15.42 -0.94
C LYS A 678 15.32 14.79 0.44
N GLU A 679 14.78 15.49 1.45
CA GLU A 679 14.86 14.99 2.82
C GLU A 679 14.01 13.73 3.02
N ILE A 680 12.79 13.73 2.47
CA ILE A 680 11.94 12.55 2.63
C ILE A 680 12.50 11.39 1.82
N ALA A 681 13.11 11.66 0.66
CA ALA A 681 13.77 10.61 -0.09
C ALA A 681 14.95 10.04 0.69
N HIS A 682 15.70 10.91 1.38
CA HIS A 682 16.80 10.43 2.23
C HIS A 682 16.29 9.53 3.34
N LEU A 683 15.19 9.93 3.99
CA LEU A 683 14.63 9.12 5.06
C LEU A 683 14.16 7.77 4.53
N HIS A 684 13.48 7.78 3.38
CA HIS A 684 13.01 6.53 2.76
C HIS A 684 14.19 5.65 2.38
N ASP A 685 15.25 6.25 1.83
CA ASP A 685 16.43 5.48 1.44
C ASP A 685 17.09 4.85 2.66
N ALA A 686 17.20 5.61 3.76
CA ALA A 686 17.81 5.05 4.96
C ALA A 686 16.98 3.90 5.54
N VAL A 687 15.66 4.06 5.57
CA VAL A 687 14.81 3.00 6.12
C VAL A 687 14.86 1.76 5.24
N GLN A 688 14.80 1.94 3.92
CA GLN A 688 14.88 0.79 3.02
C GLN A 688 16.25 0.13 3.07
N THR A 689 17.31 0.92 3.25
CA THR A 689 18.65 0.35 3.40
C THR A 689 18.75 -0.49 4.66
N GLY A 690 18.18 0.01 5.76
CA GLY A 690 18.15 -0.80 6.97
C GLY A 690 17.35 -2.08 6.80
N LEU A 691 16.20 -1.97 6.13
CA LEU A 691 15.36 -3.16 5.90
C LEU A 691 16.09 -4.19 5.05
N LYS A 692 16.80 -3.75 4.00
CA LYS A 692 17.53 -4.68 3.16
C LYS A 692 18.74 -5.26 3.89
N LYS A 693 19.44 -4.44 4.68
CA LYS A 693 20.57 -4.95 5.44
C LYS A 693 20.13 -5.96 6.49
N LEU A 694 18.90 -5.86 6.97
CA LEU A 694 18.39 -6.85 7.91
C LEU A 694 17.89 -8.11 7.19
N LEU A 695 17.13 -7.94 6.12
CA LEU A 695 16.63 -9.11 5.39
C LEU A 695 17.73 -9.86 4.66
N ARG A 696 18.90 -9.24 4.49
CA ARG A 696 20.01 -9.90 3.83
C ARG A 696 20.71 -10.89 4.75
N ASN A 697 21.16 -10.42 5.92
CA ASN A 697 21.84 -11.25 6.88
C ASN A 697 21.19 -11.09 8.25
N PRO A 698 21.23 -12.15 9.08
CA PRO A 698 20.60 -12.06 10.38
C PRO A 698 21.30 -11.04 11.26
N PRO A 699 20.58 -10.40 12.19
CA PRO A 699 21.22 -9.45 13.09
C PRO A 699 22.27 -10.13 13.96
N ILE A 700 23.34 -9.40 14.25
CA ILE A 700 24.41 -9.90 15.11
C ILE A 700 24.15 -9.41 16.53
N VAL A 701 23.99 -10.36 17.45
CA VAL A 701 23.67 -10.08 18.84
C VAL A 701 24.69 -10.75 19.73
N LYS A 702 25.22 -10.02 20.70
CA LYS A 702 26.21 -10.56 21.62
C LYS A 702 25.53 -11.45 22.67
N LEU A 703 26.36 -12.21 23.38
CA LEU A 703 25.89 -13.10 24.43
C LEU A 703 26.25 -12.53 25.80
N PRO A 704 25.29 -12.37 26.69
CA PRO A 704 25.60 -11.81 28.02
C PRO A 704 26.46 -12.77 28.84
N LYS A 705 27.23 -12.17 29.75
CA LYS A 705 28.12 -12.91 30.64
C LYS A 705 27.59 -12.90 32.08
N LEU A 706 26.27 -12.99 32.21
CA LEU A 706 25.57 -13.04 33.50
C LEU A 706 25.62 -11.68 34.20
N SER A 707 26.36 -10.74 33.64
CA SER A 707 26.37 -9.36 34.14
C SER A 707 25.45 -8.45 33.34
N ASP A 708 25.39 -8.64 32.02
CA ASP A 708 24.48 -7.86 31.20
C ASP A 708 23.03 -8.18 31.54
N MET A 709 22.72 -9.46 31.79
CA MET A 709 21.37 -9.82 32.19
C MET A 709 21.01 -9.21 33.53
N ILE A 710 21.95 -9.20 34.48
CA ILE A 710 21.70 -8.56 35.77
C ILE A 710 21.45 -7.07 35.58
N THR A 711 22.26 -6.42 34.75
CA THR A 711 22.10 -4.99 34.51
C THR A 711 20.76 -4.69 33.86
N SER A 712 20.34 -5.52 32.90
CA SER A 712 19.07 -5.32 32.21
C SER A 712 17.87 -5.74 33.04
N HIS A 713 18.08 -6.44 34.15
CA HIS A 713 16.96 -6.85 34.98
C HIS A 713 16.33 -5.63 35.64
N PRO A 714 15.00 -5.59 35.76
CA PRO A 714 14.36 -4.43 36.41
C PRO A 714 14.79 -4.23 37.84
N LEU A 715 15.15 -5.30 38.55
CA LEU A 715 15.53 -5.15 39.96
C LEU A 715 16.90 -4.49 40.08
N SER A 716 17.93 -5.13 39.55
CA SER A 716 19.29 -4.61 39.71
C SER A 716 19.46 -3.29 38.97
N VAL A 717 20.54 -2.58 39.34
CA VAL A 717 20.86 -1.25 38.82
C VAL A 717 19.82 -0.24 39.26
N ALA A 718 18.54 -0.58 39.08
CA ALA A 718 17.43 0.24 39.57
C ALA A 718 17.14 0.02 41.05
N LEU A 719 18.06 -0.58 41.79
CA LEU A 719 17.85 -0.81 43.21
C LEU A 719 19.17 -0.78 43.97
N PRO A 720 20.13 -1.67 43.68
CA PRO A 720 21.37 -1.67 44.47
C PRO A 720 22.40 -0.71 43.91
N PRO A 721 22.90 0.23 44.72
CA PRO A 721 23.95 1.13 44.24
C PRO A 721 25.26 0.40 43.96
N ALA A 722 25.73 -0.40 44.92
CA ALA A 722 26.97 -1.17 44.78
C ALA A 722 26.68 -2.59 45.24
N PHE A 723 26.23 -3.43 44.32
CA PHE A 723 25.92 -4.83 44.61
C PHE A 723 27.15 -5.68 44.33
N CYS A 724 26.97 -6.99 44.20
CA CYS A 724 28.06 -7.97 44.17
C CYS A 724 28.75 -8.01 42.81
N GLU A 725 28.67 -6.91 42.06
CA GLU A 725 29.26 -6.70 40.74
C GLU A 725 30.60 -7.41 40.53
N PRO A 726 31.54 -7.37 41.48
CA PRO A 726 32.77 -8.16 41.30
C PRO A 726 32.53 -9.65 41.11
N LEU A 727 31.45 -10.19 41.67
CA LEU A 727 31.15 -11.60 41.50
C LEU A 727 30.39 -11.89 40.20
N LYS A 728 30.01 -10.86 39.44
CA LYS A 728 29.27 -11.08 38.20
C LYS A 728 30.13 -11.78 37.16
N HIS A 729 31.38 -11.33 36.99
CA HIS A 729 32.25 -11.90 35.97
C HIS A 729 32.68 -13.33 36.30
N SER A 730 32.65 -13.72 37.57
CA SER A 730 33.00 -15.07 38.00
C SER A 730 31.82 -15.61 38.81
N LYS A 731 30.88 -16.24 38.11
CA LYS A 731 29.67 -16.77 38.74
C LYS A 731 29.29 -18.09 38.07
N LYS A 732 28.47 -18.86 38.77
CA LYS A 732 28.06 -20.17 38.28
C LYS A 732 27.10 -20.01 37.09
N GLU A 733 26.96 -21.09 36.34
CA GLU A 733 26.12 -21.08 35.14
C GLU A 733 24.65 -20.87 35.53
N PRO A 734 23.96 -19.91 34.92
CA PRO A 734 22.54 -19.70 35.21
C PRO A 734 21.60 -20.58 34.41
N MET A 735 22.10 -21.58 33.70
CA MET A 735 21.26 -22.44 32.87
C MET A 735 20.55 -23.47 33.73
N LYS A 736 19.22 -23.46 33.67
CA LYS A 736 18.39 -24.42 34.40
C LYS A 736 17.50 -25.16 33.41
N LEU A 737 17.53 -26.49 33.47
CA LEU A 737 16.72 -27.29 32.56
C LEU A 737 15.24 -27.19 32.93
N ARG A 738 14.39 -27.57 31.98
CA ARG A 738 12.95 -27.54 32.20
C ARG A 738 12.55 -28.55 33.27
N GLY A 739 11.65 -28.14 34.16
CA GLY A 739 11.20 -28.98 35.25
C GLY A 739 11.99 -28.85 36.52
N VAL A 740 13.10 -28.11 36.52
CA VAL A 740 13.89 -27.92 37.73
C VAL A 740 13.15 -26.99 38.67
N THR A 741 13.00 -27.42 39.92
CA THR A 741 12.29 -26.65 40.93
C THR A 741 13.23 -25.65 41.58
N LEU A 742 12.83 -24.38 41.59
CA LEU A 742 13.64 -23.34 42.22
C LEU A 742 13.54 -23.40 43.74
N TYR A 743 12.32 -23.25 44.27
CA TYR A 743 12.09 -23.41 45.70
C TYR A 743 10.73 -24.06 45.90
N LYS A 744 10.56 -24.70 47.06
CA LYS A 744 9.36 -25.43 47.39
C LYS A 744 8.36 -24.56 48.13
N GLU A 745 7.08 -24.87 47.95
CA GLU A 745 6.03 -24.12 48.61
C GLU A 745 6.03 -24.40 50.12
N GLY A 746 5.87 -23.33 50.91
CA GLY A 746 5.85 -23.45 52.35
C GLY A 746 7.21 -23.44 53.01
N SER A 747 8.29 -23.54 52.25
CA SER A 747 9.63 -23.50 52.82
C SER A 747 9.97 -22.08 53.25
N LYS A 748 10.89 -21.97 54.21
CA LYS A 748 11.32 -20.68 54.69
C LYS A 748 12.05 -19.92 53.57
N PRO A 749 11.88 -18.61 53.48
CA PRO A 749 12.57 -17.84 52.44
C PRO A 749 14.08 -17.91 52.61
N THR A 750 14.78 -17.97 51.47
CA THR A 750 16.23 -18.03 51.48
C THR A 750 16.81 -16.95 50.59
N GLY A 751 16.09 -16.60 49.53
CA GLY A 751 16.57 -15.58 48.61
C GLY A 751 15.56 -15.31 47.52
N VAL A 752 16.01 -14.58 46.50
CA VAL A 752 15.18 -14.22 45.37
C VAL A 752 15.73 -14.89 44.11
N TRP A 753 14.84 -15.09 43.14
CA TRP A 753 15.19 -15.72 41.87
C TRP A 753 14.80 -14.76 40.74
N LEU A 754 15.78 -14.01 40.24
CA LEU A 754 15.54 -13.14 39.10
C LEU A 754 15.44 -13.96 37.82
N ILE A 755 14.46 -13.62 36.98
CA ILE A 755 14.23 -14.31 35.73
C ILE A 755 14.81 -13.45 34.60
N PHE A 756 15.77 -14.02 33.88
CA PHE A 756 16.42 -13.33 32.77
C PHE A 756 15.91 -13.78 31.41
N ASP A 757 15.76 -15.08 31.20
CA ASP A 757 15.30 -15.61 29.92
C ASP A 757 14.72 -16.99 30.16
N GLY A 758 13.42 -17.16 29.90
CA GLY A 758 12.78 -18.44 30.09
C GLY A 758 11.38 -18.34 30.69
N ILE A 759 10.78 -19.48 30.99
CA ILE A 759 9.44 -19.55 31.54
C ILE A 759 9.47 -20.39 32.81
N VAL A 760 8.89 -19.85 33.88
CA VAL A 760 8.78 -20.55 35.16
C VAL A 760 7.31 -20.60 35.54
N LYS A 761 6.85 -21.78 35.95
CA LYS A 761 5.46 -22.02 36.30
C LYS A 761 5.33 -22.17 37.81
N TRP A 762 4.22 -21.66 38.36
CA TRP A 762 3.96 -21.73 39.79
C TRP A 762 2.71 -22.56 40.05
N LYS A 763 2.78 -23.40 41.09
CA LYS A 763 1.66 -24.20 41.54
C LYS A 763 1.46 -23.96 43.03
N SER A 764 0.21 -23.94 43.47
CA SER A 764 -0.06 -23.66 44.88
C SER A 764 -1.35 -24.34 45.31
N LYS A 765 -1.46 -24.53 46.62
CA LYS A 765 -2.65 -25.08 47.25
C LYS A 765 -3.32 -24.12 48.22
N ILE A 766 -2.55 -23.40 49.02
CA ILE A 766 -3.13 -22.34 49.86
C ILE A 766 -3.71 -21.24 48.99
N LEU A 767 -2.99 -20.84 47.94
CA LEU A 767 -3.53 -19.93 46.95
C LEU A 767 -4.67 -20.56 46.16
N SER A 768 -4.81 -21.88 46.20
CA SER A 768 -5.95 -22.62 45.68
C SER A 768 -5.99 -22.68 44.16
N ASN A 769 -5.09 -21.96 43.49
CA ASN A 769 -5.04 -21.89 42.03
C ASN A 769 -6.43 -21.62 41.46
N ASN A 770 -6.94 -20.44 41.80
CA ASN A 770 -8.35 -20.10 41.59
C ASN A 770 -8.82 -20.32 40.16
N HIS A 771 -8.28 -19.55 39.21
CA HIS A 771 -8.74 -19.65 37.83
C HIS A 771 -7.60 -19.52 36.82
N SER A 772 -6.36 -19.73 37.22
CA SER A 772 -5.24 -19.53 36.32
C SER A 772 -5.14 -20.65 35.29
N LEU A 773 -5.06 -20.26 34.02
CA LEU A 773 -4.79 -21.19 32.92
C LEU A 773 -3.36 -21.16 32.45
N HIS A 774 -2.68 -20.02 32.62
CA HIS A 774 -1.29 -19.84 32.22
C HIS A 774 -0.51 -19.27 33.40
N PRO A 775 -0.32 -20.06 34.45
CA PRO A 775 0.37 -19.56 35.66
C PRO A 775 1.88 -19.58 35.49
N THR A 776 2.38 -18.70 34.63
CA THR A 776 3.80 -18.62 34.32
C THR A 776 4.28 -17.19 34.45
N PHE A 777 5.57 -17.04 34.69
CA PHE A 777 6.23 -15.74 34.82
C PHE A 777 7.30 -15.62 33.75
N SER A 778 7.26 -14.52 33.00
CA SER A 778 8.15 -14.31 31.87
C SER A 778 9.49 -13.77 32.37
N HIS A 779 10.31 -13.30 31.44
CA HIS A 779 11.60 -12.71 31.79
C HIS A 779 11.41 -11.37 32.50
N GLY A 780 12.46 -10.93 33.18
CA GLY A 780 12.41 -9.66 33.87
C GLY A 780 11.51 -9.63 35.07
N SER A 781 11.34 -10.76 35.76
CA SER A 781 10.49 -10.84 36.94
C SER A 781 11.32 -11.27 38.14
N THR A 782 11.04 -10.65 39.29
CA THR A 782 11.70 -10.98 40.54
C THR A 782 10.76 -11.86 41.35
N LEU A 783 11.25 -13.04 41.74
CA LEU A 783 10.43 -14.05 42.41
C LEU A 783 11.00 -14.38 43.77
N GLY A 784 10.12 -14.53 44.76
CA GLY A 784 10.53 -14.74 46.13
C GLY A 784 10.83 -13.47 46.90
N LEU A 785 10.65 -12.29 46.30
CA LEU A 785 10.97 -11.05 46.98
C LEU A 785 10.02 -10.79 48.15
N TYR A 786 8.73 -11.03 47.95
CA TYR A 786 7.76 -10.76 49.02
C TYR A 786 8.03 -11.64 50.24
N GLU A 787 8.38 -12.91 50.01
CA GLU A 787 8.63 -13.82 51.12
C GLU A 787 9.89 -13.41 51.89
N VAL A 788 10.95 -13.02 51.19
CA VAL A 788 12.16 -12.60 51.88
C VAL A 788 12.01 -11.22 52.49
N LEU A 789 11.00 -10.45 52.09
CA LEU A 789 10.75 -9.17 52.74
C LEU A 789 9.93 -9.35 54.01
N THR A 790 8.75 -9.97 53.90
CA THR A 790 7.87 -10.14 55.05
C THR A 790 8.36 -11.24 55.98
N GLY A 791 9.01 -12.27 55.46
CA GLY A 791 9.39 -13.43 56.23
C GLY A 791 8.43 -14.60 56.15
N LYS A 792 7.26 -14.39 55.54
CA LYS A 792 6.29 -15.46 55.40
C LYS A 792 6.82 -16.54 54.45
N PRO A 793 6.41 -17.80 54.64
CA PRO A 793 6.91 -18.87 53.78
C PRO A 793 6.40 -18.74 52.36
N TYR A 794 7.07 -19.46 51.46
CA TYR A 794 6.76 -19.36 50.04
C TYR A 794 5.31 -19.73 49.76
N LEU A 795 4.63 -18.88 48.99
CA LEU A 795 3.23 -19.11 48.65
C LEU A 795 3.05 -20.19 47.60
N CYS A 796 4.08 -20.47 46.81
CA CYS A 796 3.98 -21.45 45.73
C CYS A 796 5.38 -21.94 45.39
N ASP A 797 5.43 -23.09 44.72
CA ASP A 797 6.69 -23.64 44.23
C ASP A 797 6.85 -23.33 42.75
N LEU A 798 8.10 -23.09 42.36
CA LEU A 798 8.44 -22.66 41.01
C LEU A 798 9.08 -23.82 40.25
N ILE A 799 8.51 -24.17 39.11
CA ILE A 799 9.07 -25.17 38.20
C ILE A 799 9.28 -24.51 36.84
N THR A 800 10.47 -24.69 36.29
CA THR A 800 10.80 -24.08 35.00
C THR A 800 10.12 -24.85 33.88
N ASP A 801 9.51 -24.12 32.96
CA ASP A 801 8.86 -24.72 31.78
C ASP A 801 9.77 -24.76 30.57
N SER A 802 11.02 -24.29 30.69
CA SER A 802 11.95 -24.28 29.58
C SER A 802 13.34 -24.03 30.15
N MET A 803 14.33 -23.94 29.26
CA MET A 803 15.69 -23.59 29.67
C MET A 803 15.68 -22.15 30.18
N VAL A 804 15.81 -21.99 31.50
CA VAL A 804 15.63 -20.71 32.16
C VAL A 804 16.98 -20.20 32.63
N LEU A 805 17.31 -18.97 32.24
CA LEU A 805 18.47 -18.27 32.78
C LEU A 805 18.00 -17.44 33.97
N CYS A 806 18.53 -17.77 35.15
CA CYS A 806 18.07 -17.12 36.37
C CYS A 806 19.25 -16.95 37.33
N PHE A 807 19.10 -15.98 38.23
CA PHE A 807 20.10 -15.68 39.24
C PHE A 807 19.49 -15.79 40.63
N PHE A 808 20.31 -16.18 41.60
CA PHE A 808 19.90 -16.29 42.99
C PHE A 808 20.69 -15.28 43.83
N ILE A 809 19.97 -14.48 44.61
CA ILE A 809 20.57 -13.51 45.52
C ILE A 809 20.10 -13.83 46.93
N ASP A 810 21.05 -13.88 47.86
CA ASP A 810 20.72 -14.20 49.25
C ASP A 810 19.76 -13.17 49.82
N SER A 811 18.84 -13.65 50.67
CA SER A 811 17.82 -12.77 51.24
C SER A 811 18.43 -11.74 52.18
N GLU A 812 19.60 -12.03 52.74
CA GLU A 812 20.23 -11.07 53.64
C GLU A 812 20.66 -9.81 52.90
N LYS A 813 21.07 -9.94 51.64
CA LYS A 813 21.34 -8.76 50.82
C LYS A 813 20.09 -7.91 50.64
N ILE A 814 18.94 -8.55 50.39
CA ILE A 814 17.69 -7.82 50.25
C ILE A 814 17.33 -7.10 51.54
N LEU A 815 17.50 -7.79 52.68
CA LEU A 815 17.20 -7.18 53.97
C LEU A 815 18.14 -6.01 54.25
N SER A 816 19.41 -6.13 53.87
CA SER A 816 20.35 -5.01 54.02
C SER A 816 19.94 -3.84 53.16
N LEU A 817 19.52 -4.10 51.92
CA LEU A 817 19.03 -3.03 51.06
C LEU A 817 17.75 -2.41 51.60
N GLN A 818 16.99 -3.17 52.38
CA GLN A 818 15.72 -2.71 52.94
C GLN A 818 15.88 -1.56 53.92
N SER A 819 17.11 -1.08 54.10
CA SER A 819 17.35 0.03 55.03
C SER A 819 16.71 1.32 54.55
N ASP A 820 16.75 1.60 53.25
CA ASP A 820 16.29 2.86 52.70
C ASP A 820 14.82 2.80 52.31
N SER A 821 14.07 3.84 52.72
CA SER A 821 12.65 3.90 52.36
C SER A 821 12.45 4.04 50.85
N THR A 822 13.30 4.84 50.20
CA THR A 822 13.26 4.93 48.74
C THR A 822 13.58 3.59 48.10
N ILE A 823 14.26 2.70 48.82
CA ILE A 823 14.41 1.31 48.38
C ILE A 823 13.19 0.50 48.76
N ASP A 824 12.60 0.79 49.93
CA ASP A 824 11.52 -0.02 50.46
C ASP A 824 10.27 0.06 49.58
N ASP A 825 9.91 1.27 49.15
CA ASP A 825 8.70 1.41 48.35
C ASP A 825 8.82 0.67 47.02
N PHE A 826 9.98 0.77 46.37
CA PHE A 826 10.17 0.04 45.12
C PHE A 826 10.21 -1.46 45.35
N LEU A 827 10.80 -1.90 46.47
CA LEU A 827 10.79 -3.33 46.78
C LEU A 827 9.38 -3.85 46.98
N TRP A 828 8.54 -3.10 47.69
CA TRP A 828 7.17 -3.51 47.90
C TRP A 828 6.39 -3.52 46.59
N GLN A 829 6.62 -2.54 45.72
CA GLN A 829 5.97 -2.53 44.42
C GLN A 829 6.42 -3.73 43.58
N GLU A 830 7.71 -4.07 43.62
CA GLU A 830 8.20 -5.21 42.87
C GLU A 830 7.59 -6.51 43.39
N SER A 831 7.43 -6.63 44.71
CA SER A 831 6.77 -7.80 45.27
C SER A 831 5.31 -7.86 44.84
N ALA A 832 4.62 -6.72 44.86
CA ALA A 832 3.23 -6.69 44.41
C ALA A 832 3.13 -7.08 42.94
N LEU A 833 4.17 -6.78 42.14
CA LEU A 833 4.14 -7.13 40.73
C LEU A 833 3.84 -8.61 40.50
N VAL A 834 4.33 -9.47 41.39
CA VAL A 834 4.07 -10.91 41.26
C VAL A 834 2.91 -11.30 42.17
N LEU A 835 2.64 -10.49 43.21
CA LEU A 835 1.51 -10.79 44.08
C LEU A 835 0.18 -10.68 43.34
N LEU A 836 0.02 -9.65 42.49
CA LEU A 836 -1.19 -9.56 41.68
C LEU A 836 -1.35 -10.79 40.79
N LYS A 837 -0.26 -11.35 40.28
CA LYS A 837 -0.34 -12.54 39.45
C LYS A 837 -0.62 -13.79 40.27
N LEU A 838 -0.21 -13.81 41.54
CA LEU A 838 -0.47 -14.96 42.42
C LEU A 838 -1.83 -14.87 43.09
N LEU A 839 -2.12 -13.74 43.74
CA LEU A 839 -3.35 -13.61 44.52
C LEU A 839 -4.58 -13.57 43.62
N ARG A 840 -4.51 -12.84 42.51
CA ARG A 840 -5.65 -12.68 41.59
C ARG A 840 -5.20 -12.98 40.17
N PRO A 841 -4.95 -14.26 39.86
CA PRO A 841 -4.51 -14.60 38.49
C PRO A 841 -5.61 -14.47 37.44
N GLN A 842 -6.88 -14.37 37.85
CA GLN A 842 -7.97 -14.35 36.89
C GLN A 842 -7.89 -13.13 35.98
N ILE A 843 -7.61 -11.96 36.55
CA ILE A 843 -7.59 -10.71 35.79
C ILE A 843 -6.20 -10.11 35.67
N PHE A 844 -5.18 -10.73 36.25
CA PHE A 844 -3.83 -10.15 36.27
C PHE A 844 -2.79 -11.06 35.65
N GLU A 845 -3.20 -12.18 35.03
CA GLU A 845 -2.30 -13.00 34.25
C GLU A 845 -2.46 -12.82 32.76
N SER A 846 -3.64 -12.41 32.31
CA SER A 846 -3.84 -12.11 30.89
C SER A 846 -2.98 -10.92 30.47
N VAL A 847 -2.90 -9.90 31.31
CA VAL A 847 -2.08 -8.74 31.00
C VAL A 847 -0.60 -9.11 31.08
N ALA A 848 0.20 -8.46 30.24
CA ALA A 848 1.63 -8.71 30.24
C ALA A 848 2.29 -8.03 31.43
N MET A 849 3.52 -8.47 31.73
CA MET A 849 4.27 -7.86 32.82
C MET A 849 4.56 -6.40 32.54
N GLN A 850 4.91 -6.07 31.30
CA GLN A 850 5.19 -4.68 30.95
C GLN A 850 3.96 -3.80 31.11
N GLU A 851 2.77 -4.34 30.77
CA GLU A 851 1.55 -3.58 31.00
C GLU A 851 1.22 -3.47 32.48
N LEU A 852 1.56 -4.49 33.26
CA LEU A 852 1.36 -4.44 34.70
C LEU A 852 2.32 -3.49 35.39
N ARG A 853 3.43 -3.14 34.74
CA ARG A 853 4.34 -2.15 35.29
C ARG A 853 3.70 -0.78 35.33
N ALA A 854 2.93 -0.43 34.29
CA ALA A 854 2.27 0.87 34.26
C ALA A 854 1.20 0.99 35.33
N LEU A 855 0.59 -0.13 35.74
CA LEU A 855 -0.43 -0.08 36.77
C LEU A 855 0.16 0.28 38.13
N VAL A 856 1.39 -0.16 38.41
CA VAL A 856 2.01 0.08 39.71
C VAL A 856 2.92 1.30 39.72
N SER A 857 3.47 1.69 38.58
CA SER A 857 4.39 2.82 38.52
C SER A 857 3.69 4.17 38.56
N THR A 858 2.37 4.21 38.44
CA THR A 858 1.65 5.47 38.49
C THR A 858 1.58 5.99 39.92
N GLU A 859 1.24 7.27 40.04
CA GLU A 859 1.12 7.89 41.36
C GLU A 859 -0.13 7.43 42.11
N SER A 860 -1.08 6.78 41.43
CA SER A 860 -2.29 6.31 42.07
C SER A 860 -2.04 5.13 43.01
N SER A 861 -0.87 4.49 42.93
CA SER A 861 -0.53 3.41 43.84
C SER A 861 -0.33 3.98 45.24
N LYS A 862 -1.30 3.76 46.12
CA LYS A 862 -1.30 4.36 47.46
C LYS A 862 -0.62 3.41 48.44
N LEU A 863 0.70 3.29 48.29
CA LEU A 863 1.52 2.50 49.20
C LEU A 863 1.70 3.29 50.48
N THR A 864 0.74 3.13 51.40
CA THR A 864 0.74 3.85 52.67
C THR A 864 0.68 2.84 53.81
N THR A 865 1.58 3.01 54.79
CA THR A 865 1.60 2.15 55.97
C THR A 865 0.47 2.57 56.90
N TYR A 866 -0.64 1.84 56.84
CA TYR A 866 -1.80 2.17 57.64
C TYR A 866 -1.51 1.98 59.13
N VAL A 867 -2.05 2.87 59.95
CA VAL A 867 -1.87 2.83 61.39
C VAL A 867 -3.01 2.00 61.99
N THR A 868 -2.74 1.40 63.15
CA THR A 868 -3.74 0.57 63.80
C THR A 868 -4.99 1.39 64.13
N GLY A 869 -6.16 0.79 63.87
CA GLY A 869 -7.41 1.46 64.11
C GLY A 869 -7.92 2.31 62.96
N GLU A 870 -7.15 2.44 61.87
CA GLU A 870 -7.57 3.24 60.74
C GLU A 870 -8.54 2.45 59.87
N SER A 871 -9.08 3.10 58.84
CA SER A 871 -10.05 2.50 57.94
C SER A 871 -9.49 2.50 56.51
N ILE A 872 -9.55 1.34 55.86
CA ILE A 872 -9.13 1.19 54.48
C ILE A 872 -10.38 1.16 53.61
N GLU A 873 -10.47 2.07 52.65
CA GLU A 873 -11.60 2.18 51.75
C GLU A 873 -11.17 1.80 50.34
N ILE A 874 -11.91 0.89 49.72
CA ILE A 874 -11.62 0.41 48.37
C ILE A 874 -12.73 0.88 47.45
N ASP A 875 -12.35 1.58 46.38
CA ASP A 875 -13.33 2.11 45.44
C ASP A 875 -13.88 0.98 44.56
N CYS A 876 -14.96 1.30 43.84
CA CYS A 876 -15.57 0.33 42.95
C CYS A 876 -14.64 -0.07 41.81
N ASN A 877 -13.90 0.89 41.26
CA ASN A 877 -12.94 0.63 40.21
C ASN A 877 -11.50 0.54 40.74
N SER A 878 -11.35 0.05 41.96
CA SER A 878 -10.04 -0.08 42.60
C SER A 878 -9.93 -1.45 43.26
N ILE A 879 -8.70 -1.93 43.36
CA ILE A 879 -8.41 -3.22 43.98
C ILE A 879 -7.28 -3.03 44.98
N GLY A 880 -7.50 -3.47 46.22
CA GLY A 880 -6.51 -3.33 47.28
C GLY A 880 -5.76 -4.62 47.52
N LEU A 881 -4.48 -4.48 47.85
CA LEU A 881 -3.61 -5.62 48.15
C LEU A 881 -2.94 -5.40 49.49
N LEU A 882 -2.83 -6.47 50.27
CA LEU A 882 -2.22 -6.43 51.59
C LEU A 882 -0.78 -6.92 51.52
N LEU A 883 0.13 -6.13 52.07
CA LEU A 883 1.54 -6.51 52.13
C LEU A 883 1.96 -7.06 53.48
N GLU A 884 1.32 -6.61 54.56
CA GLU A 884 1.62 -7.11 55.90
C GLU A 884 0.45 -6.76 56.80
N GLY A 885 0.44 -7.37 57.99
CA GLY A 885 -0.56 -7.07 58.98
C GLY A 885 -1.89 -7.74 58.71
N PHE A 886 -2.88 -7.33 59.51
CA PHE A 886 -4.23 -7.87 59.43
C PHE A 886 -5.23 -6.74 59.20
N VAL A 887 -6.29 -7.04 58.45
CA VAL A 887 -7.32 -6.08 58.10
C VAL A 887 -8.68 -6.71 58.38
N LYS A 888 -9.59 -5.94 59.00
CA LYS A 888 -10.91 -6.42 59.38
C LYS A 888 -11.97 -5.78 58.50
N PRO A 889 -12.93 -6.56 58.00
CA PRO A 889 -14.00 -5.99 57.18
C PRO A 889 -14.96 -5.15 58.01
N VAL A 890 -15.66 -4.25 57.32
CA VAL A 890 -16.65 -3.37 57.92
C VAL A 890 -18.04 -3.81 57.45
N GLY A 891 -18.95 -4.00 58.41
CA GLY A 891 -20.29 -4.42 58.09
C GLY A 891 -20.44 -5.88 57.72
N ILE A 892 -19.41 -6.69 57.94
CA ILE A 892 -19.40 -8.10 57.58
C ILE A 892 -19.05 -8.90 58.85
N LYS A 893 -19.41 -10.18 58.83
CA LYS A 893 -19.11 -11.07 59.95
C LYS A 893 -17.63 -11.01 60.31
N GLU A 894 -17.34 -11.29 61.58
CA GLU A 894 -15.99 -11.13 62.13
C GLU A 894 -15.08 -12.23 61.58
N GLU A 895 -14.66 -12.04 60.33
CA GLU A 895 -13.72 -12.94 59.67
C GLU A 895 -12.44 -12.14 59.41
N LEU A 896 -11.44 -12.33 60.25
CA LEU A 896 -10.20 -11.57 60.13
C LEU A 896 -9.43 -11.98 58.89
N ILE A 897 -8.95 -10.99 58.15
CA ILE A 897 -8.12 -11.22 56.96
C ILE A 897 -6.67 -11.06 57.36
N SER A 898 -5.79 -11.73 56.62
CA SER A 898 -4.37 -11.81 56.96
C SER A 898 -3.54 -11.34 55.77
N SER A 899 -2.23 -11.59 55.86
CA SER A 899 -1.25 -11.19 54.85
C SER A 899 -1.56 -11.95 53.55
N PRO A 900 -0.84 -11.71 52.43
CA PRO A 900 -1.51 -11.68 51.14
C PRO A 900 -3.00 -11.33 51.19
N ALA A 901 -3.82 -12.08 50.47
CA ALA A 901 -5.25 -11.83 50.32
C ALA A 901 -5.50 -10.51 49.58
N ALA A 902 -6.66 -10.41 48.92
CA ALA A 902 -6.99 -9.26 48.11
C ALA A 902 -8.33 -8.68 48.53
N LEU A 903 -8.48 -7.37 48.34
CA LEU A 903 -9.69 -6.65 48.68
C LEU A 903 -10.45 -6.30 47.41
N SER A 904 -11.76 -6.56 47.41
CA SER A 904 -12.60 -6.28 46.26
C SER A 904 -13.81 -5.46 46.69
N PRO A 905 -14.34 -4.63 45.80
CA PRO A 905 -15.53 -3.84 46.14
C PRO A 905 -16.71 -4.74 46.50
N SER A 906 -17.52 -4.27 47.46
CA SER A 906 -18.70 -5.03 47.86
C SER A 906 -19.71 -5.13 46.72
N ASN A 907 -19.89 -4.05 45.97
CA ASN A 907 -20.84 -4.05 44.86
C ASN A 907 -20.20 -4.61 43.60
N ALA A 930 -16.06 -5.41 49.99
CA ALA A 930 -16.21 -4.46 51.10
C ALA A 930 -15.62 -3.10 50.74
N THR A 931 -16.47 -2.08 50.70
CA THR A 931 -16.01 -0.73 50.39
C THR A 931 -15.24 -0.10 51.54
N GLN A 932 -15.31 -0.67 52.74
CA GLN A 932 -14.60 -0.15 53.90
C GLN A 932 -13.96 -1.31 54.66
N TYR A 933 -12.88 -1.01 55.37
CA TYR A 933 -12.14 -2.02 56.12
C TYR A 933 -11.67 -1.41 57.43
N ILE A 934 -11.21 -2.28 58.34
CA ILE A 934 -10.70 -1.88 59.64
C ILE A 934 -9.27 -2.39 59.77
N VAL A 935 -8.35 -1.49 60.11
CA VAL A 935 -6.94 -1.84 60.26
C VAL A 935 -6.72 -2.30 61.69
N GLU A 936 -6.35 -3.57 61.85
CA GLU A 936 -6.16 -4.12 63.19
C GLU A 936 -4.77 -3.77 63.74
N THR A 937 -3.73 -4.21 63.06
CA THR A 937 -2.34 -3.94 63.44
C THR A 937 -1.67 -3.14 62.33
N ARG A 938 -0.36 -2.93 62.49
CA ARG A 938 0.40 -2.21 61.46
C ARG A 938 0.35 -2.98 60.15
N ALA A 939 0.02 -2.27 59.07
CA ALA A 939 -0.20 -2.91 57.79
C ALA A 939 0.24 -2.00 56.66
N ARG A 940 0.62 -2.61 55.54
CA ARG A 940 0.95 -1.90 54.32
C ARG A 940 -0.01 -2.36 53.21
N ALA A 941 -0.65 -1.41 52.56
CA ALA A 941 -1.63 -1.70 51.52
C ALA A 941 -1.39 -0.83 50.31
N ILE A 942 -1.78 -1.34 49.15
CA ILE A 942 -1.64 -0.63 47.88
C ILE A 942 -2.98 -0.69 47.16
N ILE A 943 -3.43 0.45 46.64
CA ILE A 943 -4.70 0.56 45.92
C ILE A 943 -4.39 0.86 44.45
N PHE A 944 -4.94 0.03 43.56
CA PHE A 944 -4.73 0.16 42.13
C PHE A 944 -5.99 0.72 41.46
N ASN A 945 -5.94 0.78 40.14
CA ASN A 945 -7.07 1.24 39.33
C ASN A 945 -7.56 0.09 38.46
N ILE A 946 -8.88 -0.13 38.47
CA ILE A 946 -9.57 -1.21 37.74
C ILE A 946 -8.76 -2.50 37.68
N HIS A 981 -8.41 -7.47 21.41
CA HIS A 981 -8.68 -8.83 20.98
C HIS A 981 -9.99 -8.91 20.21
N ARG A 982 -9.92 -9.49 19.00
CA ARG A 982 -11.09 -9.56 18.14
C ARG A 982 -12.14 -10.50 18.73
N GLY A 983 -13.41 -10.19 18.43
CA GLY A 983 -14.51 -11.00 18.91
C GLY A 983 -14.95 -12.07 17.93
N LEU A 984 -13.99 -12.61 17.18
CA LEU A 984 -14.31 -13.69 16.24
C LEU A 984 -14.69 -14.96 16.98
N MET A 985 -14.16 -15.17 18.19
CA MET A 985 -14.48 -16.38 18.95
C MET A 985 -15.98 -16.45 19.26
N SER A 986 -16.57 -15.33 19.64
CA SER A 986 -18.01 -15.23 19.89
C SER A 986 -18.54 -14.03 19.12
N TRP A 987 -18.83 -14.23 17.84
CA TRP A 987 -19.37 -13.15 17.01
C TRP A 987 -20.86 -12.93 17.24
N PRO A 988 -21.72 -13.95 17.10
CA PRO A 988 -23.17 -13.70 17.18
C PRO A 988 -23.68 -13.41 18.59
N GLU A 989 -22.83 -13.48 19.61
CA GLU A 989 -23.26 -13.28 20.99
C GLU A 989 -22.68 -12.04 21.64
N ASN A 990 -21.42 -11.70 21.35
CA ASN A 990 -20.80 -10.54 21.99
C ASN A 990 -21.37 -9.21 21.49
N ILE A 991 -22.02 -9.21 20.33
CA ILE A 991 -22.59 -7.98 19.79
C ILE A 991 -23.83 -7.59 20.58
N SER A 1005 -33.90 4.34 24.30
CA SER A 1005 -34.05 5.63 24.95
C SER A 1005 -34.40 6.71 23.93
N LEU A 1006 -34.22 7.97 24.32
CA LEU A 1006 -34.48 9.10 23.44
C LEU A 1006 -33.23 9.92 23.11
N SER A 1007 -32.35 10.15 24.09
CA SER A 1007 -31.11 10.85 23.78
C SER A 1007 -30.23 10.02 22.84
N GLU A 1008 -30.12 8.71 23.08
CA GLU A 1008 -29.37 7.85 22.18
C GLU A 1008 -30.03 7.77 20.81
N ARG A 1009 -31.36 7.77 20.77
CA ARG A 1009 -32.05 7.79 19.48
C ARG A 1009 -31.78 9.08 18.73
N ALA A 1010 -31.74 10.22 19.44
CA ALA A 1010 -31.42 11.48 18.80
C ALA A 1010 -29.98 11.49 18.29
N MET A 1011 -29.06 10.94 19.06
CA MET A 1011 -27.67 10.82 18.59
C MET A 1011 -27.60 9.96 17.32
N GLN A 1012 -28.35 8.85 17.30
CA GLN A 1012 -28.35 7.97 16.14
C GLN A 1012 -28.95 8.68 14.93
N LEU A 1013 -30.03 9.44 15.13
CA LEU A 1013 -30.72 10.10 14.03
C LEU A 1013 -29.99 11.34 13.55
N SER A 1014 -29.10 11.91 14.37
CA SER A 1014 -28.44 13.16 14.01
C SER A 1014 -27.39 12.96 12.93
N ILE A 1015 -26.79 11.77 12.86
CA ILE A 1015 -25.66 11.52 11.98
C ILE A 1015 -26.10 10.90 10.65
N PHE A 1016 -26.97 9.90 10.69
CA PHE A 1016 -27.41 9.21 9.48
C PHE A 1016 -28.72 9.74 8.92
N GLY A 1017 -29.42 10.61 9.66
CA GLY A 1017 -30.72 11.08 9.22
C GLY A 1017 -31.85 10.08 9.36
N SER A 1018 -31.58 8.91 9.93
CA SER A 1018 -32.60 7.88 10.11
C SER A 1018 -32.10 6.91 11.19
N MET A 1019 -32.88 5.88 11.45
CA MET A 1019 -32.52 4.86 12.43
C MET A 1019 -31.94 3.65 11.71
N VAL A 1020 -30.67 3.80 11.33
CA VAL A 1020 -29.93 2.74 10.63
C VAL A 1020 -28.64 2.51 11.39
N ASN A 1021 -28.53 1.38 12.07
CA ASN A 1021 -27.32 1.03 12.81
C ASN A 1021 -27.27 -0.48 13.08
N LYS B 2 29.35 -22.14 -35.91
CA LYS B 2 29.45 -20.79 -36.45
C LYS B 2 28.16 -20.39 -37.16
N LEU B 3 27.55 -19.30 -36.71
CA LEU B 3 26.33 -18.76 -37.29
C LEU B 3 26.61 -17.37 -37.84
N GLU B 4 25.56 -16.71 -38.33
CA GLU B 4 25.71 -15.37 -38.92
C GLU B 4 24.42 -14.58 -38.66
N SER B 5 24.44 -13.80 -37.58
CA SER B 5 23.39 -12.81 -37.29
C SER B 5 21.99 -13.43 -37.32
N SER B 6 21.84 -14.55 -36.63
CA SER B 6 20.51 -15.13 -36.48
C SER B 6 19.63 -14.19 -35.67
N PRO B 7 18.36 -14.02 -36.06
CA PRO B 7 17.51 -13.01 -35.40
C PRO B 7 17.37 -13.18 -33.90
N VAL B 8 17.74 -14.35 -33.34
CA VAL B 8 17.71 -14.54 -31.90
C VAL B 8 18.77 -13.68 -31.20
N ASP B 9 19.75 -13.17 -31.94
CA ASP B 9 20.80 -12.36 -31.33
C ASP B 9 20.31 -10.98 -30.89
N ALA B 10 19.15 -10.54 -31.39
CA ALA B 10 18.56 -9.31 -30.88
C ALA B 10 18.17 -9.46 -29.42
N VAL B 11 17.70 -10.64 -29.02
CA VAL B 11 17.41 -10.91 -27.62
C VAL B 11 18.68 -10.81 -26.79
N LEU B 12 19.79 -11.36 -27.31
CA LEU B 12 21.08 -11.19 -26.66
C LEU B 12 21.40 -9.71 -26.48
N PHE B 13 21.24 -8.92 -27.54
CA PHE B 13 21.60 -7.52 -27.46
C PHE B 13 20.77 -6.79 -26.41
N VAL B 14 19.45 -7.01 -26.41
CA VAL B 14 18.61 -6.28 -25.47
C VAL B 14 18.88 -6.73 -24.04
N GLY B 15 19.06 -8.03 -23.81
CA GLY B 15 19.35 -8.50 -22.47
C GLY B 15 20.69 -8.01 -21.95
N MET B 16 21.73 -8.07 -22.79
CA MET B 16 23.04 -7.57 -22.39
C MET B 16 23.03 -6.07 -22.14
N SER B 17 22.28 -5.33 -22.97
CA SER B 17 22.17 -3.90 -22.75
C SER B 17 21.44 -3.59 -21.45
N LEU B 18 20.38 -4.34 -21.13
CA LEU B 18 19.69 -4.15 -19.86
C LEU B 18 20.61 -4.45 -18.68
N VAL B 19 21.40 -5.53 -18.77
CA VAL B 19 22.32 -5.86 -17.70
C VAL B 19 23.36 -4.76 -17.53
N LEU B 20 23.91 -4.26 -18.63
CA LEU B 20 24.90 -3.20 -18.56
C LEU B 20 24.31 -1.91 -17.99
N GLY B 21 23.08 -1.59 -18.38
CA GLY B 21 22.44 -0.40 -17.84
C GLY B 21 22.17 -0.52 -16.35
N ILE B 22 21.71 -1.69 -15.91
CA ILE B 22 21.50 -1.91 -14.48
C ILE B 22 22.81 -1.78 -13.72
N ALA B 23 23.88 -2.37 -14.25
CA ALA B 23 25.18 -2.28 -13.59
C ALA B 23 25.68 -0.84 -13.53
N SER B 24 25.50 -0.08 -14.62
CA SER B 24 25.94 1.32 -14.63
C SER B 24 25.13 2.16 -13.66
N ARG B 25 23.81 1.94 -13.61
CA ARG B 25 22.98 2.67 -12.65
C ARG B 25 23.36 2.34 -11.22
N HIS B 26 23.64 1.07 -10.95
CA HIS B 26 23.99 0.65 -9.60
C HIS B 26 25.35 1.23 -9.18
N LEU B 27 26.36 1.12 -10.05
CA LEU B 27 27.69 1.55 -9.67
C LEU B 27 27.79 3.08 -9.61
N LEU B 28 27.13 3.77 -10.54
CA LEU B 28 27.17 5.24 -10.59
C LEU B 28 25.87 5.76 -9.98
N ARG B 29 25.85 5.85 -8.65
CA ARG B 29 24.71 6.37 -7.91
C ARG B 29 25.05 7.68 -7.22
N GLY B 30 26.10 7.70 -6.40
CA GLY B 30 26.56 8.93 -5.77
C GLY B 30 27.57 9.71 -6.58
N THR B 31 28.10 9.12 -7.65
CA THR B 31 29.07 9.81 -8.48
C THR B 31 28.40 10.90 -9.30
N ARG B 32 29.21 11.89 -9.72
CA ARG B 32 28.71 12.99 -10.52
C ARG B 32 28.23 12.53 -11.88
N VAL B 33 28.97 11.63 -12.51
CA VAL B 33 28.65 11.20 -13.88
C VAL B 33 27.37 10.35 -13.87
N PRO B 34 26.46 10.56 -14.81
CA PRO B 34 25.28 9.67 -14.90
C PRO B 34 25.66 8.32 -15.48
N TYR B 35 24.73 7.38 -15.34
CA TYR B 35 24.93 6.06 -15.94
C TYR B 35 24.78 6.08 -17.45
N THR B 36 24.08 7.08 -18.00
CA THR B 36 23.85 7.13 -19.43
C THR B 36 25.13 7.43 -20.20
N VAL B 37 26.02 8.26 -19.64
CA VAL B 37 27.29 8.51 -20.32
C VAL B 37 28.15 7.26 -20.30
N ALA B 38 28.09 6.48 -19.22
CA ALA B 38 28.80 5.21 -19.19
C ALA B 38 28.23 4.23 -20.21
N LEU B 39 26.90 4.22 -20.37
CA LEU B 39 26.29 3.39 -21.41
C LEU B 39 26.74 3.81 -22.79
N LEU B 40 26.81 5.12 -23.03
CA LEU B 40 27.27 5.62 -24.33
C LEU B 40 28.73 5.23 -24.58
N VAL B 41 29.57 5.32 -23.54
CA VAL B 41 30.97 4.95 -23.69
C VAL B 41 31.09 3.45 -23.98
N ILE B 42 30.30 2.64 -23.29
CA ILE B 42 30.34 1.19 -23.52
C ILE B 42 29.90 0.87 -24.94
N GLY B 43 28.84 1.53 -25.42
CA GLY B 43 28.42 1.31 -26.80
C GLY B 43 29.47 1.76 -27.80
N ILE B 44 30.13 2.88 -27.52
CA ILE B 44 31.21 3.36 -28.39
C ILE B 44 32.33 2.32 -28.46
N ALA B 45 32.73 1.80 -27.30
CA ALA B 45 33.82 0.81 -27.27
C ALA B 45 33.42 -0.46 -28.01
N LEU B 46 32.19 -0.94 -27.80
CA LEU B 46 31.74 -2.15 -28.47
C LEU B 46 31.71 -1.96 -29.97
N GLY B 47 31.08 -0.88 -30.44
CA GLY B 47 31.05 -0.62 -31.87
C GLY B 47 32.43 -0.45 -32.46
N SER B 48 33.33 0.19 -31.72
CA SER B 48 34.69 0.40 -32.21
C SER B 48 35.41 -0.92 -32.40
N LEU B 49 35.42 -1.77 -31.36
CA LEU B 49 36.13 -3.03 -31.47
C LEU B 49 35.39 -4.05 -32.33
N GLU B 50 34.15 -3.78 -32.72
CA GLU B 50 33.43 -4.71 -33.59
C GLU B 50 33.44 -4.27 -35.06
N TYR B 51 33.62 -2.99 -35.34
CA TYR B 51 33.66 -2.48 -36.71
C TYR B 51 35.04 -1.99 -37.12
N GLY B 52 35.63 -1.07 -36.36
CA GLY B 52 36.94 -0.55 -36.71
C GLY B 52 38.06 -1.56 -36.57
N ALA B 53 37.87 -2.59 -35.74
CA ALA B 53 38.82 -3.68 -35.60
C ALA B 53 38.31 -5.00 -36.15
N LYS B 54 37.00 -5.12 -36.38
CA LYS B 54 36.40 -6.33 -36.93
C LYS B 54 36.73 -7.56 -36.09
N HIS B 55 36.73 -7.39 -34.78
CA HIS B 55 36.98 -8.52 -33.88
C HIS B 55 35.83 -9.52 -33.95
N ASN B 56 36.16 -10.79 -33.75
CA ASN B 56 35.17 -11.86 -33.76
C ASN B 56 34.48 -11.88 -32.40
N LEU B 57 33.39 -11.13 -32.28
CA LEU B 57 32.62 -11.07 -31.04
C LEU B 57 31.64 -12.23 -30.90
N GLY B 58 31.53 -13.09 -31.90
CA GLY B 58 30.59 -14.19 -31.82
C GLY B 58 29.16 -13.70 -31.88
N LYS B 59 28.30 -14.33 -31.06
CA LYS B 59 26.90 -13.96 -31.05
C LYS B 59 26.66 -12.56 -30.48
N ILE B 60 27.61 -12.03 -29.70
CA ILE B 60 27.48 -10.67 -29.19
C ILE B 60 27.53 -9.67 -30.33
N GLY B 61 28.51 -9.83 -31.23
CA GLY B 61 28.60 -8.97 -32.39
C GLY B 61 27.43 -9.14 -33.35
N HIS B 62 26.87 -10.35 -33.42
CA HIS B 62 25.75 -10.60 -34.32
C HIS B 62 24.54 -9.76 -33.93
N GLY B 63 24.24 -9.67 -32.63
CA GLY B 63 23.15 -8.82 -32.19
C GLY B 63 23.43 -7.36 -32.45
N ILE B 64 24.69 -6.94 -32.30
CA ILE B 64 25.06 -5.56 -32.60
C ILE B 64 24.78 -5.24 -34.06
N ARG B 65 25.21 -6.14 -34.96
CA ARG B 65 24.96 -5.92 -36.38
C ARG B 65 23.47 -5.97 -36.71
N ILE B 66 22.70 -6.85 -36.05
CA ILE B 66 21.27 -6.91 -36.28
C ILE B 66 20.61 -5.59 -35.88
N TRP B 67 20.99 -5.04 -34.73
CA TRP B 67 20.40 -3.78 -34.28
C TRP B 67 20.92 -2.60 -35.09
N ASN B 68 22.07 -2.75 -35.76
CA ASN B 68 22.64 -1.65 -36.51
C ASN B 68 21.75 -1.18 -37.65
N GLU B 69 21.03 -2.10 -38.32
CA GLU B 69 20.15 -1.74 -39.42
C GLU B 69 18.70 -1.57 -38.98
N ILE B 70 18.49 -1.05 -37.76
CA ILE B 70 17.14 -0.72 -37.32
C ILE B 70 16.57 0.38 -38.20
N ASP B 71 15.31 0.24 -38.57
CA ASP B 71 14.66 1.21 -39.44
C ASP B 71 14.59 2.57 -38.74
N PRO B 72 14.85 3.66 -39.46
CA PRO B 72 14.69 4.99 -38.83
C PRO B 72 13.28 5.25 -38.33
N GLU B 73 12.27 4.77 -39.07
CA GLU B 73 10.89 4.96 -38.64
C GLU B 73 10.53 4.04 -37.48
N LEU B 74 10.96 2.78 -37.53
CA LEU B 74 10.66 1.84 -36.46
C LEU B 74 11.34 2.25 -35.15
N LEU B 75 12.56 2.77 -35.24
CA LEU B 75 13.29 3.19 -34.05
C LEU B 75 12.53 4.28 -33.30
N LEU B 76 11.98 5.26 -34.03
CA LEU B 76 11.18 6.30 -33.38
C LEU B 76 9.81 5.79 -32.99
N ALA B 77 9.25 4.82 -33.73
CA ALA B 77 7.93 4.30 -33.39
C ALA B 77 7.97 3.49 -32.10
N VAL B 78 9.08 2.83 -31.81
CA VAL B 78 9.17 1.97 -30.64
C VAL B 78 9.75 2.70 -29.44
N PHE B 79 10.80 3.50 -29.63
CA PHE B 79 11.58 4.03 -28.53
C PHE B 79 11.18 5.43 -28.09
N LEU B 80 10.57 6.22 -28.97
CA LEU B 80 10.20 7.58 -28.59
C LEU B 80 8.94 7.60 -27.73
N PRO B 81 7.90 6.81 -28.02
CA PRO B 81 6.80 6.70 -27.05
C PRO B 81 7.24 6.22 -25.68
N ALA B 82 8.25 5.34 -25.63
CA ALA B 82 8.74 4.85 -24.36
C ALA B 82 9.43 5.96 -23.57
N LEU B 83 10.18 6.83 -24.25
CA LEU B 83 10.96 7.84 -23.56
C LEU B 83 10.08 8.92 -22.94
N LEU B 84 9.01 9.31 -23.64
CA LEU B 84 8.29 10.53 -23.30
C LEU B 84 6.88 10.29 -22.78
N PHE B 85 6.42 9.05 -22.66
CA PHE B 85 5.09 8.81 -22.11
C PHE B 85 5.08 9.06 -20.61
N GLU B 86 6.08 8.54 -19.89
CA GLU B 86 6.08 8.65 -18.43
C GLU B 86 6.32 10.09 -17.99
N SER B 87 7.16 10.84 -18.70
CA SER B 87 7.38 12.23 -18.35
C SER B 87 6.09 13.04 -18.48
N SER B 88 5.32 12.78 -19.53
CA SER B 88 4.02 13.43 -19.66
C SER B 88 3.02 12.85 -18.67
N PHE B 89 3.10 11.55 -18.41
CA PHE B 89 2.17 10.91 -17.48
C PHE B 89 2.43 11.35 -16.04
N SER B 90 3.71 11.38 -15.64
CA SER B 90 4.08 11.79 -14.28
C SER B 90 4.22 13.31 -14.23
N MET B 91 3.08 13.98 -14.41
CA MET B 91 3.00 15.43 -14.40
C MET B 91 1.86 15.87 -13.51
N GLU B 92 2.10 16.94 -12.73
CA GLU B 92 1.11 17.47 -11.81
C GLU B 92 0.41 18.63 -12.49
N VAL B 93 -0.78 18.37 -13.04
CA VAL B 93 -1.51 19.40 -13.77
C VAL B 93 -1.90 20.55 -12.84
N HIS B 94 -2.28 20.24 -11.60
CA HIS B 94 -2.59 21.30 -10.63
C HIS B 94 -1.38 22.18 -10.33
N GLN B 95 -0.17 21.72 -10.61
CA GLN B 95 1.04 22.51 -10.47
C GLN B 95 1.50 23.15 -11.78
N ILE B 96 1.22 22.50 -12.92
CA ILE B 96 1.53 23.07 -14.21
C ILE B 96 0.53 24.18 -14.58
N LYS B 97 -0.66 24.15 -13.97
CA LYS B 97 -1.64 25.20 -14.21
C LYS B 97 -1.18 26.56 -13.70
N ARG B 98 -0.23 26.58 -12.77
CA ARG B 98 0.26 27.83 -12.20
C ARG B 98 1.43 28.43 -12.96
N CYS B 99 2.03 27.70 -13.90
CA CYS B 99 3.13 28.21 -14.70
C CYS B 99 3.03 27.77 -16.15
N LEU B 100 1.80 27.52 -16.62
CA LEU B 100 1.56 27.30 -18.04
C LEU B 100 2.21 28.38 -18.90
N GLY B 101 1.97 29.65 -18.57
CA GLY B 101 2.54 30.72 -19.37
C GLY B 101 4.05 30.75 -19.29
N GLN B 102 4.60 30.56 -18.09
CA GLN B 102 6.05 30.61 -17.93
C GLN B 102 6.74 29.52 -18.74
N MET B 103 6.12 28.36 -18.87
CA MET B 103 6.74 27.33 -19.71
C MET B 103 6.38 27.46 -21.19
N VAL B 104 5.23 28.04 -21.53
CA VAL B 104 4.89 28.25 -22.93
C VAL B 104 5.82 29.27 -23.57
N LEU B 105 6.14 30.35 -22.85
CA LEU B 105 7.17 31.27 -23.33
C LEU B 105 8.50 30.56 -23.53
N LEU B 106 8.81 29.60 -22.66
CA LEU B 106 9.99 28.76 -22.87
C LEU B 106 9.74 27.62 -23.85
N ALA B 107 8.48 27.30 -24.16
CA ALA B 107 8.19 26.18 -25.04
C ALA B 107 8.32 26.54 -26.51
N VAL B 108 7.42 27.39 -27.01
CA VAL B 108 7.43 27.73 -28.43
C VAL B 108 8.51 28.78 -28.72
N PRO B 109 8.46 29.98 -28.13
CA PRO B 109 9.50 30.98 -28.47
C PRO B 109 10.90 30.55 -28.08
N GLY B 110 11.05 29.83 -26.97
CA GLY B 110 12.38 29.39 -26.58
C GLY B 110 12.97 28.41 -27.56
N VAL B 111 12.18 27.42 -27.98
CA VAL B 111 12.66 26.46 -28.97
C VAL B 111 12.94 27.14 -30.29
N LEU B 112 12.07 28.06 -30.71
CA LEU B 112 12.29 28.77 -31.97
C LEU B 112 13.59 29.56 -31.94
N ILE B 113 13.82 30.33 -30.87
CA ILE B 113 15.02 31.13 -30.78
C ILE B 113 16.27 30.25 -30.72
N SER B 114 16.22 29.18 -29.92
CA SER B 114 17.39 28.30 -29.81
C SER B 114 17.69 27.64 -31.15
N THR B 115 16.66 27.15 -31.84
CA THR B 115 16.86 26.51 -33.14
C THR B 115 17.43 27.50 -34.15
N ALA B 116 16.87 28.72 -34.20
CA ALA B 116 17.36 29.71 -35.15
C ALA B 116 18.81 30.07 -34.87
N CYS B 117 19.15 30.32 -33.60
CA CYS B 117 20.51 30.71 -33.26
C CYS B 117 21.49 29.59 -33.58
N LEU B 118 21.17 28.36 -33.17
CA LEU B 118 22.08 27.25 -33.41
C LEU B 118 22.24 26.97 -34.89
N GLY B 119 21.14 27.00 -35.65
CA GLY B 119 21.22 26.75 -37.08
C GLY B 119 22.03 27.81 -37.80
N SER B 120 21.82 29.08 -37.45
CA SER B 120 22.60 30.14 -38.06
C SER B 120 24.07 30.00 -37.74
N LEU B 121 24.39 29.70 -36.47
CA LEU B 121 25.80 29.56 -36.08
C LEU B 121 26.47 28.40 -36.81
N VAL B 122 25.81 27.25 -36.89
CA VAL B 122 26.43 26.11 -37.55
C VAL B 122 26.54 26.33 -39.05
N LYS B 123 25.52 26.98 -39.65
CA LYS B 123 25.58 27.27 -41.08
C LYS B 123 26.73 28.22 -41.40
N VAL B 124 26.93 29.23 -40.56
CA VAL B 124 28.02 30.18 -40.79
C VAL B 124 29.38 29.53 -40.56
N THR B 125 29.49 28.69 -39.52
CA THR B 125 30.79 28.23 -39.07
C THR B 125 31.18 26.84 -39.58
N PHE B 126 30.27 25.89 -39.59
CA PHE B 126 30.64 24.50 -39.87
C PHE B 126 31.09 24.34 -41.32
N PRO B 127 32.30 23.83 -41.58
CA PRO B 127 32.83 23.74 -42.94
C PRO B 127 32.47 22.45 -43.67
N TYR B 128 31.19 22.10 -43.67
CA TYR B 128 30.71 20.90 -44.35
C TYR B 128 29.81 21.23 -45.53
N GLU B 129 29.81 22.49 -45.97
CA GLU B 129 28.96 22.95 -47.08
C GLU B 129 27.50 22.59 -46.82
N TRP B 130 27.08 22.76 -45.57
CA TRP B 130 25.75 22.34 -45.16
C TRP B 130 24.71 23.38 -45.57
N ASP B 131 23.60 22.91 -46.12
CA ASP B 131 22.51 23.78 -46.52
C ASP B 131 21.87 24.41 -45.27
N TRP B 132 21.08 25.46 -45.50
CA TRP B 132 20.34 26.07 -44.40
C TRP B 132 19.33 25.11 -43.82
N LYS B 133 18.70 24.29 -44.67
CA LYS B 133 17.71 23.33 -44.19
C LYS B 133 18.33 22.31 -43.24
N THR B 134 19.49 21.76 -43.61
CA THR B 134 20.10 20.74 -42.78
C THR B 134 20.73 21.34 -41.52
N SER B 135 21.26 22.56 -41.60
CA SER B 135 21.76 23.23 -40.41
C SER B 135 20.63 23.54 -39.43
N LEU B 136 19.48 23.98 -39.96
CA LEU B 136 18.33 24.21 -39.10
C LEU B 136 17.79 22.90 -38.53
N LEU B 137 17.90 21.80 -39.29
CA LEU B 137 17.54 20.49 -38.76
C LEU B 137 18.43 20.12 -37.58
N LEU B 138 19.74 20.33 -37.72
CA LEU B 138 20.66 20.03 -36.63
C LEU B 138 20.37 20.89 -35.41
N GLY B 139 20.08 22.18 -35.64
CA GLY B 139 19.73 23.05 -34.53
C GLY B 139 18.43 22.63 -33.85
N GLY B 140 17.43 22.22 -34.64
CA GLY B 140 16.16 21.83 -34.08
C GLY B 140 16.23 20.54 -33.26
N LEU B 141 16.97 19.55 -33.75
CA LEU B 141 17.09 18.30 -33.00
C LEU B 141 17.95 18.46 -31.76
N LEU B 142 18.87 19.43 -31.75
CA LEU B 142 19.72 19.66 -30.60
C LEU B 142 19.09 20.57 -29.56
N SER B 143 17.94 21.16 -29.84
CA SER B 143 17.22 21.98 -28.88
C SER B 143 16.32 21.15 -27.97
N ALA B 144 16.27 19.84 -28.16
CA ALA B 144 15.45 18.95 -27.34
C ALA B 144 16.20 18.59 -26.06
N THR B 145 15.52 18.69 -24.93
CA THR B 145 16.10 18.41 -23.63
C THR B 145 15.37 17.24 -22.98
N ASP B 146 16.14 16.25 -22.54
CA ASP B 146 15.56 15.02 -22.00
C ASP B 146 14.91 15.28 -20.66
N PRO B 147 13.62 15.00 -20.49
CA PRO B 147 13.02 15.14 -19.15
C PRO B 147 13.61 14.17 -18.13
N VAL B 148 14.03 12.98 -18.57
CA VAL B 148 14.57 12.00 -17.63
C VAL B 148 15.83 12.52 -16.97
N ALA B 149 16.74 13.08 -17.76
CA ALA B 149 18.00 13.59 -17.20
C ALA B 149 17.74 14.74 -16.23
N VAL B 150 16.85 15.67 -16.59
CA VAL B 150 16.63 16.81 -15.73
C VAL B 150 15.90 16.41 -14.44
N VAL B 151 14.96 15.47 -14.51
CA VAL B 151 14.31 15.04 -13.27
C VAL B 151 15.27 14.24 -12.40
N ALA B 152 16.18 13.47 -13.01
CA ALA B 152 17.19 12.78 -12.22
C ALA B 152 18.13 13.76 -11.55
N LEU B 153 18.50 14.83 -12.25
CA LEU B 153 19.40 15.82 -11.67
C LEU B 153 18.72 16.63 -10.57
N LEU B 154 17.46 17.02 -10.80
CA LEU B 154 16.78 17.90 -9.85
C LEU B 154 16.55 17.21 -8.51
N LYS B 155 16.23 15.92 -8.51
CA LYS B 155 16.08 15.19 -7.27
C LYS B 155 17.41 14.84 -6.62
N GLU B 156 18.51 14.94 -7.36
CA GLU B 156 19.82 14.62 -6.80
C GLU B 156 20.24 15.61 -5.72
N LEU B 157 19.97 16.90 -5.94
CA LEU B 157 20.38 17.93 -5.00
C LEU B 157 19.20 18.84 -4.70
N GLY B 158 19.26 19.49 -3.54
CA GLY B 158 18.17 20.32 -3.06
C GLY B 158 17.86 21.50 -3.94
N ALA B 159 16.69 21.47 -4.58
CA ALA B 159 16.20 22.57 -5.39
C ALA B 159 14.75 22.87 -4.99
N SER B 160 14.37 24.13 -5.13
CA SER B 160 13.03 24.53 -4.75
C SER B 160 11.98 23.88 -5.64
N LYS B 161 10.78 23.70 -5.09
CA LYS B 161 9.70 23.07 -5.84
C LYS B 161 9.33 23.89 -7.07
N LYS B 162 9.30 25.22 -6.92
CA LYS B 162 8.96 26.08 -8.05
C LYS B 162 9.98 25.92 -9.18
N LEU B 163 11.27 26.00 -8.84
CA LEU B 163 12.32 25.89 -9.85
C LEU B 163 12.34 24.52 -10.50
N SER B 164 12.18 23.45 -9.71
CA SER B 164 12.16 22.11 -10.26
C SER B 164 10.96 21.92 -11.20
N THR B 165 9.79 22.41 -10.81
CA THR B 165 8.62 22.32 -11.68
C THR B 165 8.85 23.09 -12.97
N ILE B 166 9.43 24.29 -12.88
CA ILE B 166 9.70 25.08 -14.07
C ILE B 166 10.65 24.33 -15.01
N ILE B 167 11.72 23.77 -14.46
CA ILE B 167 12.70 23.08 -15.29
C ILE B 167 12.09 21.84 -15.94
N GLU B 168 11.32 21.06 -15.17
CA GLU B 168 10.72 19.84 -15.73
C GLU B 168 9.72 20.16 -16.82
N GLY B 169 8.84 21.13 -16.57
CA GLY B 169 7.88 21.52 -17.59
C GLY B 169 8.56 22.08 -18.82
N GLU B 170 9.61 22.87 -18.62
CA GLU B 170 10.36 23.42 -19.75
C GLU B 170 10.98 22.30 -20.58
N SER B 171 11.56 21.30 -19.93
CA SER B 171 12.18 20.19 -20.66
C SER B 171 11.14 19.42 -21.47
N LEU B 172 9.99 19.13 -20.85
CA LEU B 172 8.96 18.37 -21.56
C LEU B 172 8.41 19.17 -22.74
N MET B 173 8.10 20.45 -22.52
CA MET B 173 7.60 21.28 -23.60
C MET B 173 8.65 21.48 -24.69
N ASN B 174 9.92 21.58 -24.31
CA ASN B 174 10.98 21.74 -25.29
C ASN B 174 11.10 20.51 -26.18
N ASP B 175 10.98 19.32 -25.59
CA ASP B 175 10.95 18.12 -26.42
C ASP B 175 9.74 18.14 -27.35
N GLY B 176 8.58 18.52 -26.82
CA GLY B 176 7.38 18.54 -27.65
C GLY B 176 7.50 19.47 -28.84
N THR B 177 8.09 20.65 -28.64
CA THR B 177 8.22 21.61 -29.74
C THR B 177 9.39 21.25 -30.66
N ALA B 178 10.49 20.74 -30.10
CA ALA B 178 11.64 20.38 -30.92
C ALA B 178 11.33 19.18 -31.82
N ILE B 179 10.43 18.29 -31.39
CA ILE B 179 10.02 17.20 -32.28
C ILE B 179 9.36 17.76 -33.54
N VAL B 180 8.46 18.73 -33.36
CA VAL B 180 7.79 19.35 -34.51
C VAL B 180 8.78 20.10 -35.37
N VAL B 181 9.70 20.85 -34.75
CA VAL B 181 10.69 21.60 -35.52
C VAL B 181 11.58 20.66 -36.33
N PHE B 182 12.04 19.58 -35.70
CA PHE B 182 12.87 18.60 -36.38
C PHE B 182 12.13 17.95 -37.53
N GLN B 183 10.86 17.58 -37.32
CA GLN B 183 10.09 16.98 -38.39
C GLN B 183 9.90 17.94 -39.56
N LEU B 184 9.63 19.22 -39.25
CA LEU B 184 9.46 20.21 -40.31
C LEU B 184 10.74 20.37 -41.13
N PHE B 185 11.88 20.51 -40.46
CA PHE B 185 13.12 20.71 -41.20
C PHE B 185 13.57 19.44 -41.90
N LEU B 186 13.20 18.26 -41.39
CA LEU B 186 13.52 17.03 -42.08
C LEU B 186 12.68 16.86 -43.33
N LYS B 187 11.40 17.23 -43.27
CA LYS B 187 10.57 17.21 -44.46
C LYS B 187 11.06 18.23 -45.48
N MET B 188 11.49 19.40 -45.01
CA MET B 188 12.05 20.39 -45.94
C MET B 188 13.33 19.87 -46.59
N ALA B 189 14.17 19.18 -45.83
CA ALA B 189 15.45 18.71 -46.37
C ALA B 189 15.29 17.58 -47.38
N MET B 190 14.17 16.85 -47.35
CA MET B 190 14.06 15.68 -48.22
C MET B 190 13.65 16.04 -49.65
N GLY B 191 12.42 16.51 -49.84
CA GLY B 191 11.96 16.81 -51.18
C GLY B 191 10.96 17.93 -51.30
N GLN B 192 10.69 18.65 -50.23
CA GLN B 192 9.55 19.55 -50.17
C GLN B 192 9.97 20.99 -50.38
N ASN B 193 9.17 21.72 -51.16
CA ASN B 193 9.45 23.13 -51.43
C ASN B 193 9.26 23.97 -50.18
N SER B 194 10.13 24.96 -50.01
CA SER B 194 10.09 25.83 -48.84
C SER B 194 9.25 27.09 -49.11
N ASP B 195 7.98 26.86 -49.41
CA ASP B 195 7.02 27.94 -49.57
C ASP B 195 6.18 28.07 -48.31
N TRP B 196 5.88 29.31 -47.94
CA TRP B 196 5.25 29.57 -46.65
C TRP B 196 3.89 28.91 -46.52
N SER B 197 3.15 28.78 -47.62
CA SER B 197 1.86 28.12 -47.56
C SER B 197 2.00 26.66 -47.16
N SER B 198 2.94 25.94 -47.80
CA SER B 198 3.16 24.54 -47.46
C SER B 198 3.69 24.39 -46.04
N ILE B 199 4.58 25.31 -45.62
CA ILE B 199 5.12 25.25 -44.26
C ILE B 199 4.00 25.43 -43.24
N ILE B 200 3.12 26.40 -43.47
CA ILE B 200 2.01 26.63 -42.55
C ILE B 200 1.07 25.43 -42.53
N LYS B 201 0.77 24.88 -43.69
CA LYS B 201 -0.13 23.72 -43.75
C LYS B 201 0.48 22.54 -43.01
N PHE B 202 1.79 22.30 -43.17
CA PHE B 202 2.44 21.20 -42.49
C PHE B 202 2.48 21.43 -40.99
N LEU B 203 2.77 22.67 -40.55
CA LEU B 203 2.77 22.95 -39.12
C LEU B 203 1.40 22.73 -38.50
N LEU B 204 0.34 23.17 -39.18
CA LEU B 204 -1.00 22.90 -38.69
C LEU B 204 -1.29 21.41 -38.63
N LYS B 205 -1.07 20.70 -39.73
CA LYS B 205 -1.40 19.28 -39.78
C LYS B 205 -0.59 18.47 -38.78
N VAL B 206 0.61 18.93 -38.44
CA VAL B 206 1.41 18.22 -37.43
C VAL B 206 0.94 18.59 -36.03
N ALA B 207 1.05 19.87 -35.66
CA ALA B 207 0.75 20.28 -34.30
C ALA B 207 -0.71 20.04 -33.94
N LEU B 208 -1.63 20.69 -34.67
CA LEU B 208 -3.05 20.62 -34.33
C LEU B 208 -3.73 19.43 -34.99
N GLY B 209 -2.93 18.46 -35.43
CA GLY B 209 -3.46 17.22 -35.96
C GLY B 209 -2.91 16.06 -35.15
N ALA B 210 -1.88 16.34 -34.37
CA ALA B 210 -1.38 15.42 -33.36
C ALA B 210 -1.98 15.69 -31.99
N VAL B 211 -2.13 16.96 -31.61
CA VAL B 211 -2.79 17.28 -30.36
C VAL B 211 -4.22 16.80 -30.37
N GLY B 212 -4.94 17.02 -31.48
CA GLY B 212 -6.31 16.57 -31.56
C GLY B 212 -6.44 15.05 -31.53
N ILE B 213 -5.56 14.34 -32.23
CA ILE B 213 -5.59 12.89 -32.22
C ILE B 213 -5.29 12.36 -30.83
N GLY B 214 -4.28 12.93 -30.15
CA GLY B 214 -3.99 12.52 -28.79
C GLY B 214 -5.15 12.79 -27.85
N LEU B 215 -5.81 13.94 -28.01
CA LEU B 215 -6.97 14.24 -27.17
C LEU B 215 -8.10 13.26 -27.41
N ALA B 216 -8.38 12.92 -28.66
CA ALA B 216 -9.44 11.96 -28.96
C ALA B 216 -9.12 10.59 -28.38
N PHE B 217 -7.87 10.14 -28.56
CA PHE B 217 -7.47 8.85 -28.00
C PHE B 217 -7.55 8.86 -26.48
N GLY B 218 -7.14 9.96 -25.85
CA GLY B 218 -7.23 10.05 -24.40
C GLY B 218 -8.66 10.03 -23.91
N ILE B 219 -9.55 10.74 -24.60
CA ILE B 219 -10.96 10.74 -24.21
C ILE B 219 -11.53 9.33 -24.31
N ALA B 220 -11.27 8.66 -25.43
CA ALA B 220 -11.80 7.30 -25.62
C ALA B 220 -11.25 6.35 -24.56
N SER B 221 -9.93 6.42 -24.31
CA SER B 221 -9.32 5.50 -23.36
C SER B 221 -9.75 5.80 -21.92
N VAL B 222 -9.99 7.07 -21.58
CA VAL B 222 -10.46 7.40 -20.25
C VAL B 222 -11.89 6.92 -20.05
N ILE B 223 -12.73 7.08 -21.08
CA ILE B 223 -14.09 6.55 -21.00
C ILE B 223 -14.05 5.03 -20.84
N TRP B 224 -13.13 4.37 -21.55
CA TRP B 224 -13.00 2.91 -21.39
C TRP B 224 -12.54 2.55 -19.99
N LEU B 225 -11.56 3.28 -19.46
CA LEU B 225 -11.03 2.98 -18.13
C LEU B 225 -12.07 3.21 -17.04
N LYS B 226 -12.99 4.15 -17.27
CA LYS B 226 -14.07 4.35 -16.31
C LYS B 226 -15.02 3.17 -16.22
N PHE B 227 -14.87 2.16 -17.07
CA PHE B 227 -15.70 0.97 -17.04
C PHE B 227 -14.91 -0.31 -16.79
N ILE B 228 -13.58 -0.23 -16.70
CA ILE B 228 -12.74 -1.37 -16.33
C ILE B 228 -12.59 -1.30 -14.81
N PHE B 229 -13.47 -2.00 -14.10
CA PHE B 229 -13.62 -1.78 -12.66
C PHE B 229 -12.43 -2.30 -11.88
N ASN B 230 -12.19 -3.61 -11.93
CA ASN B 230 -11.12 -4.24 -11.14
C ASN B 230 -10.28 -5.14 -12.04
N ASP B 231 -9.32 -4.54 -12.75
CA ASP B 231 -8.28 -5.33 -13.43
C ASP B 231 -7.10 -4.40 -13.66
N THR B 232 -6.07 -4.53 -12.82
CA THR B 232 -4.88 -3.69 -12.95
C THR B 232 -4.14 -3.97 -14.26
N VAL B 233 -4.06 -5.25 -14.65
CA VAL B 233 -3.30 -5.63 -15.84
C VAL B 233 -3.92 -5.01 -17.08
N ILE B 234 -5.25 -5.05 -17.20
CA ILE B 234 -5.90 -4.43 -18.34
C ILE B 234 -5.65 -2.93 -18.36
N GLU B 235 -5.71 -2.29 -17.19
CA GLU B 235 -5.51 -0.84 -17.15
C GLU B 235 -4.10 -0.46 -17.56
N ILE B 236 -3.10 -1.22 -17.14
CA ILE B 236 -1.73 -0.90 -17.53
C ILE B 236 -1.49 -1.23 -19.00
N THR B 237 -2.12 -2.30 -19.51
CA THR B 237 -1.97 -2.66 -20.93
C THR B 237 -2.67 -1.66 -21.84
N LEU B 238 -3.75 -1.05 -21.35
CA LEU B 238 -4.48 -0.08 -22.16
C LEU B 238 -3.62 1.13 -22.47
N THR B 239 -2.81 1.58 -21.52
CA THR B 239 -1.92 2.71 -21.78
C THR B 239 -0.94 2.37 -22.89
N ILE B 240 -0.34 1.17 -22.84
CA ILE B 240 0.60 0.76 -23.89
C ILE B 240 -0.09 0.71 -25.24
N ALA B 241 -1.24 0.04 -25.28
CA ALA B 241 -1.95 -0.14 -26.55
C ALA B 241 -2.36 1.20 -27.14
N VAL B 242 -2.93 2.08 -26.32
CA VAL B 242 -3.42 3.36 -26.81
C VAL B 242 -2.27 4.24 -27.25
N SER B 243 -1.18 4.29 -26.47
CA SER B 243 -0.06 5.13 -26.84
C SER B 243 0.58 4.66 -28.15
N TYR B 244 0.83 3.36 -28.27
CA TYR B 244 1.49 2.84 -29.46
C TYR B 244 0.55 2.71 -30.66
N PHE B 245 -0.76 2.82 -30.46
CA PHE B 245 -1.68 2.92 -31.57
C PHE B 245 -1.88 4.37 -32.01
N ALA B 246 -1.89 5.30 -31.06
CA ALA B 246 -2.00 6.71 -31.41
C ALA B 246 -0.74 7.21 -32.11
N TYR B 247 0.43 6.73 -31.70
CA TYR B 247 1.66 7.07 -32.42
C TYR B 247 1.56 6.65 -33.88
N TYR B 248 1.08 5.43 -34.13
CA TYR B 248 0.95 4.98 -35.51
C TYR B 248 -0.10 5.78 -36.26
N THR B 249 -1.25 6.01 -35.63
CA THR B 249 -2.34 6.74 -36.31
C THR B 249 -1.93 8.16 -36.64
N ALA B 250 -1.05 8.76 -35.85
CA ALA B 250 -0.56 10.09 -36.18
C ALA B 250 0.54 10.03 -37.24
N GLN B 251 1.50 9.14 -37.06
CA GLN B 251 2.62 9.06 -38.00
C GLN B 251 2.20 8.46 -39.34
N GLU B 252 1.42 7.37 -39.30
CA GLU B 252 1.01 6.64 -40.50
C GLU B 252 -0.49 6.42 -40.44
N TRP B 253 -1.24 7.32 -41.08
CA TRP B 253 -2.69 7.39 -41.34
C TRP B 253 -3.15 8.84 -41.35
N ALA B 254 -2.37 9.72 -40.70
CA ALA B 254 -2.71 11.13 -40.66
C ALA B 254 -1.56 12.05 -41.03
N GLY B 255 -0.31 11.58 -41.02
CA GLY B 255 0.82 12.41 -41.35
C GLY B 255 1.22 13.40 -40.27
N ALA B 256 0.60 13.33 -39.09
CA ALA B 256 0.93 14.23 -38.00
C ALA B 256 2.17 13.69 -37.26
N SER B 257 2.46 14.27 -36.11
CA SER B 257 3.60 13.85 -35.29
C SER B 257 3.12 12.84 -34.26
N GLY B 258 3.63 11.61 -34.35
CA GLY B 258 3.29 10.61 -33.36
C GLY B 258 3.82 10.92 -31.98
N VAL B 259 5.00 11.54 -31.91
CA VAL B 259 5.59 11.88 -30.62
C VAL B 259 4.72 12.91 -29.90
N LEU B 260 4.27 13.93 -30.62
CA LEU B 260 3.40 14.93 -30.02
C LEU B 260 2.07 14.33 -29.61
N THR B 261 1.56 13.37 -30.39
CA THR B 261 0.33 12.69 -30.02
C THR B 261 0.50 11.90 -28.72
N VAL B 262 1.62 11.19 -28.59
CA VAL B 262 1.87 10.42 -27.38
C VAL B 262 2.02 11.36 -26.18
N MET B 263 2.71 12.48 -26.37
CA MET B 263 2.87 13.44 -25.28
C MET B 263 1.53 14.05 -24.88
N THR B 264 0.68 14.36 -25.86
CA THR B 264 -0.66 14.88 -25.54
C THR B 264 -1.48 13.84 -24.79
N LEU B 265 -1.36 12.57 -25.19
CA LEU B 265 -2.05 11.50 -24.47
C LEU B 265 -1.56 11.41 -23.03
N GLY B 266 -0.25 11.55 -22.82
CA GLY B 266 0.28 11.58 -21.46
C GLY B 266 -0.24 12.75 -20.66
N MET B 267 -0.33 13.93 -21.29
CA MET B 267 -0.89 15.10 -20.62
C MET B 267 -2.34 14.85 -20.21
N PHE B 268 -3.12 14.26 -21.12
CA PHE B 268 -4.51 13.98 -20.81
C PHE B 268 -4.63 12.96 -19.67
N TYR B 269 -3.76 11.95 -19.67
CA TYR B 269 -3.77 10.97 -18.58
C TYR B 269 -3.41 11.63 -17.26
N ALA B 270 -2.43 12.55 -17.26
CA ALA B 270 -2.09 13.26 -16.04
C ALA B 270 -3.25 14.14 -15.58
N ALA B 271 -3.98 14.73 -16.51
CA ALA B 271 -5.06 15.65 -16.16
C ALA B 271 -6.36 14.91 -15.83
N PHE B 272 -6.90 14.18 -16.81
CA PHE B 272 -8.24 13.62 -16.71
C PHE B 272 -8.26 12.14 -16.36
N ALA B 273 -7.14 11.57 -15.94
CA ALA B 273 -7.11 10.17 -15.52
C ALA B 273 -6.49 10.11 -14.13
N ARG B 274 -7.34 10.32 -13.13
CA ARG B 274 -7.05 10.00 -11.73
C ARG B 274 -8.29 9.32 -11.19
N THR B 275 -9.43 9.64 -11.80
CA THR B 275 -10.68 8.93 -11.55
C THR B 275 -10.82 7.68 -12.40
N ALA B 276 -9.96 7.51 -13.40
CA ALA B 276 -10.01 6.37 -14.30
C ALA B 276 -9.14 5.22 -13.78
N PHE B 277 -7.85 5.49 -13.59
CA PHE B 277 -6.96 4.49 -13.01
C PHE B 277 -7.23 4.34 -11.51
N LYS B 278 -7.43 3.10 -11.07
CA LYS B 278 -7.67 2.86 -9.66
C LYS B 278 -6.40 3.14 -8.85
N GLY B 279 -6.58 3.46 -7.57
CA GLY B 279 -5.46 3.85 -6.74
C GLY B 279 -4.39 2.78 -6.64
N ASP B 280 -4.80 1.51 -6.58
CA ASP B 280 -3.84 0.42 -6.55
C ASP B 280 -3.06 0.33 -7.86
N SER B 281 -3.74 0.61 -8.98
CA SER B 281 -3.11 0.46 -10.29
C SER B 281 -2.13 1.59 -10.59
N GLN B 282 -2.31 2.77 -9.99
CA GLN B 282 -1.52 3.93 -10.38
C GLN B 282 -0.05 3.76 -10.03
N LYS B 283 0.25 3.21 -8.85
CA LYS B 283 1.65 3.06 -8.46
C LYS B 283 2.38 2.08 -9.39
N SER B 284 1.75 0.93 -9.67
CA SER B 284 2.35 -0.03 -10.58
C SER B 284 2.44 0.52 -12.00
N LEU B 285 1.47 1.32 -12.42
CA LEU B 285 1.50 1.93 -13.74
C LEU B 285 2.67 2.89 -13.88
N HIS B 286 2.86 3.74 -12.86
CA HIS B 286 3.99 4.66 -12.88
C HIS B 286 5.31 3.91 -12.84
N HIS B 287 5.40 2.86 -12.03
CA HIS B 287 6.62 2.06 -11.98
C HIS B 287 6.91 1.43 -13.35
N PHE B 288 5.89 0.88 -13.99
CA PHE B 288 6.08 0.23 -15.28
C PHE B 288 6.54 1.22 -16.33
N TRP B 289 5.90 2.40 -16.40
CA TRP B 289 6.28 3.35 -17.44
C TRP B 289 7.64 3.98 -17.15
N GLU B 290 7.98 4.19 -15.89
CA GLU B 290 9.33 4.63 -15.55
C GLU B 290 10.36 3.59 -15.98
N MET B 291 10.06 2.31 -15.76
CA MET B 291 10.96 1.26 -16.22
C MET B 291 11.07 1.22 -17.73
N VAL B 292 9.96 1.43 -18.44
CA VAL B 292 9.99 1.43 -19.90
C VAL B 292 10.85 2.59 -20.41
N ALA B 293 10.70 3.76 -19.80
CA ALA B 293 11.56 4.89 -20.17
C ALA B 293 13.02 4.59 -19.86
N TYR B 294 13.29 3.93 -18.73
CA TYR B 294 14.66 3.56 -18.39
C TYR B 294 15.25 2.59 -19.40
N ILE B 295 14.46 1.59 -19.81
CA ILE B 295 14.91 0.62 -20.81
C ILE B 295 15.19 1.30 -22.13
N ALA B 296 14.29 2.21 -22.54
CA ALA B 296 14.51 2.95 -23.78
C ALA B 296 15.78 3.80 -23.71
N ASN B 297 15.99 4.47 -22.57
CA ASN B 297 17.22 5.25 -22.40
C ASN B 297 18.46 4.37 -22.52
N THR B 298 18.46 3.22 -21.85
CA THR B 298 19.62 2.34 -21.89
C THR B 298 19.87 1.82 -23.30
N LEU B 299 18.82 1.30 -23.94
CA LEU B 299 18.96 0.76 -25.28
C LEU B 299 19.43 1.82 -26.27
N ILE B 300 18.87 3.03 -26.18
CA ILE B 300 19.25 4.07 -27.12
C ILE B 300 20.67 4.55 -26.85
N PHE B 301 21.05 4.70 -25.58
CA PHE B 301 22.39 5.16 -25.28
C PHE B 301 23.46 4.14 -25.67
N ILE B 302 23.11 2.85 -25.70
CA ILE B 302 24.08 1.86 -26.17
C ILE B 302 24.08 1.76 -27.70
N LEU B 303 22.89 1.75 -28.31
CA LEU B 303 22.80 1.63 -29.76
C LEU B 303 23.38 2.85 -30.46
N SER B 304 23.13 4.04 -29.93
CA SER B 304 23.68 5.25 -30.54
C SER B 304 25.20 5.25 -30.44
N GLY B 305 25.75 4.79 -29.32
CA GLY B 305 27.20 4.65 -29.23
C GLY B 305 27.74 3.66 -30.24
N VAL B 306 27.04 2.54 -30.42
CA VAL B 306 27.47 1.54 -31.40
C VAL B 306 27.49 2.13 -32.80
N VAL B 307 26.42 2.85 -33.16
CA VAL B 307 26.32 3.40 -34.50
C VAL B 307 27.30 4.56 -34.70
N ILE B 308 27.55 5.35 -33.66
CA ILE B 308 28.58 6.39 -33.76
C ILE B 308 29.95 5.76 -33.99
N ALA B 309 30.26 4.70 -33.26
CA ALA B 309 31.53 4.01 -33.46
C ALA B 309 31.61 3.41 -34.86
N GLU B 310 30.50 2.91 -35.39
CA GLU B 310 30.50 2.41 -36.76
C GLU B 310 30.77 3.53 -37.76
N GLY B 311 30.05 4.64 -37.63
CA GLY B 311 30.16 5.71 -38.60
C GLY B 311 31.52 6.40 -38.57
N ILE B 312 32.03 6.71 -37.38
CA ILE B 312 33.30 7.43 -37.30
C ILE B 312 34.48 6.49 -37.45
N LEU B 313 34.32 5.21 -37.08
CA LEU B 313 35.35 4.20 -37.35
C LEU B 313 34.95 3.32 -38.53
N ASP B 314 34.33 3.95 -39.53
CA ASP B 314 34.21 3.40 -40.87
C ASP B 314 35.56 3.62 -41.55
N SER B 315 35.63 3.57 -42.87
CA SER B 315 36.85 3.97 -43.56
C SER B 315 37.44 5.20 -42.89
N ASP B 316 38.67 5.06 -42.40
CA ASP B 316 39.16 5.85 -41.26
C ASP B 316 39.39 7.30 -41.68
N LYS B 317 38.28 8.04 -41.77
CA LYS B 317 38.35 9.49 -41.98
C LYS B 317 37.73 10.27 -40.83
N ILE B 318 36.47 10.02 -40.48
CA ILE B 318 35.71 10.95 -39.65
C ILE B 318 36.30 11.04 -38.25
N ALA B 319 36.62 9.89 -37.65
CA ALA B 319 37.15 9.91 -36.29
C ALA B 319 38.52 10.59 -36.23
N TYR B 320 39.31 10.48 -37.29
CA TYR B 320 40.65 11.06 -37.31
C TYR B 320 40.68 12.45 -37.93
N GLN B 321 39.58 12.92 -38.53
CA GLN B 321 39.53 14.29 -39.03
C GLN B 321 39.52 15.27 -37.86
N GLY B 322 40.29 16.35 -38.00
CA GLY B 322 40.29 17.39 -37.00
C GLY B 322 39.04 18.24 -37.00
N ASN B 323 38.33 18.31 -38.13
CA ASN B 323 37.12 19.11 -38.23
C ASN B 323 35.97 18.56 -37.40
N SER B 324 36.09 17.34 -36.88
CA SER B 324 35.07 16.79 -36.00
C SER B 324 35.34 17.14 -34.54
N TRP B 325 36.55 16.88 -34.06
CA TRP B 325 36.90 17.16 -32.67
C TRP B 325 37.11 18.64 -32.40
N ARG B 326 37.51 19.43 -33.39
CA ARG B 326 37.64 20.87 -33.19
C ARG B 326 36.34 21.63 -33.40
N PHE B 327 35.30 20.97 -33.90
CA PHE B 327 34.00 21.61 -34.08
C PHE B 327 32.93 21.07 -33.15
N LEU B 328 33.12 19.90 -32.54
CA LEU B 328 32.21 19.46 -31.49
C LEU B 328 32.24 20.41 -30.31
N PHE B 329 33.44 20.88 -29.92
CA PHE B 329 33.55 21.86 -28.85
C PHE B 329 32.90 23.18 -29.25
N LEU B 330 33.06 23.59 -30.51
CA LEU B 330 32.42 24.82 -30.98
C LEU B 330 30.90 24.69 -30.95
N LEU B 331 30.38 23.52 -31.34
CA LEU B 331 28.95 23.29 -31.26
C LEU B 331 28.46 23.31 -29.82
N TYR B 332 29.26 22.77 -28.89
CA TYR B 332 28.91 22.84 -27.47
C TYR B 332 28.87 24.29 -26.99
N VAL B 333 29.85 25.10 -27.41
CA VAL B 333 29.86 26.50 -27.03
C VAL B 333 28.63 27.22 -27.59
N TYR B 334 28.29 26.93 -28.85
CA TYR B 334 27.13 27.58 -29.47
C TYR B 334 25.83 27.16 -28.80
N ILE B 335 25.70 25.90 -28.40
CA ILE B 335 24.47 25.48 -27.74
C ILE B 335 24.42 25.98 -26.29
N GLN B 336 25.57 26.24 -25.68
CA GLN B 336 25.58 26.92 -24.39
C GLN B 336 25.22 28.39 -24.54
N LEU B 337 25.80 29.06 -25.54
CA LEU B 337 25.45 30.45 -25.79
C LEU B 337 24.02 30.60 -26.28
N SER B 338 23.49 29.58 -26.96
CA SER B 338 22.08 29.61 -27.37
C SER B 338 21.17 29.62 -26.16
N ARG B 339 21.49 28.82 -25.13
CA ARG B 339 20.70 28.83 -23.91
C ARG B 339 20.77 30.20 -23.24
N VAL B 340 21.95 30.80 -23.18
CA VAL B 340 22.11 32.12 -22.57
C VAL B 340 21.27 33.16 -23.32
N VAL B 341 21.27 33.10 -24.65
CA VAL B 341 20.52 34.08 -25.43
C VAL B 341 19.03 33.94 -25.17
N VAL B 342 18.52 32.70 -25.17
CA VAL B 342 17.09 32.49 -24.94
C VAL B 342 16.70 32.95 -23.53
N VAL B 343 17.51 32.59 -22.53
CA VAL B 343 17.21 32.97 -21.16
C VAL B 343 17.22 34.48 -21.00
N GLY B 344 18.22 35.15 -21.57
CA GLY B 344 18.30 36.60 -21.45
C GLY B 344 17.17 37.30 -22.18
N VAL B 345 16.76 36.77 -23.33
CA VAL B 345 15.68 37.39 -24.09
C VAL B 345 14.35 37.21 -23.37
N LEU B 346 14.10 36.03 -22.82
CA LEU B 346 12.82 35.77 -22.18
C LEU B 346 12.76 36.25 -20.74
N TYR B 347 13.89 36.59 -20.12
CA TYR B 347 13.86 37.04 -18.72
C TYR B 347 13.03 38.29 -18.48
N PRO B 348 13.08 39.34 -19.31
CA PRO B 348 12.25 40.53 -19.02
C PRO B 348 10.77 40.24 -18.96
N LEU B 349 10.31 39.09 -19.46
CA LEU B 349 8.92 38.71 -19.40
C LEU B 349 8.68 37.42 -18.64
N LEU B 350 9.71 36.58 -18.45
CA LEU B 350 9.54 35.35 -17.69
C LEU B 350 9.27 35.64 -16.22
N CYS B 351 9.98 36.61 -15.65
CA CYS B 351 9.81 36.94 -14.25
C CYS B 351 8.46 37.57 -13.93
N ARG B 352 7.71 37.99 -14.94
CA ARG B 352 6.39 38.57 -14.75
C ARG B 352 5.27 37.57 -14.93
N PHE B 353 5.58 36.29 -15.15
CA PHE B 353 4.58 35.27 -15.41
C PHE B 353 4.82 34.06 -14.51
N GLY B 354 3.74 33.36 -14.19
CA GLY B 354 3.84 32.14 -13.40
C GLY B 354 4.41 32.39 -12.03
N TYR B 355 5.41 31.59 -11.67
CA TYR B 355 6.06 31.68 -10.36
C TYR B 355 7.13 32.78 -10.30
N GLY B 356 7.37 33.48 -11.40
CA GLY B 356 8.46 34.43 -11.45
C GLY B 356 9.79 33.74 -11.67
N LEU B 357 10.85 34.54 -11.66
CA LEU B 357 12.18 34.02 -11.93
C LEU B 357 13.21 34.94 -11.29
N ASP B 358 13.83 34.48 -10.21
CA ASP B 358 14.91 35.23 -9.58
C ASP B 358 16.17 35.14 -10.43
N TRP B 359 17.13 36.01 -10.13
CA TRP B 359 18.40 35.96 -10.86
C TRP B 359 19.14 34.65 -10.60
N LYS B 360 19.08 34.16 -9.35
CA LYS B 360 19.63 32.84 -9.06
C LYS B 360 18.89 31.76 -9.84
N GLU B 361 17.55 31.85 -9.89
CA GLU B 361 16.77 30.89 -10.66
C GLU B 361 17.07 31.01 -12.16
N SER B 362 17.46 32.21 -12.62
CA SER B 362 17.85 32.36 -14.02
C SER B 362 19.21 31.72 -14.28
N ILE B 363 20.16 31.90 -13.36
CA ILE B 363 21.46 31.25 -13.50
C ILE B 363 21.30 29.73 -13.46
N ILE B 364 20.34 29.25 -12.68
CA ILE B 364 20.07 27.80 -12.68
C ILE B 364 19.33 27.38 -13.95
N LEU B 365 18.54 28.28 -14.53
CA LEU B 365 17.86 27.94 -15.78
C LEU B 365 18.86 27.69 -16.90
N VAL B 366 19.92 28.51 -16.96
CA VAL B 366 21.10 28.15 -17.74
C VAL B 366 21.84 27.04 -17.01
N TRP B 367 22.57 26.21 -17.76
CA TRP B 367 23.29 25.04 -17.28
C TRP B 367 22.37 23.89 -16.92
N SER B 368 21.05 24.06 -17.00
CA SER B 368 20.10 22.99 -16.74
C SER B 368 19.62 22.33 -18.03
N GLY B 369 20.15 22.74 -19.18
CA GLY B 369 19.76 22.12 -20.44
C GLY B 369 20.54 20.85 -20.68
N LEU B 370 19.90 19.71 -20.46
CA LEU B 370 20.53 18.41 -20.60
C LEU B 370 19.93 17.69 -21.79
N ARG B 371 20.79 17.26 -22.71
CA ARG B 371 20.39 16.50 -23.88
C ARG B 371 20.56 15.01 -23.60
N GLY B 372 19.54 14.22 -23.89
CA GLY B 372 19.57 12.82 -23.57
C GLY B 372 19.24 11.91 -24.73
N ALA B 373 18.28 11.01 -24.54
CA ALA B 373 17.96 10.00 -25.54
C ALA B 373 16.97 10.48 -26.59
N VAL B 374 16.34 11.64 -26.41
CA VAL B 374 15.45 12.16 -27.44
C VAL B 374 16.25 12.70 -28.61
N ALA B 375 17.21 13.59 -28.33
CA ALA B 375 18.11 14.07 -29.38
C ALA B 375 18.94 12.93 -29.96
N LEU B 376 19.37 12.01 -29.10
CA LEU B 376 20.12 10.84 -29.59
C LEU B 376 19.27 10.01 -30.54
N ALA B 377 18.01 9.78 -30.19
CA ALA B 377 17.12 9.01 -31.07
C ALA B 377 16.88 9.74 -32.38
N LEU B 378 16.68 11.06 -32.34
CA LEU B 378 16.45 11.81 -33.56
C LEU B 378 17.67 11.76 -34.47
N SER B 379 18.86 11.96 -33.92
CA SER B 379 20.07 11.91 -34.73
C SER B 379 20.37 10.50 -35.22
N LEU B 380 20.05 9.48 -34.43
CA LEU B 380 20.22 8.11 -34.89
C LEU B 380 19.27 7.79 -36.03
N SER B 381 18.03 8.30 -35.95
CA SER B 381 17.09 8.14 -37.05
C SER B 381 17.59 8.84 -38.31
N VAL B 382 18.19 10.02 -38.14
CA VAL B 382 18.78 10.72 -39.29
C VAL B 382 19.92 9.91 -39.88
N LYS B 383 20.78 9.35 -39.03
CA LYS B 383 21.91 8.55 -39.50
C LYS B 383 21.45 7.32 -40.26
N GLN B 384 20.44 6.61 -39.72
CA GLN B 384 19.94 5.40 -40.37
C GLN B 384 19.25 5.71 -41.68
N SER B 385 18.77 6.94 -41.88
CA SER B 385 18.12 7.35 -43.11
C SER B 385 19.06 8.11 -44.03
N SER B 386 20.34 8.21 -43.68
CA SER B 386 21.30 8.93 -44.49
C SER B 386 21.69 8.11 -45.71
N GLY B 387 22.64 8.62 -46.49
CA GLY B 387 23.08 7.96 -47.70
C GLY B 387 22.35 8.35 -48.96
N ASN B 388 21.29 9.15 -48.86
CA ASN B 388 20.54 9.58 -50.02
C ASN B 388 21.23 10.80 -50.64
N SER B 389 20.61 11.37 -51.68
CA SER B 389 21.16 12.60 -52.26
C SER B 389 20.92 13.81 -51.38
N HIS B 390 19.77 13.86 -50.69
CA HIS B 390 19.47 15.00 -49.83
C HIS B 390 20.34 15.00 -48.59
N ILE B 391 20.49 13.84 -47.94
CA ILE B 391 21.38 13.67 -46.81
C ILE B 391 22.39 12.59 -47.17
N SER B 392 23.67 12.98 -47.23
CA SER B 392 24.73 12.04 -47.54
C SER B 392 25.03 11.15 -46.34
N LYS B 393 25.78 10.07 -46.60
CA LYS B 393 26.23 9.22 -45.50
C LYS B 393 27.11 10.00 -44.53
N GLU B 394 27.90 10.94 -45.02
CA GLU B 394 28.69 11.78 -44.13
C GLU B 394 27.82 12.71 -43.31
N THR B 395 26.73 13.21 -43.90
CA THR B 395 25.89 14.18 -43.19
C THR B 395 25.18 13.53 -42.00
N GLY B 396 24.56 12.37 -42.23
CA GLY B 396 23.86 11.69 -41.14
C GLY B 396 24.81 11.20 -40.06
N THR B 397 25.96 10.65 -40.47
CA THR B 397 26.96 10.22 -39.50
C THR B 397 27.46 11.39 -38.68
N LEU B 398 27.70 12.53 -39.34
CA LEU B 398 28.14 13.72 -38.62
C LEU B 398 27.08 14.22 -37.66
N PHE B 399 25.82 14.21 -38.08
CA PHE B 399 24.72 14.60 -37.18
C PHE B 399 24.70 13.71 -35.94
N LEU B 400 24.77 12.40 -36.14
CA LEU B 400 24.72 11.49 -35.00
C LEU B 400 25.93 11.66 -34.09
N PHE B 401 27.12 11.83 -34.68
CA PHE B 401 28.32 12.02 -33.88
C PHE B 401 28.26 13.31 -33.07
N PHE B 402 27.83 14.40 -33.71
CA PHE B 402 27.73 15.67 -33.01
C PHE B 402 26.69 15.62 -31.91
N THR B 403 25.54 14.99 -32.17
CA THR B 403 24.52 14.88 -31.13
C THR B 403 25.00 14.03 -29.96
N GLY B 404 25.69 12.93 -30.24
CA GLY B 404 26.23 12.12 -29.16
C GLY B 404 27.28 12.87 -28.34
N GLY B 405 28.16 13.60 -29.03
CA GLY B 405 29.14 14.40 -28.31
C GLY B 405 28.50 15.49 -27.47
N ILE B 406 27.46 16.14 -28.00
CA ILE B 406 26.75 17.17 -27.24
C ILE B 406 26.06 16.55 -26.03
N VAL B 407 25.44 15.38 -26.20
CA VAL B 407 24.78 14.71 -25.08
C VAL B 407 25.80 14.40 -23.99
N PHE B 408 26.94 13.82 -24.39
CA PHE B 408 27.99 13.50 -23.43
C PHE B 408 28.49 14.74 -22.72
N LEU B 409 28.79 15.80 -23.48
CA LEU B 409 29.33 17.02 -22.89
C LEU B 409 28.33 17.68 -21.96
N THR B 410 27.06 17.73 -22.34
CA THR B 410 26.04 18.31 -21.47
C THR B 410 25.92 17.51 -20.19
N LEU B 411 25.72 16.19 -20.29
CA LEU B 411 25.55 15.37 -19.09
C LEU B 411 26.80 15.37 -18.22
N ILE B 412 27.97 15.69 -18.78
CA ILE B 412 29.18 15.73 -17.97
C ILE B 412 29.35 17.09 -17.30
N VAL B 413 29.15 18.18 -18.05
CA VAL B 413 29.53 19.51 -17.59
C VAL B 413 28.35 20.26 -16.98
N ASN B 414 27.19 20.25 -17.65
CA ASN B 414 26.04 21.00 -17.13
C ASN B 414 25.58 20.43 -15.80
N GLY B 415 25.54 19.11 -15.67
CA GLY B 415 25.13 18.49 -14.42
C GLY B 415 26.08 18.79 -13.28
N SER B 416 27.39 18.74 -13.56
CA SER B 416 28.37 19.03 -12.52
C SER B 416 28.37 20.51 -12.15
N THR B 417 28.14 21.38 -13.12
CA THR B 417 28.09 22.81 -12.83
C THR B 417 26.83 23.17 -12.07
N THR B 418 25.70 22.53 -12.41
CA THR B 418 24.48 22.73 -11.62
C THR B 418 24.67 22.26 -10.19
N GLN B 419 25.51 21.24 -9.97
CA GLN B 419 25.91 20.89 -8.61
C GLN B 419 26.66 22.05 -7.96
N PHE B 420 27.60 22.65 -8.69
CA PHE B 420 28.44 23.69 -8.10
C PHE B 420 27.69 25.01 -7.94
N VAL B 421 26.86 25.37 -8.93
CA VAL B 421 26.20 26.68 -8.89
C VAL B 421 25.15 26.74 -7.80
N LEU B 422 24.33 25.68 -7.68
CA LEU B 422 23.30 25.66 -6.64
C LEU B 422 23.92 25.72 -5.25
N ARG B 423 25.01 24.97 -5.04
CA ARG B 423 25.73 25.04 -3.77
C ARG B 423 26.41 26.40 -3.57
N LEU B 424 26.65 27.14 -4.65
CA LEU B 424 27.28 28.45 -4.55
C LEU B 424 26.28 29.57 -4.34
N LEU B 425 25.05 29.40 -4.81
CA LEU B 425 24.00 30.41 -4.64
C LEU B 425 23.17 30.17 -3.38
N ARG B 426 23.54 29.18 -2.57
CA ARG B 426 22.88 28.91 -1.29
C ARG B 426 21.40 28.61 -1.45
N MET B 427 21.02 28.01 -2.57
CA MET B 427 19.64 27.62 -2.80
C MET B 427 19.36 26.16 -2.43
N ASP B 428 20.36 25.45 -1.93
CA ASP B 428 20.21 24.05 -1.55
C ASP B 428 20.10 23.84 -0.05
N ILE B 429 20.14 24.90 0.74
CA ILE B 429 20.07 24.81 2.19
C ILE B 429 18.62 24.85 2.63
N LEU B 430 18.29 24.05 3.63
CA LEU B 430 16.92 24.04 4.16
C LEU B 430 16.65 25.32 4.92
N PRO B 431 15.51 25.97 4.68
CA PRO B 431 15.19 27.19 5.44
C PRO B 431 14.94 26.89 6.91
N ALA B 432 15.12 27.94 7.72
CA ALA B 432 14.92 27.81 9.16
C ALA B 432 13.54 27.27 9.55
N PRO B 433 12.42 27.78 9.02
CA PRO B 433 11.13 27.21 9.41
C PRO B 433 10.82 25.88 8.75
N LYS B 434 11.59 25.46 7.75
CA LYS B 434 11.43 24.13 7.18
C LYS B 434 12.37 23.11 7.78
N LYS B 435 13.48 23.53 8.37
CA LYS B 435 14.29 22.62 9.17
C LYS B 435 13.85 22.69 10.63
N ARG B 436 12.53 22.62 10.79
CA ARG B 436 11.88 22.41 12.07
C ARG B 436 10.74 21.41 11.99
N ILE B 437 10.15 21.21 10.81
CA ILE B 437 9.14 20.18 10.63
C ILE B 437 9.79 18.84 10.31
N LEU B 438 10.96 18.86 9.67
CA LEU B 438 11.74 17.63 9.52
C LEU B 438 12.17 17.08 10.87
N GLU B 439 12.61 17.96 11.77
CA GLU B 439 12.93 17.53 13.12
C GLU B 439 11.70 16.98 13.83
N TYR B 440 10.52 17.52 13.55
CA TYR B 440 9.30 16.96 14.11
C TYR B 440 9.03 15.55 13.56
N THR B 441 9.06 15.40 12.23
CA THR B 441 8.97 14.06 11.64
C THR B 441 10.34 13.42 11.52
N LYS B 442 11.14 13.55 12.57
CA LYS B 442 12.28 12.69 12.86
C LYS B 442 12.34 12.31 14.33
N TYR B 443 11.64 13.02 15.22
CA TYR B 443 11.40 12.63 16.59
C TYR B 443 10.10 11.87 16.75
N GLU B 444 9.11 12.15 15.88
CA GLU B 444 7.89 11.37 15.85
C GLU B 444 8.14 9.98 15.31
N MET B 445 9.04 9.86 14.32
CA MET B 445 9.40 8.54 13.81
C MET B 445 10.08 7.70 14.88
N LEU B 446 10.95 8.32 15.68
CA LEU B 446 11.58 7.60 16.78
C LEU B 446 10.56 7.18 17.83
N ASN B 447 9.54 8.03 18.07
CA ASN B 447 8.47 7.66 18.99
C ASN B 447 7.68 6.47 18.46
N LYS B 448 7.39 6.46 17.15
CA LYS B 448 6.70 5.32 16.56
C LYS B 448 7.52 4.05 16.65
N ALA B 449 8.84 4.16 16.44
CA ALA B 449 9.72 3.02 16.60
C ALA B 449 9.71 2.51 18.04
N LEU B 450 9.73 3.42 19.00
CA LEU B 450 9.67 3.03 20.41
C LEU B 450 8.37 2.31 20.72
N ARG B 451 7.25 2.83 20.21
CA ARG B 451 5.96 2.18 20.45
C ARG B 451 5.90 0.80 19.79
N ALA B 452 6.46 0.68 18.58
CA ALA B 452 6.50 -0.62 17.91
C ALA B 452 7.34 -1.62 18.71
N PHE B 453 8.46 -1.17 19.28
CA PHE B 453 9.23 -2.03 20.16
C PHE B 453 8.43 -2.40 21.40
N GLN B 454 7.63 -1.45 21.91
CA GLN B 454 6.83 -1.72 23.10
C GLN B 454 5.79 -2.80 22.84
N ASP B 455 5.13 -2.75 21.69
CA ASP B 455 4.09 -3.73 21.39
C ASP B 455 4.64 -5.15 21.34
N LEU B 456 5.81 -5.32 20.73
CA LEU B 456 6.47 -6.62 20.66
C LEU B 456 7.52 -6.70 21.78
N GLY B 457 7.03 -6.76 23.02
CA GLY B 457 7.92 -6.61 24.15
C GLY B 457 8.07 -7.79 25.09
N ASP B 458 7.02 -8.60 25.29
CA ASP B 458 7.09 -9.68 26.28
C ASP B 458 7.53 -10.99 25.63
N ASP B 459 6.67 -11.55 24.76
CA ASP B 459 6.94 -12.72 23.94
C ASP B 459 7.79 -13.74 24.68
N GLU B 460 7.26 -14.29 25.78
CA GLU B 460 8.04 -15.18 26.64
C GLU B 460 8.59 -16.38 25.90
N GLU B 461 7.93 -16.81 24.82
CA GLU B 461 8.38 -17.99 24.10
C GLU B 461 9.65 -17.74 23.30
N LEU B 462 9.73 -16.60 22.60
CA LEU B 462 10.95 -16.28 21.87
C LEU B 462 11.97 -15.57 22.75
N GLY B 463 11.51 -14.76 23.71
CA GLY B 463 12.39 -14.06 24.60
C GLY B 463 12.36 -12.57 24.39
N PRO B 464 13.28 -11.84 25.03
CA PRO B 464 13.34 -10.39 24.85
C PRO B 464 14.20 -9.99 23.66
N ALA B 465 13.73 -8.99 22.93
CA ALA B 465 14.49 -8.45 21.81
C ALA B 465 15.65 -7.59 22.32
N ASP B 466 16.63 -7.38 21.44
CA ASP B 466 17.81 -6.58 21.76
C ASP B 466 17.58 -5.17 21.22
N TRP B 467 17.27 -4.24 22.12
CA TRP B 467 17.02 -2.86 21.71
C TRP B 467 18.20 -2.20 21.01
N PRO B 468 19.45 -2.33 21.48
CA PRO B 468 20.57 -1.71 20.73
C PRO B 468 20.64 -2.16 19.28
N THR B 469 20.38 -3.43 19.00
CA THR B 469 20.37 -3.88 17.61
C THR B 469 19.23 -3.22 16.83
N VAL B 470 18.07 -3.06 17.46
CA VAL B 470 16.96 -2.40 16.77
C VAL B 470 17.30 -0.96 16.45
N GLU B 471 17.92 -0.25 17.40
CA GLU B 471 18.28 1.14 17.18
C GLU B 471 19.47 1.30 16.23
N SER B 472 20.27 0.23 16.04
CA SER B 472 21.34 0.29 15.07
C SER B 472 20.82 0.44 13.65
N TYR B 473 19.55 0.10 13.41
CA TYR B 473 18.94 0.23 12.09
C TYR B 473 18.14 1.52 11.93
N ILE B 474 17.98 2.31 12.99
CA ILE B 474 17.23 3.55 12.91
C ILE B 474 18.05 4.69 13.51
N SER B 475 19.36 4.45 13.68
CA SER B 475 20.25 5.51 14.17
C SER B 475 20.22 6.75 13.28
N SER B 476 19.86 6.59 12.00
CA SER B 476 19.73 7.75 11.13
C SER B 476 18.63 8.71 11.59
N LEU B 477 17.71 8.23 12.43
CA LEU B 477 16.64 9.07 12.95
C LEU B 477 17.07 9.95 14.10
N LYS B 478 18.22 9.69 14.71
CA LYS B 478 18.69 10.44 15.87
C LYS B 478 20.02 11.11 15.56
N GLY B 479 20.24 12.25 16.20
CA GLY B 479 21.47 13.00 16.02
C GLY B 479 22.17 13.32 17.33
N SER B 496 13.24 28.66 23.41
CA SER B 496 11.80 28.54 23.19
C SER B 496 11.39 29.25 21.89
N LEU B 497 10.15 29.73 21.86
CA LEU B 497 9.61 30.40 20.68
C LEU B 497 9.46 31.91 20.89
N ASP B 498 9.93 32.44 22.03
CA ASP B 498 9.85 33.85 22.43
C ASP B 498 8.53 34.47 22.00
N PRO B 499 7.42 34.13 22.68
CA PRO B 499 6.08 34.54 22.21
C PRO B 499 5.94 36.02 21.87
N LYS B 500 6.83 36.86 22.40
CA LYS B 500 6.82 38.27 22.04
C LYS B 500 7.56 38.50 20.73
N SER B 501 7.17 37.77 19.69
CA SER B 501 7.84 37.83 18.39
C SER B 501 6.92 38.29 17.28
N LEU B 502 5.71 37.73 17.19
CA LEU B 502 4.72 38.01 16.15
C LEU B 502 5.16 37.41 14.82
N LYS B 503 6.39 36.89 14.77
CA LYS B 503 6.90 36.14 13.63
C LYS B 503 6.94 34.64 13.89
N ASP B 504 7.36 34.24 15.09
CA ASP B 504 7.31 32.83 15.46
C ASP B 504 5.90 32.37 15.75
N ILE B 505 5.03 33.28 16.22
CA ILE B 505 3.64 32.91 16.48
C ILE B 505 2.94 32.53 15.19
N ARG B 506 3.16 33.30 14.13
CA ARG B 506 2.58 32.95 12.82
C ARG B 506 3.13 31.62 12.32
N MET B 507 4.42 31.37 12.54
CA MET B 507 5.01 30.11 12.12
C MET B 507 4.38 28.94 12.87
N ARG B 508 4.16 29.09 14.17
CA ARG B 508 3.49 28.03 14.93
C ARG B 508 2.05 27.83 14.48
N PHE B 509 1.35 28.93 14.18
CA PHE B 509 -0.02 28.80 13.68
C PHE B 509 -0.05 28.06 12.35
N LEU B 510 0.88 28.38 11.46
CA LEU B 510 0.94 27.69 10.17
C LEU B 510 1.34 26.22 10.35
N ASN B 511 2.19 25.93 11.34
CA ASN B 511 2.50 24.54 11.67
C ASN B 511 1.25 23.81 12.15
N GLY B 512 0.41 24.49 12.94
CA GLY B 512 -0.85 23.89 13.35
C GLY B 512 -1.78 23.63 12.19
N VAL B 513 -1.82 24.56 11.23
CA VAL B 513 -2.64 24.34 10.03
C VAL B 513 -2.11 23.15 9.24
N GLN B 514 -0.78 23.04 9.13
CA GLN B 514 -0.18 21.89 8.45
C GLN B 514 -0.54 20.59 9.15
N ALA B 515 -0.48 20.58 10.48
CA ALA B 515 -0.84 19.39 11.24
C ALA B 515 -2.31 19.04 11.05
N THR B 516 -3.17 20.05 11.00
CA THR B 516 -4.59 19.79 10.75
C THR B 516 -4.82 19.20 9.37
N TYR B 517 -4.12 19.70 8.36
CA TYR B 517 -4.22 19.11 7.02
C TYR B 517 -3.74 17.67 7.03
N TRP B 518 -2.64 17.40 7.75
CA TRP B 518 -2.13 16.05 7.87
C TRP B 518 -3.16 15.13 8.51
N GLU B 519 -3.81 15.58 9.58
CA GLU B 519 -4.84 14.78 10.24
C GLU B 519 -6.04 14.58 9.32
N MET B 520 -6.39 15.59 8.53
CA MET B 520 -7.51 15.45 7.60
C MET B 520 -7.20 14.43 6.52
N LEU B 521 -5.96 14.38 6.05
CA LEU B 521 -5.59 13.37 5.06
C LEU B 521 -5.54 11.99 5.68
N ASP B 522 -4.96 11.86 6.87
CA ASP B 522 -4.89 10.56 7.53
C ASP B 522 -6.29 10.02 7.82
N GLU B 523 -7.19 10.89 8.29
CA GLU B 523 -8.58 10.51 8.50
C GLU B 523 -9.28 10.19 7.19
N GLY B 524 -8.73 10.63 6.06
CA GLY B 524 -9.40 10.48 4.78
C GLY B 524 -10.39 11.57 4.46
N ARG B 525 -10.37 12.68 5.20
CA ARG B 525 -11.32 13.76 4.94
C ARG B 525 -11.01 14.47 3.62
N ILE B 526 -9.74 14.53 3.22
CA ILE B 526 -9.37 15.18 1.97
C ILE B 526 -8.55 14.22 1.13
N SER B 527 -8.60 14.41 -0.19
CA SER B 527 -7.86 13.57 -1.11
C SER B 527 -6.38 13.90 -1.08
N GLU B 528 -5.59 13.10 -1.80
CA GLU B 528 -4.14 13.31 -1.82
C GLU B 528 -3.77 14.58 -2.58
N VAL B 529 -4.45 14.85 -3.70
CA VAL B 529 -4.14 16.05 -4.48
C VAL B 529 -4.57 17.30 -3.74
N THR B 530 -5.74 17.27 -3.09
CA THR B 530 -6.18 18.40 -2.29
C THR B 530 -5.23 18.65 -1.14
N ALA B 531 -4.79 17.58 -0.48
CA ALA B 531 -3.82 17.73 0.61
C ALA B 531 -2.50 18.30 0.09
N ASN B 532 -2.05 17.85 -1.08
CA ASN B 532 -0.83 18.40 -1.65
C ASN B 532 -0.97 19.89 -1.93
N ILE B 533 -2.10 20.30 -2.48
CA ILE B 533 -2.32 21.72 -2.78
C ILE B 533 -2.30 22.53 -1.49
N LEU B 534 -3.03 22.06 -0.47
CA LEU B 534 -3.09 22.81 0.78
C LEU B 534 -1.72 22.88 1.46
N MET B 535 -1.00 21.76 1.50
CA MET B 535 0.31 21.74 2.14
C MET B 535 1.30 22.64 1.41
N GLN B 536 1.27 22.64 0.07
CA GLN B 536 2.16 23.55 -0.66
C GLN B 536 1.76 25.01 -0.46
N SER B 537 0.46 25.28 -0.28
CA SER B 537 0.04 26.64 0.06
C SER B 537 0.63 27.08 1.39
N VAL B 538 0.55 26.20 2.41
CA VAL B 538 1.11 26.55 3.71
C VAL B 538 2.63 26.67 3.62
N ASP B 539 3.27 25.83 2.80
CA ASP B 539 4.71 25.94 2.61
C ASP B 539 5.09 27.29 1.99
N GLU B 540 4.28 27.76 1.05
CA GLU B 540 4.45 29.13 0.56
C GLU B 540 4.25 30.14 1.69
N ALA B 541 3.32 29.86 2.61
CA ALA B 541 3.05 30.79 3.70
C ALA B 541 4.24 30.92 4.64
N LEU B 542 4.94 29.82 4.94
CA LEU B 542 6.06 29.88 5.87
C LEU B 542 7.17 30.79 5.35
N ASP B 543 7.33 30.88 4.03
CA ASP B 543 8.36 31.77 3.48
C ASP B 543 8.00 33.24 3.74
N GLN B 544 6.74 33.61 3.47
CA GLN B 544 6.26 34.96 3.73
C GLN B 544 5.52 35.01 5.07
N VAL B 545 6.28 34.77 6.14
CA VAL B 545 5.71 34.69 7.48
C VAL B 545 6.00 35.92 8.33
N SER B 546 7.01 36.72 7.97
CA SER B 546 7.38 37.89 8.74
C SER B 546 6.52 39.12 8.43
N THR B 547 5.61 39.02 7.47
CA THR B 547 4.75 40.15 7.09
C THR B 547 3.31 39.91 7.50
N THR B 548 2.71 38.81 7.07
CA THR B 548 1.33 38.46 7.42
C THR B 548 1.13 36.98 7.08
N LEU B 549 -0.11 36.51 7.21
CA LEU B 549 -0.44 35.11 6.94
C LEU B 549 -0.84 35.00 5.47
N CYS B 550 0.13 34.71 4.62
CA CYS B 550 -0.12 34.52 3.19
C CYS B 550 -0.19 33.03 2.86
N ASP B 551 -1.30 32.41 3.28
CA ASP B 551 -1.55 31.02 2.93
C ASP B 551 -2.78 30.81 2.06
N TRP B 552 -3.76 31.74 2.09
CA TRP B 552 -4.84 31.69 1.13
C TRP B 552 -4.40 32.19 -0.24
N ARG B 553 -3.31 32.96 -0.30
CA ARG B 553 -2.83 33.47 -1.58
C ARG B 553 -2.45 32.34 -2.53
N GLY B 554 -1.98 31.22 -1.99
CA GLY B 554 -1.65 30.06 -2.79
C GLY B 554 -2.80 29.14 -3.10
N LEU B 555 -4.02 29.49 -2.66
CA LEU B 555 -5.20 28.67 -2.90
C LEU B 555 -6.22 29.31 -3.82
N LYS B 556 -6.16 30.63 -4.02
CA LYS B 556 -7.10 31.30 -4.91
C LYS B 556 -6.94 30.92 -6.38
N PRO B 557 -5.75 30.50 -6.86
CA PRO B 557 -5.72 29.91 -8.21
C PRO B 557 -6.63 28.69 -8.35
N HIS B 558 -6.76 27.89 -7.31
CA HIS B 558 -7.58 26.70 -7.34
C HIS B 558 -9.02 26.94 -6.90
N VAL B 559 -9.31 28.12 -6.36
CA VAL B 559 -10.66 28.46 -5.89
C VAL B 559 -11.13 29.64 -6.72
N ASN B 560 -11.99 29.38 -7.70
CA ASN B 560 -12.52 30.43 -8.57
C ASN B 560 -13.97 30.14 -8.87
N PHE B 561 -14.78 31.19 -8.92
CA PHE B 561 -16.19 31.10 -9.27
C PHE B 561 -16.49 32.12 -10.37
N PRO B 562 -16.07 31.84 -11.61
CA PRO B 562 -16.33 32.77 -12.71
C PRO B 562 -17.81 32.93 -12.97
N ASN B 563 -18.19 34.10 -13.48
CA ASN B 563 -19.59 34.49 -13.62
C ASN B 563 -20.31 33.74 -14.73
N TYR B 564 -19.63 32.97 -15.57
CA TYR B 564 -20.32 32.29 -16.66
C TYR B 564 -21.02 31.00 -16.20
N TYR B 565 -20.86 30.60 -14.94
CA TYR B 565 -21.67 29.52 -14.40
C TYR B 565 -23.10 29.96 -14.11
N ASN B 566 -23.33 31.25 -13.89
CA ASN B 566 -24.66 31.72 -13.51
C ASN B 566 -25.68 31.54 -14.64
N PHE B 567 -25.23 31.54 -15.90
CA PHE B 567 -26.13 31.37 -17.02
C PHE B 567 -26.69 29.95 -17.12
N LEU B 568 -26.16 29.00 -16.35
CA LEU B 568 -26.66 27.64 -16.39
C LEU B 568 -28.08 27.52 -15.88
N HIS B 569 -28.56 28.51 -15.12
CA HIS B 569 -29.93 28.50 -14.63
C HIS B 569 -30.96 28.72 -15.73
N SER B 570 -30.52 29.09 -16.93
CA SER B 570 -31.44 29.33 -18.03
C SER B 570 -32.04 28.01 -18.53
N LYS B 571 -33.05 28.13 -19.39
CA LYS B 571 -33.75 26.97 -19.93
C LYS B 571 -32.98 26.29 -21.06
N VAL B 572 -31.84 26.86 -21.48
CA VAL B 572 -31.07 26.28 -22.58
C VAL B 572 -30.56 24.90 -22.21
N VAL B 573 -30.39 24.62 -20.92
CA VAL B 573 -29.94 23.31 -20.44
C VAL B 573 -30.86 22.85 -19.33
N PRO B 574 -31.10 21.54 -19.19
CA PRO B 574 -31.93 21.06 -18.08
C PRO B 574 -31.26 21.31 -16.73
N ARG B 575 -32.10 21.52 -15.72
CA ARG B 575 -31.59 21.78 -14.38
C ARG B 575 -30.83 20.58 -13.84
N LYS B 576 -31.34 19.36 -14.08
CA LYS B 576 -30.64 18.17 -13.62
C LYS B 576 -29.30 17.99 -14.33
N LEU B 577 -29.19 18.48 -15.57
CA LEU B 577 -27.92 18.43 -16.29
C LEU B 577 -26.92 19.45 -15.78
N VAL B 578 -27.39 20.54 -15.18
CA VAL B 578 -26.49 21.57 -14.66
C VAL B 578 -25.68 21.03 -13.50
N THR B 579 -26.27 20.14 -12.69
CA THR B 579 -25.61 19.67 -11.48
C THR B 579 -24.29 18.96 -11.79
N TYR B 580 -24.27 18.13 -12.83
CA TYR B 580 -23.08 17.37 -13.13
C TYR B 580 -21.90 18.29 -13.45
N PHE B 581 -22.12 19.26 -14.36
CA PHE B 581 -21.09 20.24 -14.67
C PHE B 581 -20.73 21.07 -13.44
N ALA B 582 -21.74 21.49 -12.67
CA ALA B 582 -21.48 22.30 -11.49
C ALA B 582 -20.66 21.55 -10.46
N VAL B 583 -20.96 20.26 -10.25
CA VAL B 583 -20.20 19.47 -9.30
C VAL B 583 -18.78 19.23 -9.80
N GLU B 584 -18.63 18.90 -11.08
CA GLU B 584 -17.30 18.64 -11.62
C GLU B 584 -16.41 19.88 -11.55
N ARG B 585 -16.95 21.05 -11.89
CA ARG B 585 -16.14 22.26 -11.88
C ARG B 585 -15.83 22.72 -10.46
N LEU B 586 -16.79 22.59 -9.54
CA LEU B 586 -16.68 23.14 -8.20
C LEU B 586 -16.30 22.09 -7.16
N GLU B 587 -15.86 20.92 -7.59
CA GLU B 587 -15.52 19.85 -6.64
C GLU B 587 -14.23 20.18 -5.88
N SER B 588 -13.12 20.37 -6.60
CA SER B 588 -11.84 20.61 -5.95
C SER B 588 -11.85 21.92 -5.16
N ALA B 589 -12.48 22.95 -5.72
CA ALA B 589 -12.49 24.26 -5.06
C ALA B 589 -13.26 24.21 -3.74
N CYS B 590 -14.42 23.55 -3.73
CA CYS B 590 -15.20 23.44 -2.50
C CYS B 590 -14.45 22.65 -1.43
N TYR B 591 -13.82 21.54 -1.84
CA TYR B 591 -13.04 20.75 -0.89
C TYR B 591 -11.90 21.56 -0.32
N ILE B 592 -11.20 22.31 -1.18
CA ILE B 592 -10.08 23.12 -0.73
C ILE B 592 -10.55 24.20 0.23
N SER B 593 -11.66 24.87 -0.09
CA SER B 593 -12.16 25.93 0.77
C SER B 593 -12.60 25.39 2.12
N ALA B 594 -13.32 24.26 2.12
CA ALA B 594 -13.77 23.67 3.38
C ALA B 594 -12.58 23.24 4.24
N ALA B 595 -11.58 22.60 3.61
CA ALA B 595 -10.40 22.20 4.36
C ALA B 595 -9.65 23.41 4.91
N PHE B 596 -9.52 24.46 4.10
CA PHE B 596 -8.90 25.70 4.54
C PHE B 596 -9.57 26.25 5.79
N LEU B 597 -10.90 26.42 5.72
CA LEU B 597 -11.63 27.03 6.82
C LEU B 597 -11.61 26.16 8.08
N ARG B 598 -11.79 24.85 7.91
CA ARG B 598 -11.76 23.94 9.06
C ARG B 598 -10.38 23.93 9.70
N ALA B 599 -9.33 23.92 8.89
CA ALA B 599 -7.97 23.91 9.43
C ALA B 599 -7.69 25.19 10.19
N HIS B 600 -8.13 26.34 9.67
CA HIS B 600 -7.89 27.58 10.40
C HIS B 600 -8.72 27.66 11.67
N THR B 601 -9.95 27.13 11.68
CA THR B 601 -10.70 27.08 12.93
C THR B 601 -9.98 26.24 13.97
N ILE B 602 -9.54 25.05 13.58
CA ILE B 602 -8.85 24.16 14.52
C ILE B 602 -7.54 24.77 14.99
N ALA B 603 -6.81 25.41 14.08
CA ALA B 603 -5.53 26.03 14.44
C ALA B 603 -5.72 27.24 15.33
N ARG B 604 -6.79 28.01 15.13
CA ARG B 604 -7.11 29.11 16.04
C ARG B 604 -7.38 28.59 17.44
N GLN B 605 -8.18 27.52 17.54
CA GLN B 605 -8.45 26.93 18.85
C GLN B 605 -7.17 26.41 19.49
N GLN B 606 -6.32 25.74 18.71
CA GLN B 606 -5.08 25.19 19.25
C GLN B 606 -4.14 26.30 19.71
N LEU B 607 -4.04 27.38 18.93
CA LEU B 607 -3.19 28.50 19.29
C LEU B 607 -3.66 29.17 20.57
N TYR B 608 -4.98 29.33 20.73
CA TYR B 608 -5.48 29.90 21.97
C TYR B 608 -5.22 28.96 23.14
N ASP B 609 -5.38 27.65 22.92
CA ASP B 609 -5.15 26.69 24.00
C ASP B 609 -3.70 26.70 24.46
N PHE B 610 -2.76 26.80 23.50
CA PHE B 610 -1.34 26.81 23.86
C PHE B 610 -0.90 28.15 24.43
N LEU B 611 -1.01 29.21 23.63
CA LEU B 611 -0.48 30.51 24.05
C LEU B 611 -1.32 31.17 25.14
N GLY B 612 -2.54 30.69 25.36
CA GLY B 612 -3.39 31.33 26.34
C GLY B 612 -3.86 32.70 25.88
N GLU B 613 -4.17 33.56 26.84
CA GLU B 613 -4.61 34.91 26.53
C GLU B 613 -3.38 35.80 26.29
N SER B 614 -3.24 36.30 25.07
CA SER B 614 -2.12 37.16 24.71
C SER B 614 -2.55 38.09 23.59
N ASN B 615 -1.84 39.20 23.47
CA ASN B 615 -2.15 40.18 22.43
C ASN B 615 -1.76 39.67 21.05
N ILE B 616 -0.56 39.08 20.93
CA ILE B 616 -0.08 38.61 19.64
C ILE B 616 -0.90 37.42 19.17
N GLY B 617 -1.29 36.54 20.08
CA GLY B 617 -2.19 35.45 19.72
C GLY B 617 -3.51 35.96 19.18
N SER B 618 -4.07 36.99 19.81
CA SER B 618 -5.30 37.59 19.32
C SER B 618 -5.08 38.23 17.95
N ILE B 619 -3.91 38.83 17.74
CA ILE B 619 -3.61 39.44 16.44
C ILE B 619 -3.60 38.37 15.36
N VAL B 620 -2.93 37.24 15.62
CA VAL B 620 -2.86 36.18 14.62
C VAL B 620 -4.23 35.55 14.39
N ILE B 621 -5.02 35.40 15.46
CA ILE B 621 -6.37 34.87 15.32
C ILE B 621 -7.23 35.78 14.46
N ASN B 622 -7.14 37.09 14.69
CA ASN B 622 -7.89 38.04 13.87
C ASN B 622 -7.41 38.02 12.42
N GLU B 623 -6.10 37.88 12.21
CA GLU B 623 -5.58 37.76 10.86
C GLU B 623 -6.17 36.55 10.14
N SER B 624 -6.21 35.40 10.82
CA SER B 624 -6.77 34.20 10.22
C SER B 624 -8.26 34.36 9.96
N GLU B 625 -8.99 34.96 10.90
CA GLU B 625 -10.43 35.16 10.72
C GLU B 625 -10.72 36.06 9.53
N LYS B 626 -9.93 37.12 9.36
CA LYS B 626 -10.14 38.01 8.22
C LYS B 626 -9.65 37.39 6.92
N GLU B 627 -8.67 36.48 6.99
CA GLU B 627 -8.17 35.85 5.77
C GLU B 627 -9.15 34.80 5.26
N GLY B 628 -9.84 34.09 6.16
CA GLY B 628 -10.84 33.14 5.73
C GLY B 628 -12.05 33.74 5.04
N GLU B 629 -12.10 35.06 4.90
CA GLU B 629 -13.27 35.74 4.35
C GLU B 629 -13.50 35.36 2.89
N GLU B 630 -12.42 35.26 2.10
CA GLU B 630 -12.59 34.92 0.69
C GLU B 630 -13.10 33.50 0.52
N ALA B 631 -12.59 32.55 1.32
CA ALA B 631 -13.09 31.19 1.26
C ALA B 631 -14.56 31.11 1.69
N LYS B 632 -14.91 31.86 2.74
CA LYS B 632 -16.31 31.91 3.16
C LYS B 632 -17.19 32.48 2.06
N LYS B 633 -16.70 33.53 1.39
CA LYS B 633 -17.46 34.14 0.31
C LYS B 633 -17.66 33.18 -0.86
N PHE B 634 -16.61 32.43 -1.22
CA PHE B 634 -16.76 31.45 -2.29
C PHE B 634 -17.75 30.36 -1.92
N LEU B 635 -17.68 29.86 -0.68
CA LEU B 635 -18.64 28.86 -0.25
C LEU B 635 -20.05 29.40 -0.25
N GLU B 636 -20.23 30.67 0.16
CA GLU B 636 -21.55 31.27 0.13
C GLU B 636 -22.05 31.45 -1.30
N LYS B 637 -21.16 31.76 -2.23
CA LYS B 637 -21.54 31.84 -3.64
C LYS B 637 -21.99 30.47 -4.14
N VAL B 638 -21.29 29.40 -3.73
CA VAL B 638 -21.73 28.06 -4.09
C VAL B 638 -23.10 27.76 -3.49
N ARG B 639 -23.33 28.18 -2.24
CA ARG B 639 -24.62 27.95 -1.59
C ARG B 639 -25.74 28.64 -2.35
N SER B 640 -25.53 29.91 -2.70
CA SER B 640 -26.60 30.68 -3.35
C SER B 640 -26.85 30.21 -4.77
N SER B 641 -25.78 29.91 -5.52
CA SER B 641 -25.93 29.52 -6.91
C SER B 641 -26.51 28.12 -7.05
N PHE B 642 -25.78 27.13 -6.55
CA PHE B 642 -26.19 25.72 -6.65
C PHE B 642 -26.30 25.12 -5.26
N PRO B 643 -27.50 25.05 -4.69
CA PRO B 643 -27.63 24.55 -3.30
C PRO B 643 -27.16 23.13 -3.10
N GLN B 644 -27.35 22.24 -4.08
CA GLN B 644 -27.11 20.82 -3.90
C GLN B 644 -25.67 20.38 -4.16
N VAL B 645 -24.83 21.26 -4.71
CA VAL B 645 -23.47 20.86 -5.03
C VAL B 645 -22.68 20.53 -3.78
N LEU B 646 -22.85 21.33 -2.72
CA LEU B 646 -22.12 21.05 -1.49
C LEU B 646 -22.53 19.73 -0.88
N ARG B 647 -23.83 19.43 -0.85
CA ARG B 647 -24.27 18.14 -0.33
C ARG B 647 -23.75 17.00 -1.19
N VAL B 648 -23.77 17.16 -2.51
CA VAL B 648 -23.29 16.10 -3.40
C VAL B 648 -21.81 15.84 -3.18
N VAL B 649 -21.01 16.90 -3.08
CA VAL B 649 -19.58 16.72 -2.92
C VAL B 649 -19.25 16.20 -1.52
N LYS B 650 -20.02 16.60 -0.50
CA LYS B 650 -19.81 16.04 0.83
C LYS B 650 -20.11 14.55 0.85
N THR B 651 -21.21 14.14 0.21
CA THR B 651 -21.53 12.72 0.14
C THR B 651 -20.46 11.95 -0.64
N LYS B 652 -19.99 12.53 -1.75
CA LYS B 652 -18.93 11.88 -2.52
C LYS B 652 -17.65 11.72 -1.70
N GLN B 653 -17.29 12.76 -0.95
CA GLN B 653 -16.11 12.71 -0.10
C GLN B 653 -16.24 11.63 0.99
N VAL B 654 -17.39 11.61 1.66
CA VAL B 654 -17.61 10.65 2.74
C VAL B 654 -17.59 9.23 2.20
N THR B 655 -18.27 9.00 1.08
CA THR B 655 -18.31 7.65 0.53
C THR B 655 -16.95 7.23 -0.04
N TYR B 656 -16.18 8.17 -0.59
CA TYR B 656 -14.83 7.86 -1.01
C TYR B 656 -13.97 7.42 0.17
N SER B 657 -14.07 8.14 1.30
CA SER B 657 -13.34 7.72 2.49
C SER B 657 -13.79 6.35 2.97
N VAL B 658 -15.11 6.11 2.98
CA VAL B 658 -15.64 4.83 3.44
C VAL B 658 -15.14 3.69 2.57
N LEU B 659 -15.21 3.87 1.25
CA LEU B 659 -14.77 2.82 0.33
C LEU B 659 -13.27 2.61 0.39
N ASN B 660 -12.49 3.67 0.63
CA ASN B 660 -11.05 3.49 0.80
C ASN B 660 -10.74 2.72 2.08
N HIS B 661 -11.46 3.01 3.16
CA HIS B 661 -11.25 2.26 4.40
C HIS B 661 -11.61 0.79 4.19
N LEU B 662 -12.73 0.53 3.52
CA LEU B 662 -13.13 -0.85 3.23
C LEU B 662 -12.09 -1.55 2.35
N LEU B 663 -11.57 -0.83 1.36
CA LEU B 663 -10.56 -1.40 0.47
C LEU B 663 -9.30 -1.76 1.24
N GLY B 664 -8.86 -0.86 2.13
CA GLY B 664 -7.70 -1.17 2.95
C GLY B 664 -7.92 -2.37 3.84
N TYR B 665 -9.09 -2.45 4.45
CA TYR B 665 -9.44 -3.64 5.23
C TYR B 665 -9.42 -4.89 4.36
N ILE B 666 -9.81 -4.77 3.09
CA ILE B 666 -9.80 -5.92 2.19
C ILE B 666 -8.38 -6.34 1.83
N GLU B 667 -7.46 -5.38 1.65
CA GLU B 667 -6.08 -5.78 1.44
C GLU B 667 -5.49 -6.42 2.69
N ASN B 668 -5.88 -5.95 3.88
CA ASN B 668 -5.45 -6.64 5.10
C ASN B 668 -6.00 -8.06 5.13
N LEU B 669 -7.25 -8.24 4.73
CA LEU B 669 -7.82 -9.59 4.64
C LEU B 669 -7.07 -10.45 3.63
N GLU B 670 -6.64 -9.84 2.52
CA GLU B 670 -5.85 -10.55 1.53
C GLU B 670 -4.53 -11.01 2.12
N LYS B 671 -3.90 -10.17 2.94
CA LYS B 671 -2.65 -10.53 3.60
C LYS B 671 -2.81 -11.70 4.58
N VAL B 672 -4.04 -12.04 4.95
CA VAL B 672 -4.31 -13.11 5.90
C VAL B 672 -4.97 -14.26 5.15
N GLY B 673 -4.43 -15.46 5.32
CA GLY B 673 -5.03 -16.62 4.70
C GLY B 673 -6.29 -17.07 5.40
N LEU B 674 -7.26 -16.17 5.53
CA LEU B 674 -8.45 -16.42 6.34
C LEU B 674 -9.64 -16.86 5.50
N LEU B 675 -10.04 -16.04 4.53
CA LEU B 675 -11.20 -16.34 3.69
C LEU B 675 -10.76 -17.01 2.40
N GLU B 676 -11.72 -17.67 1.75
CA GLU B 676 -11.47 -18.27 0.45
C GLU B 676 -11.17 -17.18 -0.58
N GLU B 677 -10.32 -17.53 -1.55
CA GLU B 677 -9.93 -16.55 -2.56
C GLU B 677 -11.12 -16.06 -3.36
N LYS B 678 -12.13 -16.92 -3.58
CA LYS B 678 -13.31 -16.49 -4.32
C LYS B 678 -14.08 -15.42 -3.56
N GLU B 679 -14.25 -15.58 -2.25
CA GLU B 679 -15.01 -14.62 -1.47
C GLU B 679 -14.26 -13.30 -1.34
N ILE B 680 -12.94 -13.36 -1.10
CA ILE B 680 -12.14 -12.15 -1.05
C ILE B 680 -12.18 -11.43 -2.38
N ALA B 681 -12.08 -12.18 -3.48
CA ALA B 681 -12.16 -11.58 -4.80
C ALA B 681 -13.52 -10.92 -5.03
N HIS B 682 -14.59 -11.57 -4.58
CA HIS B 682 -15.92 -10.99 -4.74
C HIS B 682 -16.06 -9.68 -3.97
N LEU B 683 -15.59 -9.68 -2.71
CA LEU B 683 -15.68 -8.46 -1.91
C LEU B 683 -14.84 -7.34 -2.51
N HIS B 684 -13.61 -7.66 -2.95
CA HIS B 684 -12.75 -6.67 -3.55
C HIS B 684 -13.35 -6.12 -4.83
N ASP B 685 -13.94 -7.00 -5.65
CA ASP B 685 -14.55 -6.56 -6.89
C ASP B 685 -15.76 -5.67 -6.62
N ALA B 686 -16.57 -6.02 -5.62
CA ALA B 686 -17.72 -5.18 -5.30
C ALA B 686 -17.29 -3.80 -4.80
N VAL B 687 -16.30 -3.75 -3.92
CA VAL B 687 -15.84 -2.47 -3.40
C VAL B 687 -15.20 -1.62 -4.49
N GLN B 688 -14.38 -2.24 -5.34
CA GLN B 688 -13.77 -1.49 -6.43
C GLN B 688 -14.81 -1.03 -7.44
N THR B 689 -15.83 -1.85 -7.70
CA THR B 689 -16.89 -1.45 -8.60
C THR B 689 -17.66 -0.25 -8.06
N GLY B 690 -17.98 -0.27 -6.76
CA GLY B 690 -18.63 0.89 -6.17
C GLY B 690 -17.75 2.13 -6.20
N LEU B 691 -16.46 1.94 -5.91
CA LEU B 691 -15.54 3.08 -5.91
C LEU B 691 -15.41 3.68 -7.31
N LYS B 692 -15.35 2.84 -8.34
CA LYS B 692 -15.30 3.36 -9.70
C LYS B 692 -16.61 3.99 -10.12
N LYS B 693 -17.74 3.40 -9.72
CA LYS B 693 -19.04 3.96 -10.08
C LYS B 693 -19.26 5.33 -9.42
N LEU B 694 -18.65 5.56 -8.26
CA LEU B 694 -18.79 6.87 -7.63
C LEU B 694 -17.74 7.86 -8.11
N LEU B 695 -16.48 7.47 -8.17
CA LEU B 695 -15.42 8.35 -8.63
C LEU B 695 -15.56 8.66 -10.12
N ARG B 696 -16.39 7.92 -10.84
CA ARG B 696 -16.67 8.17 -12.25
C ARG B 696 -17.60 9.37 -12.42
N ASN B 697 -18.80 9.30 -11.86
CA ASN B 697 -19.78 10.36 -11.97
C ASN B 697 -20.27 10.78 -10.59
N PRO B 698 -20.67 12.05 -10.42
CA PRO B 698 -21.05 12.52 -9.10
C PRO B 698 -22.25 11.76 -8.57
N PRO B 699 -22.32 11.54 -7.26
CA PRO B 699 -23.50 10.85 -6.69
C PRO B 699 -24.76 11.66 -6.89
N ILE B 700 -25.87 10.94 -7.05
CA ILE B 700 -27.18 11.57 -7.21
C ILE B 700 -27.86 11.62 -5.85
N VAL B 701 -28.17 12.84 -5.39
CA VAL B 701 -28.79 13.07 -4.09
C VAL B 701 -30.05 13.89 -4.28
N LYS B 702 -31.14 13.45 -3.65
CA LYS B 702 -32.40 14.17 -3.76
C LYS B 702 -32.37 15.43 -2.91
N LEU B 703 -33.35 16.30 -3.14
CA LEU B 703 -33.49 17.55 -2.41
C LEU B 703 -34.66 17.46 -1.44
N PRO B 704 -34.46 17.76 -0.17
CA PRO B 704 -35.56 17.68 0.80
C PRO B 704 -36.62 18.73 0.52
N LYS B 705 -37.86 18.42 0.92
CA LYS B 705 -39.01 19.29 0.76
C LYS B 705 -39.45 19.86 2.11
N LEU B 706 -38.49 20.14 2.98
CA LEU B 706 -38.69 20.73 4.31
C LEU B 706 -39.33 19.72 5.26
N SER B 707 -39.70 18.55 4.75
CA SER B 707 -40.17 17.45 5.58
C SER B 707 -39.07 16.44 5.87
N ASP B 708 -38.21 16.17 4.88
CA ASP B 708 -37.08 15.27 5.10
C ASP B 708 -36.10 15.87 6.09
N MET B 709 -35.86 17.18 6.02
CA MET B 709 -34.98 17.82 6.99
C MET B 709 -35.55 17.77 8.40
N ILE B 710 -36.87 17.97 8.52
CA ILE B 710 -37.52 17.84 9.82
C ILE B 710 -37.37 16.42 10.34
N THR B 711 -37.61 15.43 9.48
CA THR B 711 -37.50 14.03 9.90
C THR B 711 -36.09 13.70 10.35
N SER B 712 -35.08 14.18 9.62
CA SER B 712 -33.69 13.93 9.97
C SER B 712 -33.20 14.77 11.14
N HIS B 713 -33.95 15.79 11.54
CA HIS B 713 -33.53 16.61 12.66
C HIS B 713 -33.62 15.80 13.97
N PRO B 714 -32.64 15.93 14.87
CA PRO B 714 -32.70 15.16 16.11
C PRO B 714 -33.93 15.42 16.96
N LEU B 715 -34.42 16.67 16.99
CA LEU B 715 -35.57 16.97 17.84
C LEU B 715 -36.83 16.29 17.33
N SER B 716 -37.14 16.44 16.04
CA SER B 716 -38.37 15.88 15.50
C SER B 716 -38.24 14.36 15.38
N VAL B 717 -39.39 13.71 15.17
CA VAL B 717 -39.51 12.26 15.06
C VAL B 717 -39.11 11.59 16.37
N ALA B 718 -37.95 11.95 16.89
CA ALA B 718 -37.47 11.45 18.18
C ALA B 718 -38.15 12.14 19.36
N LEU B 719 -39.24 12.86 19.14
CA LEU B 719 -39.94 13.53 20.23
C LEU B 719 -41.44 13.68 19.93
N PRO B 720 -41.85 14.31 18.84
CA PRO B 720 -43.29 14.51 18.62
C PRO B 720 -43.90 13.29 17.96
N PRO B 721 -44.90 12.67 18.59
CA PRO B 721 -45.58 11.53 17.96
C PRO B 721 -46.35 11.92 16.72
N ALA B 722 -47.19 12.96 16.83
CA ALA B 722 -47.97 13.49 15.72
C ALA B 722 -47.88 15.00 15.76
N PHE B 723 -46.86 15.54 15.08
CA PHE B 723 -46.65 16.98 15.01
C PHE B 723 -47.35 17.53 13.76
N CYS B 724 -46.97 18.73 13.34
CA CYS B 724 -47.70 19.48 12.31
C CYS B 724 -47.42 18.95 10.91
N GLU B 725 -47.02 17.69 10.81
CA GLU B 725 -46.69 16.95 9.60
C GLU B 725 -47.55 17.34 8.38
N PRO B 726 -48.87 17.51 8.51
CA PRO B 726 -49.64 18.00 7.36
C PRO B 726 -49.18 19.35 6.83
N LEU B 727 -48.58 20.20 7.69
CA LEU B 727 -48.08 21.48 7.24
C LEU B 727 -46.67 21.40 6.67
N LYS B 728 -46.02 20.24 6.72
CA LYS B 728 -44.67 20.11 6.19
C LYS B 728 -44.64 20.28 4.68
N HIS B 729 -45.60 19.68 3.97
CA HIS B 729 -45.60 19.75 2.52
C HIS B 729 -45.96 21.14 2.01
N SER B 730 -46.66 21.94 2.81
CA SER B 730 -47.05 23.30 2.44
C SER B 730 -46.52 24.24 3.52
N LYS B 731 -45.28 24.70 3.36
CA LYS B 731 -44.65 25.55 4.36
C LYS B 731 -43.78 26.58 3.64
N LYS B 732 -43.45 27.64 4.37
CA LYS B 732 -42.66 28.73 3.81
C LYS B 732 -41.21 28.28 3.58
N GLU B 733 -40.52 29.04 2.74
CA GLU B 733 -39.14 28.70 2.39
C GLU B 733 -38.23 28.83 3.60
N PRO B 734 -37.43 27.81 3.92
CA PRO B 734 -36.50 27.89 5.05
C PRO B 734 -35.17 28.56 4.72
N MET B 735 -35.03 29.17 3.56
CA MET B 735 -33.76 29.78 3.15
C MET B 735 -33.59 31.12 3.85
N LYS B 736 -32.51 31.24 4.63
CA LYS B 736 -32.17 32.49 5.30
C LYS B 736 -30.78 32.92 4.87
N LEU B 737 -30.67 34.17 4.42
CA LEU B 737 -29.39 34.70 3.97
C LEU B 737 -28.45 34.92 5.15
N ARG B 738 -27.17 35.05 4.84
CA ARG B 738 -26.16 35.27 5.86
C ARG B 738 -26.36 36.63 6.52
N GLY B 739 -26.21 36.67 7.85
CA GLY B 739 -26.41 37.87 8.61
C GLY B 739 -27.82 38.11 9.10
N VAL B 740 -28.78 37.28 8.70
CA VAL B 740 -30.16 37.44 9.16
C VAL B 740 -30.25 36.99 10.61
N THR B 741 -30.81 37.86 11.45
CA THR B 741 -30.93 37.57 12.87
C THR B 741 -32.19 36.77 13.13
N LEU B 742 -32.04 35.62 13.81
CA LEU B 742 -33.19 34.78 14.13
C LEU B 742 -34.00 35.40 15.26
N TYR B 743 -33.38 35.58 16.42
CA TYR B 743 -34.02 36.25 17.55
C TYR B 743 -32.97 37.09 18.28
N LYS B 744 -33.46 38.08 19.02
CA LYS B 744 -32.60 39.03 19.72
C LYS B 744 -32.36 38.59 21.17
N GLU B 745 -31.22 39.00 21.70
CA GLU B 745 -30.90 38.69 23.10
C GLU B 745 -31.80 39.46 24.04
N GLY B 746 -32.29 38.78 25.08
CA GLY B 746 -33.14 39.39 26.07
C GLY B 746 -34.61 39.42 25.71
N SER B 747 -34.97 39.12 24.47
CA SER B 747 -36.37 39.10 24.09
C SER B 747 -37.09 37.90 24.70
N LYS B 748 -38.39 38.05 24.89
CA LYS B 748 -39.18 36.95 25.45
C LYS B 748 -39.21 35.77 24.48
N PRO B 749 -39.18 34.54 24.99
CA PRO B 749 -39.19 33.38 24.09
C PRO B 749 -40.48 33.32 23.29
N THR B 750 -40.35 32.89 22.03
CA THR B 750 -41.49 32.78 21.14
C THR B 750 -41.54 31.39 20.52
N GLY B 751 -40.38 30.78 20.32
CA GLY B 751 -40.33 29.46 19.73
C GLY B 751 -38.90 28.97 19.63
N VAL B 752 -38.74 27.88 18.88
CA VAL B 752 -37.44 27.26 18.69
C VAL B 752 -37.05 27.37 17.22
N TRP B 753 -35.75 27.29 16.97
CA TRP B 753 -35.18 27.39 15.63
C TRP B 753 -34.33 26.14 15.38
N LEU B 754 -34.90 25.17 14.67
CA LEU B 754 -34.14 23.99 14.30
C LEU B 754 -33.18 24.31 13.16
N ILE B 755 -31.93 23.86 13.30
CA ILE B 755 -30.91 24.08 12.29
C ILE B 755 -30.80 22.83 11.43
N PHE B 756 -31.08 22.97 10.14
CA PHE B 756 -31.01 21.86 9.19
C PHE B 756 -29.72 21.84 8.41
N ASP B 757 -29.29 22.99 7.87
CA ASP B 757 -28.08 23.07 7.08
C ASP B 757 -27.63 24.52 7.05
N GLY B 758 -26.45 24.79 7.60
CA GLY B 758 -25.89 26.12 7.63
C GLY B 758 -25.17 26.36 8.94
N ILE B 759 -24.71 27.59 9.12
CA ILE B 759 -23.97 28.00 10.30
C ILE B 759 -24.63 29.24 10.89
N VAL B 760 -24.91 29.19 12.19
CA VAL B 760 -25.49 30.32 12.91
C VAL B 760 -24.55 30.68 14.06
N LYS B 761 -24.28 31.97 14.22
CA LYS B 761 -23.36 32.47 15.24
C LYS B 761 -24.14 33.16 16.35
N TRP B 762 -23.69 32.95 17.59
CA TRP B 762 -24.33 33.54 18.76
C TRP B 762 -23.39 34.55 19.42
N LYS B 763 -23.99 35.63 19.91
CA LYS B 763 -23.26 36.66 20.65
C LYS B 763 -24.10 37.08 21.84
N SER B 764 -23.45 37.42 22.95
CA SER B 764 -24.18 37.82 24.14
C SER B 764 -23.34 38.77 24.98
N LYS B 765 -24.02 39.55 25.82
CA LYS B 765 -23.39 40.48 26.73
C LYS B 765 -23.44 39.98 28.17
N ILE B 766 -24.63 39.67 28.69
CA ILE B 766 -24.74 39.11 30.04
C ILE B 766 -24.07 37.74 30.08
N LEU B 767 -24.31 36.91 29.07
CA LEU B 767 -23.56 35.66 28.89
C LEU B 767 -22.24 36.04 28.22
N SER B 768 -21.26 36.40 29.03
CA SER B 768 -20.00 36.92 28.51
C SER B 768 -19.30 35.89 27.64
N ASN B 769 -18.76 36.36 26.51
CA ASN B 769 -17.96 35.54 25.62
C ASN B 769 -16.59 35.35 26.29
N ASN B 770 -16.53 34.36 27.18
CA ASN B 770 -15.34 34.15 28.00
C ASN B 770 -14.10 33.89 27.14
N HIS B 771 -14.10 32.77 26.42
CA HIS B 771 -12.94 32.40 25.62
C HIS B 771 -13.33 31.81 24.27
N SER B 772 -14.58 31.97 23.84
CA SER B 772 -15.03 31.37 22.60
C SER B 772 -14.45 32.10 21.41
N LEU B 773 -13.86 31.35 20.48
CA LEU B 773 -13.38 31.89 19.21
C LEU B 773 -14.27 31.52 18.04
N HIS B 774 -15.00 30.42 18.14
CA HIS B 774 -15.89 29.94 17.08
C HIS B 774 -17.26 29.69 17.67
N PRO B 775 -17.98 30.75 18.05
CA PRO B 775 -19.29 30.58 18.70
C PRO B 775 -20.39 30.35 17.67
N THR B 776 -20.35 29.18 17.04
CA THR B 776 -21.29 28.82 16.00
C THR B 776 -21.91 27.47 16.29
N PHE B 777 -23.09 27.24 15.74
CA PHE B 777 -23.83 26.00 15.89
C PHE B 777 -24.08 25.37 14.52
N SER B 778 -23.69 24.11 14.39
CA SER B 778 -23.76 23.42 13.10
C SER B 778 -25.18 22.93 12.85
N HIS B 779 -25.33 22.07 11.85
CA HIS B 779 -26.62 21.49 11.53
C HIS B 779 -27.05 20.53 12.63
N GLY B 780 -28.35 20.23 12.65
CA GLY B 780 -28.89 19.31 13.63
C GLY B 780 -28.92 19.83 15.04
N SER B 781 -28.98 21.14 15.23
CA SER B 781 -29.04 21.75 16.55
C SER B 781 -30.37 22.45 16.73
N THR B 782 -30.92 22.35 17.95
CA THR B 782 -32.16 23.02 18.30
C THR B 782 -31.83 24.21 19.19
N LEU B 783 -32.25 25.40 18.76
CA LEU B 783 -31.94 26.64 19.46
C LEU B 783 -33.21 27.29 19.97
N GLY B 784 -33.11 27.94 21.13
CA GLY B 784 -34.25 28.55 21.77
C GLY B 784 -35.09 27.60 22.60
N LEU B 785 -34.67 26.34 22.75
CA LEU B 785 -35.48 25.37 23.49
C LEU B 785 -35.45 25.65 24.98
N TYR B 786 -34.28 25.97 25.53
CA TYR B 786 -34.18 26.23 26.97
C TYR B 786 -35.01 27.43 27.37
N GLU B 787 -34.98 28.49 26.56
CA GLU B 787 -35.75 29.69 26.88
C GLU B 787 -37.25 29.43 26.85
N VAL B 788 -37.72 28.69 25.84
CA VAL B 788 -39.16 28.38 25.77
C VAL B 788 -39.57 27.33 26.78
N LEU B 789 -38.61 26.60 27.37
CA LEU B 789 -38.95 25.66 28.43
C LEU B 789 -39.04 26.36 29.78
N THR B 790 -37.97 27.06 30.17
CA THR B 790 -37.96 27.72 31.47
C THR B 790 -38.81 28.99 31.47
N GLY B 791 -38.82 29.71 30.35
CA GLY B 791 -39.46 31.00 30.28
C GLY B 791 -38.51 32.17 30.39
N LYS B 792 -37.24 31.91 30.72
CA LYS B 792 -36.25 32.98 30.82
C LYS B 792 -36.01 33.58 29.44
N PRO B 793 -35.65 34.88 29.39
CA PRO B 793 -35.45 35.52 28.09
C PRO B 793 -34.21 34.98 27.38
N TYR B 794 -34.15 35.26 26.08
CA TYR B 794 -33.10 34.71 25.23
C TYR B 794 -31.72 35.10 25.75
N LEU B 795 -30.85 34.09 25.90
CA LEU B 795 -29.52 34.32 26.45
C LEU B 795 -28.56 34.95 25.45
N CYS B 796 -28.85 34.84 24.15
CA CYS B 796 -27.98 35.39 23.12
C CYS B 796 -28.78 35.55 21.85
N ASP B 797 -28.27 36.37 20.94
CA ASP B 797 -28.89 36.53 19.63
C ASP B 797 -28.15 35.69 18.59
N LEU B 798 -28.91 35.19 17.62
CA LEU B 798 -28.39 34.30 16.59
C LEU B 798 -28.33 35.04 15.27
N ILE B 799 -27.15 35.07 14.66
CA ILE B 799 -26.96 35.62 13.32
C ILE B 799 -26.39 34.52 12.44
N THR B 800 -27.00 34.34 11.26
CA THR B 800 -26.56 33.29 10.35
C THR B 800 -25.26 33.69 9.68
N ASP B 801 -24.30 32.77 9.65
CA ASP B 801 -23.02 32.98 8.99
C ASP B 801 -22.99 32.48 7.55
N SER B 802 -24.10 31.95 7.06
CA SER B 802 -24.18 31.43 5.70
C SER B 802 -25.66 31.23 5.37
N MET B 803 -25.92 30.73 4.17
CA MET B 803 -27.30 30.38 3.79
C MET B 803 -27.76 29.23 4.67
N VAL B 804 -28.67 29.53 5.60
CA VAL B 804 -29.08 28.58 6.63
C VAL B 804 -30.50 28.12 6.35
N LEU B 805 -30.68 26.81 6.28
CA LEU B 805 -32.01 26.21 6.23
C LEU B 805 -32.46 25.92 7.65
N CYS B 806 -33.54 26.57 8.09
CA CYS B 806 -34.00 26.45 9.46
C CYS B 806 -35.52 26.48 9.51
N PHE B 807 -36.05 25.90 10.57
CA PHE B 807 -37.49 25.85 10.81
C PHE B 807 -37.82 26.49 12.14
N PHE B 808 -39.01 27.10 12.22
CA PHE B 808 -39.50 27.74 13.43
C PHE B 808 -40.73 27.01 13.91
N ILE B 809 -40.73 26.62 15.19
CA ILE B 809 -41.87 25.96 15.84
C ILE B 809 -42.29 26.81 17.03
N ASP B 810 -43.59 27.06 17.13
CA ASP B 810 -44.10 27.91 18.20
C ASP B 810 -43.81 27.27 19.56
N SER B 811 -43.54 28.14 20.55
CA SER B 811 -43.21 27.65 21.88
C SER B 811 -44.37 26.93 22.53
N GLU B 812 -45.60 27.24 22.14
CA GLU B 812 -46.76 26.56 22.70
C GLU B 812 -46.75 25.06 22.36
N LYS B 813 -46.26 24.71 21.19
CA LYS B 813 -46.13 23.29 20.84
C LYS B 813 -45.15 22.59 21.77
N ILE B 814 -44.02 23.24 22.07
CA ILE B 814 -43.04 22.66 22.99
C ILE B 814 -43.64 22.52 24.38
N LEU B 815 -44.38 23.54 24.83
CA LEU B 815 -45.00 23.47 26.15
C LEU B 815 -46.05 22.35 26.21
N SER B 816 -46.80 22.16 25.12
CA SER B 816 -47.76 21.06 25.07
C SER B 816 -47.05 19.71 25.10
N LEU B 817 -45.93 19.59 24.39
CA LEU B 817 -45.15 18.35 24.43
C LEU B 817 -44.56 18.12 25.82
N GLN B 818 -44.33 19.20 26.58
CA GLN B 818 -43.73 19.12 27.91
C GLN B 818 -44.60 18.37 28.91
N SER B 819 -45.74 17.85 28.46
CA SER B 819 -46.63 17.12 29.36
C SER B 819 -46.00 15.83 29.87
N ASP B 820 -45.29 15.10 29.00
CA ASP B 820 -44.77 13.79 29.34
C ASP B 820 -43.35 13.88 29.87
N SER B 821 -43.09 13.14 30.95
CA SER B 821 -41.74 13.10 31.53
C SER B 821 -40.74 12.46 30.58
N THR B 822 -41.15 11.41 29.87
CA THR B 822 -40.31 10.82 28.84
C THR B 822 -40.01 11.81 27.73
N ILE B 823 -40.84 12.84 27.58
CA ILE B 823 -40.52 13.95 26.70
C ILE B 823 -39.67 14.99 27.43
N ASP B 824 -39.95 15.19 28.71
CA ASP B 824 -39.30 16.25 29.48
C ASP B 824 -37.81 16.01 29.60
N ASP B 825 -37.40 14.78 29.92
CA ASP B 825 -35.98 14.50 30.12
C ASP B 825 -35.18 14.75 28.84
N PHE B 826 -35.70 14.29 27.70
CA PHE B 826 -34.99 14.53 26.45
C PHE B 826 -35.03 15.99 26.05
N LEU B 827 -36.12 16.71 26.36
CA LEU B 827 -36.17 18.13 26.08
C LEU B 827 -35.10 18.88 26.88
N TRP B 828 -34.95 18.53 28.15
CA TRP B 828 -33.93 19.18 28.98
C TRP B 828 -32.54 18.82 28.51
N GLN B 829 -32.33 17.57 28.07
CA GLN B 829 -31.02 17.19 27.53
C GLN B 829 -30.72 17.95 26.25
N GLU B 830 -31.74 18.13 25.38
CA GLU B 830 -31.55 18.88 24.14
C GLU B 830 -31.21 20.33 24.43
N SER B 831 -31.86 20.92 25.45
CA SER B 831 -31.51 22.29 25.84
C SER B 831 -30.09 22.36 26.39
N ALA B 832 -29.72 21.37 27.22
CA ALA B 832 -28.36 21.34 27.76
C ALA B 832 -27.33 21.19 26.65
N LEU B 833 -27.70 20.55 25.54
CA LEU B 833 -26.78 20.39 24.42
C LEU B 833 -26.24 21.74 23.94
N VAL B 834 -27.08 22.77 23.92
CA VAL B 834 -26.63 24.10 23.52
C VAL B 834 -26.19 24.93 24.73
N LEU B 835 -26.72 24.62 25.92
CA LEU B 835 -26.27 25.32 27.12
C LEU B 835 -24.80 25.06 27.40
N LEU B 836 -24.35 23.82 27.24
CA LEU B 836 -22.93 23.50 27.45
C LEU B 836 -22.04 24.32 26.51
N LYS B 837 -22.52 24.58 25.29
CA LYS B 837 -21.76 25.40 24.35
C LYS B 837 -21.84 26.88 24.68
N LEU B 838 -22.95 27.33 25.26
CA LEU B 838 -23.10 28.74 25.63
C LEU B 838 -22.41 29.05 26.95
N LEU B 839 -22.75 28.30 28.00
CA LEU B 839 -22.25 28.61 29.34
C LEU B 839 -20.75 28.39 29.47
N ARG B 840 -20.23 27.29 28.91
CA ARG B 840 -18.82 26.95 29.04
C ARG B 840 -18.23 26.65 27.67
N PRO B 841 -17.97 27.69 26.87
CA PRO B 841 -17.35 27.47 25.55
C PRO B 841 -15.85 27.23 25.60
N GLN B 842 -15.24 27.23 26.79
CA GLN B 842 -13.80 27.00 26.87
C GLN B 842 -13.43 25.61 26.38
N ILE B 843 -14.14 24.58 26.84
CA ILE B 843 -13.82 23.21 26.49
C ILE B 843 -14.96 22.47 25.81
N PHE B 844 -16.15 23.07 25.72
CA PHE B 844 -17.29 22.44 25.08
C PHE B 844 -17.63 23.06 23.73
N GLU B 845 -16.79 23.96 23.24
CA GLU B 845 -16.95 24.52 21.89
C GLU B 845 -16.08 23.83 20.86
N SER B 846 -14.89 23.38 21.26
CA SER B 846 -14.02 22.65 20.33
C SER B 846 -14.65 21.33 19.90
N VAL B 847 -15.28 20.62 20.83
CA VAL B 847 -15.86 19.32 20.52
C VAL B 847 -17.05 19.51 19.58
N ALA B 848 -17.25 18.51 18.72
CA ALA B 848 -18.36 18.55 17.78
C ALA B 848 -19.67 18.22 18.50
N MET B 849 -20.78 18.56 17.85
CA MET B 849 -22.09 18.26 18.44
C MET B 849 -22.31 16.76 18.56
N GLN B 850 -21.88 15.99 17.55
CA GLN B 850 -22.06 14.55 17.59
C GLN B 850 -21.29 13.92 18.74
N GLU B 851 -20.09 14.44 19.03
CA GLU B 851 -19.34 13.97 20.19
C GLU B 851 -20.01 14.41 21.49
N LEU B 852 -20.63 15.59 21.50
CA LEU B 852 -21.35 16.07 22.67
C LEU B 852 -22.65 15.30 22.91
N ARG B 853 -23.19 14.66 21.87
CA ARG B 853 -24.37 13.82 22.05
C ARG B 853 -24.06 12.62 22.93
N ALA B 854 -22.86 12.04 22.78
CA ALA B 854 -22.49 10.88 23.60
C ALA B 854 -22.36 11.25 25.07
N LEU B 855 -21.88 12.46 25.37
CA LEU B 855 -21.70 12.86 26.76
C LEU B 855 -23.03 12.95 27.49
N VAL B 856 -24.07 13.46 26.82
CA VAL B 856 -25.36 13.64 27.46
C VAL B 856 -26.23 12.38 27.40
N SER B 857 -25.98 11.49 26.43
CA SER B 857 -26.79 10.29 26.29
C SER B 857 -26.37 9.17 27.21
N THR B 858 -25.26 9.32 27.94
CA THR B 858 -24.83 8.27 28.86
C THR B 858 -25.71 8.22 30.09
N GLU B 859 -25.70 7.07 30.76
CA GLU B 859 -26.49 6.89 31.97
C GLU B 859 -25.89 7.63 33.16
N SER B 860 -24.57 7.90 33.14
CA SER B 860 -23.94 8.62 34.24
C SER B 860 -24.44 10.06 34.35
N SER B 861 -24.91 10.64 33.25
CA SER B 861 -25.48 11.98 33.26
C SER B 861 -27.00 11.85 33.28
N LYS B 862 -27.61 12.09 34.44
CA LYS B 862 -29.04 11.93 34.64
C LYS B 862 -29.66 13.24 35.09
N LEU B 863 -30.85 13.53 34.55
CA LEU B 863 -31.60 14.72 34.94
C LEU B 863 -32.27 14.44 36.29
N THR B 864 -31.76 15.07 37.35
CA THR B 864 -32.29 14.89 38.69
C THR B 864 -32.89 16.20 39.17
N THR B 865 -34.15 16.14 39.59
CA THR B 865 -34.85 17.31 40.12
C THR B 865 -34.57 17.38 41.61
N TYR B 866 -33.60 18.20 41.99
CA TYR B 866 -33.22 18.31 43.39
C TYR B 866 -34.34 18.97 44.21
N VAL B 867 -34.49 18.51 45.44
CA VAL B 867 -35.50 19.03 46.36
C VAL B 867 -34.88 20.14 47.19
N THR B 868 -35.71 21.07 47.65
CA THR B 868 -35.23 22.19 48.44
C THR B 868 -34.54 21.70 49.70
N GLY B 869 -33.41 22.31 50.02
CA GLY B 869 -32.64 21.95 51.18
C GLY B 869 -31.63 20.83 50.97
N GLU B 870 -31.59 20.24 49.77
CA GLU B 870 -30.66 19.17 49.49
C GLU B 870 -29.28 19.74 49.16
N SER B 871 -28.31 18.85 48.92
CA SER B 871 -26.94 19.23 48.63
C SER B 871 -26.53 18.67 47.28
N ILE B 872 -25.97 19.52 46.43
CA ILE B 872 -25.45 19.11 45.13
C ILE B 872 -23.94 18.97 45.25
N GLU B 873 -23.43 17.78 44.95
CA GLU B 873 -22.00 17.51 45.02
C GLU B 873 -21.45 17.31 43.62
N ILE B 874 -20.36 18.02 43.30
CA ILE B 874 -19.72 17.96 42.00
C ILE B 874 -18.35 17.32 42.17
N ASP B 875 -18.10 16.26 41.42
CA ASP B 875 -16.84 15.55 41.50
C ASP B 875 -15.73 16.36 40.81
N CYS B 876 -14.48 15.95 41.07
CA CYS B 876 -13.34 16.61 40.44
C CYS B 876 -13.36 16.48 38.92
N ASN B 877 -13.74 15.31 38.42
CA ASN B 877 -13.83 15.06 36.99
C ASN B 877 -15.26 15.17 36.47
N SER B 878 -16.05 16.07 37.06
CA SER B 878 -17.45 16.24 36.66
C SER B 878 -17.77 17.73 36.61
N ILE B 879 -18.71 18.08 35.74
CA ILE B 879 -19.17 19.45 35.57
C ILE B 879 -20.69 19.46 35.62
N GLY B 880 -21.25 20.28 36.50
CA GLY B 880 -22.69 20.36 36.67
C GLY B 880 -23.27 21.61 36.03
N LEU B 881 -24.52 21.50 35.58
CA LEU B 881 -25.24 22.59 34.95
C LEU B 881 -26.59 22.77 35.62
N LEU B 882 -27.03 24.02 35.74
CA LEU B 882 -28.30 24.35 36.36
C LEU B 882 -29.34 24.63 35.28
N LEU B 883 -30.46 23.91 35.33
CA LEU B 883 -31.55 24.14 34.39
C LEU B 883 -32.63 25.05 34.95
N GLU B 884 -32.81 25.07 36.27
CA GLU B 884 -33.78 25.94 36.91
C GLU B 884 -33.42 26.07 38.39
N GLY B 885 -34.04 27.04 39.05
CA GLY B 885 -33.86 27.20 40.47
C GLY B 885 -32.59 27.93 40.83
N PHE B 886 -32.34 28.00 42.14
CA PHE B 886 -31.18 28.69 42.70
C PHE B 886 -30.36 27.72 43.54
N VAL B 887 -29.05 27.92 43.54
CA VAL B 887 -28.11 27.06 44.25
C VAL B 887 -27.11 27.93 45.01
N LYS B 888 -26.82 27.56 46.25
CA LYS B 888 -25.91 28.30 47.11
C LYS B 888 -24.70 27.45 47.44
N PRO B 889 -23.48 27.96 47.25
CA PRO B 889 -22.29 27.14 47.48
C PRO B 889 -22.05 26.84 48.95
N VAL B 890 -21.36 25.73 49.20
CA VAL B 890 -21.02 25.28 50.55
C VAL B 890 -19.57 25.64 50.83
N GLY B 891 -19.33 26.26 51.98
CA GLY B 891 -18.00 26.68 52.37
C GLY B 891 -17.54 27.98 51.74
N ILE B 892 -18.42 28.67 51.00
CA ILE B 892 -18.07 29.90 50.31
C ILE B 892 -19.10 30.96 50.73
N LYS B 893 -18.72 32.22 50.59
CA LYS B 893 -19.61 33.34 50.90
C LYS B 893 -20.96 33.16 50.20
N GLU B 894 -22.01 33.66 50.84
CA GLU B 894 -23.37 33.42 50.38
C GLU B 894 -23.67 34.21 49.12
N GLU B 895 -23.07 33.83 48.01
CA GLU B 895 -23.36 34.39 46.69
C GLU B 895 -24.32 33.44 46.00
N LEU B 896 -25.60 33.83 45.96
CA LEU B 896 -26.63 32.95 45.43
C LEU B 896 -26.48 32.82 43.91
N ILE B 897 -26.35 31.59 43.44
CA ILE B 897 -26.27 31.32 42.01
C ILE B 897 -27.68 31.12 41.48
N SER B 898 -27.86 31.38 40.19
CA SER B 898 -29.17 31.40 39.56
C SER B 898 -29.19 30.43 38.37
N SER B 899 -30.24 30.53 37.56
CA SER B 899 -30.46 29.69 36.39
C SER B 899 -29.35 29.99 35.38
N PRO B 900 -29.28 29.30 34.22
CA PRO B 900 -27.96 28.90 33.69
C PRO B 900 -26.88 28.76 34.74
N ALA B 901 -25.69 29.31 34.45
CA ALA B 901 -24.50 29.20 35.29
C ALA B 901 -24.01 27.75 35.37
N ALA B 902 -22.72 27.56 35.63
CA ALA B 902 -22.12 26.25 35.66
C ALA B 902 -21.38 26.02 36.97
N LEU B 903 -21.29 24.76 37.37
CA LEU B 903 -20.61 24.36 38.60
C LEU B 903 -19.29 23.69 38.26
N SER B 904 -18.23 24.09 38.94
CA SER B 904 -16.91 23.54 38.73
C SER B 904 -16.31 23.07 40.04
N PRO B 905 -15.45 22.06 40.00
CA PRO B 905 -14.80 21.59 41.24
C PRO B 905 -13.98 22.70 41.89
N SER B 906 -13.96 22.69 43.22
CA SER B 906 -13.18 23.68 43.96
C SER B 906 -11.69 23.50 43.71
N ASN B 907 -11.22 22.25 43.65
CA ASN B 907 -9.81 21.97 43.42
C ASN B 907 -9.50 21.98 41.92
N ALA B 930 -16.50 24.49 43.88
CA ALA B 930 -17.17 24.03 45.09
C ALA B 930 -17.61 22.58 44.94
N THR B 931 -17.06 21.70 45.76
CA THR B 931 -17.41 20.29 45.72
C THR B 931 -18.78 20.00 46.32
N GLN B 932 -19.39 20.97 47.00
CA GLN B 932 -20.71 20.81 47.59
C GLN B 932 -21.52 22.07 47.37
N TYR B 933 -22.84 21.91 47.34
CA TYR B 933 -23.75 23.03 47.08
C TYR B 933 -24.98 22.88 47.97
N ILE B 934 -25.83 23.91 47.94
CA ILE B 934 -27.07 23.94 48.70
C ILE B 934 -28.21 24.21 47.73
N VAL B 935 -29.23 23.36 47.76
CA VAL B 935 -30.39 23.50 46.87
C VAL B 935 -31.40 24.39 47.59
N GLU B 936 -31.37 25.68 47.26
CA GLU B 936 -32.25 26.63 47.94
C GLU B 936 -33.71 26.39 47.61
N THR B 937 -34.05 26.27 46.32
CA THR B 937 -35.41 26.05 45.87
C THR B 937 -35.42 24.85 44.92
N ARG B 938 -36.58 24.58 44.34
CA ARG B 938 -36.69 23.48 43.39
C ARG B 938 -35.78 23.73 42.19
N ALA B 939 -34.99 22.73 41.84
CA ALA B 939 -33.97 22.90 40.81
C ALA B 939 -33.78 21.59 40.05
N ARG B 940 -33.34 21.72 38.80
CA ARG B 940 -32.96 20.59 37.98
C ARG B 940 -31.49 20.73 37.58
N ALA B 941 -30.70 19.71 37.88
CA ALA B 941 -29.27 19.74 37.62
C ALA B 941 -28.84 18.45 36.94
N ILE B 942 -27.84 18.56 36.06
CA ILE B 942 -27.28 17.43 35.34
C ILE B 942 -25.78 17.45 35.55
N ILE B 943 -25.22 16.29 35.92
CA ILE B 943 -23.79 16.15 36.19
C ILE B 943 -23.19 15.30 35.07
N PHE B 944 -22.18 15.83 34.40
CA PHE B 944 -21.53 15.15 33.30
C PHE B 944 -20.19 14.55 33.75
N ASN B 945 -19.45 14.00 32.79
CA ASN B 945 -18.14 13.41 33.05
C ASN B 945 -17.08 14.20 32.29
N ILE B 946 -16.02 14.57 33.01
CA ILE B 946 -14.90 15.37 32.49
C ILE B 946 -15.32 16.43 31.49
N HIS B 981 -5.25 15.44 17.87
CA HIS B 981 -4.60 16.58 17.24
C HIS B 981 -3.09 16.55 17.44
N ARG B 982 -2.36 16.66 16.33
CA ARG B 982 -0.91 16.58 16.37
C ARG B 982 -0.31 17.78 17.10
N GLY B 983 0.84 17.55 17.74
CA GLY B 983 1.53 18.60 18.44
C GLY B 983 2.60 19.29 17.61
N LEU B 984 2.36 19.40 16.30
CA LEU B 984 3.29 20.11 15.44
C LEU B 984 3.31 21.60 15.74
N MET B 985 2.19 22.15 16.22
CA MET B 985 2.14 23.57 16.54
C MET B 985 3.14 23.92 17.63
N SER B 986 3.26 23.07 18.65
CA SER B 986 4.25 23.24 19.72
C SER B 986 4.98 21.91 19.90
N TRP B 987 6.02 21.69 19.09
CA TRP B 987 6.81 20.47 19.22
C TRP B 987 7.81 20.54 20.36
N PRO B 988 8.68 21.55 20.43
CA PRO B 988 9.75 21.52 21.45
C PRO B 988 9.28 21.82 22.86
N GLU B 989 7.99 22.14 23.07
CA GLU B 989 7.49 22.48 24.39
C GLU B 989 6.50 21.49 24.96
N ASN B 990 5.63 20.92 24.11
CA ASN B 990 4.61 20.00 24.62
C ASN B 990 5.20 18.67 25.06
N ILE B 991 6.39 18.33 24.62
CA ILE B 991 7.03 17.07 25.00
C ILE B 991 7.48 17.13 26.45
N SER B 1005 11.91 8.60 39.32
CA SER B 1005 11.54 7.59 40.30
C SER B 1005 12.32 6.30 40.09
N LEU B 1006 11.85 5.21 40.71
CA LEU B 1006 12.47 3.90 40.56
C LEU B 1006 11.55 2.87 39.93
N SER B 1007 10.23 2.96 40.17
CA SER B 1007 9.30 2.06 39.50
C SER B 1007 9.30 2.29 38.00
N GLU B 1008 9.29 3.56 37.58
CA GLU B 1008 9.35 3.86 36.16
C GLU B 1008 10.70 3.47 35.56
N ARG B 1009 11.78 3.63 36.32
CA ARG B 1009 13.09 3.19 35.84
C ARG B 1009 13.12 1.67 35.66
N ALA B 1010 12.53 0.93 36.60
CA ALA B 1010 12.45 -0.52 36.45
C ALA B 1010 11.58 -0.90 35.25
N MET B 1011 10.49 -0.16 35.04
CA MET B 1011 9.67 -0.40 33.85
C MET B 1011 10.48 -0.21 32.58
N GLN B 1012 11.26 0.88 32.52
CA GLN B 1012 12.10 1.13 31.35
C GLN B 1012 13.12 0.02 31.15
N LEU B 1013 13.71 -0.44 32.26
CA LEU B 1013 14.67 -1.54 32.18
C LEU B 1013 14.03 -2.85 31.73
N SER B 1014 12.76 -3.07 32.06
CA SER B 1014 12.09 -4.30 31.65
C SER B 1014 11.71 -4.27 30.17
N ILE B 1015 11.60 -3.08 29.59
CA ILE B 1015 11.09 -2.94 28.24
C ILE B 1015 12.18 -2.56 27.23
N PHE B 1016 13.36 -2.15 27.68
CA PHE B 1016 14.44 -1.79 26.77
C PHE B 1016 15.79 -2.36 27.16
N GLY B 1017 15.97 -2.80 28.41
CA GLY B 1017 17.26 -3.27 28.88
C GLY B 1017 18.23 -2.18 29.30
N SER B 1018 17.84 -0.91 29.17
CA SER B 1018 18.66 0.22 29.57
C SER B 1018 17.76 1.44 29.62
N MET B 1019 18.37 2.60 29.87
CA MET B 1019 17.63 3.86 29.93
C MET B 1019 17.79 4.61 28.61
N VAL B 1020 17.07 4.12 27.61
CA VAL B 1020 17.05 4.72 26.27
C VAL B 1020 15.59 4.98 25.93
N ASN B 1021 15.12 6.20 26.20
CA ASN B 1021 13.74 6.56 25.91
C ASN B 1021 13.60 8.08 25.81
O12 PC1 C . 9.07 -12.61 -43.25
P PC1 C . 9.80 -11.34 -43.58
O14 PC1 C . 11.05 -11.30 -44.39
O13 PC1 C . 8.78 -10.28 -44.33
O11 PC1 C . 10.03 -10.57 -42.14
C1 PC1 C . 11.32 -10.09 -41.81
C2 PC1 C . 11.31 -9.52 -40.41
O21 PC1 C . 10.26 -10.07 -39.61
C21 PC1 C . 10.49 -10.36 -38.34
O22 PC1 C . 11.52 -10.85 -37.94
C22 PC1 C . 9.31 -10.01 -37.49
C23 PC1 C . 9.52 -10.23 -36.00
C24 PC1 C . 8.46 -9.51 -35.18
C25 PC1 C . 8.53 -9.83 -33.69
C26 PC1 C . 9.75 -9.25 -32.99
C27 PC1 C . 9.58 -9.13 -31.48
C28 PC1 C . 8.44 -8.18 -31.10
C29 PC1 C . 8.09 -8.20 -29.62
C2A PC1 C . 6.78 -7.48 -29.32
C2B PC1 C . 6.35 -7.55 -27.86
C3 PC1 C . 11.11 -8.02 -40.41
O31 PC1 C . 11.57 -7.53 -39.15
C31 PC1 C . 11.03 -6.42 -38.67
O32 PC1 C . 10.40 -5.64 -39.35
C32 PC1 C . 11.27 -6.28 -37.19
C33 PC1 C . 10.14 -5.58 -36.46
C34 PC1 C . 10.39 -5.54 -34.96
C35 PC1 C . 9.10 -5.41 -34.15
C36 PC1 C . 9.20 -4.38 -33.04
C37 PC1 C . 7.91 -4.22 -32.24
C38 PC1 C . 8.16 -3.68 -30.84
C39 PC1 C . 6.93 -3.71 -29.93
C3A PC1 C . 6.24 -2.36 -29.82
C3B PC1 C . 5.72 -2.06 -28.42
C3C PC1 C . 6.83 -2.00 -27.39
C3D PC1 C . 6.35 -1.60 -26.00
C3E PC1 C . 7.49 -1.57 -24.97
C3F PC1 C . 8.69 -0.74 -25.40
C3G PC1 C . 9.87 -0.87 -24.44
C3H PC1 C . 10.99 0.12 -24.72
C3I PC1 C . 11.58 -0.03 -26.11
O12 PC1 D . 21.31 -7.28 -39.55
P PC1 D . 20.63 -8.13 -40.57
O14 PC1 D . 20.89 -8.01 -42.04
O13 PC1 D . 20.88 -9.73 -40.23
O11 PC1 D . 19.03 -7.98 -40.26
C1 PC1 D . 18.35 -9.04 -39.60
C2 PC1 D . 16.91 -8.64 -39.34
O21 PC1 D . 16.61 -7.32 -39.79
C21 PC1 D . 16.80 -6.25 -39.01
O22 PC1 D . 17.86 -5.95 -38.53
C22 PC1 D . 15.51 -5.48 -38.83
C23 PC1 D . 15.58 -4.40 -37.76
C24 PC1 D . 15.28 -4.94 -36.37
C25 PC1 D . 16.04 -4.21 -35.27
C26 PC1 D . 15.57 -4.59 -33.88
C27 PC1 D . 14.33 -3.83 -33.42
C28 PC1 D . 13.57 -4.56 -32.31
C29 PC1 D . 12.76 -3.63 -31.40
C2A PC1 D . 11.80 -4.40 -30.50
C2B PC1 D . 11.69 -3.82 -29.10
C2C PC1 D . 13.03 -3.72 -28.38
C2D PC1 D . 12.91 -3.38 -26.90
C2E PC1 D . 12.61 -4.59 -26.03
C2F PC1 D . 12.01 -4.23 -24.68
C2G PC1 D . 10.61 -4.78 -24.47
C2H PC1 D . 9.65 -4.42 -25.59
C2I PC1 D . 9.10 -5.63 -26.33
C3 PC1 D . 16.56 -8.74 -37.86
O31 PC1 D . 15.14 -8.81 -37.76
C31 PC1 D . 14.61 -9.38 -36.68
O32 PC1 D . 14.08 -10.46 -36.71
C32 PC1 D . 14.78 -8.53 -35.45
C33 PC1 D . 13.74 -8.78 -34.39
C34 PC1 D . 14.11 -8.14 -33.06
C35 PC1 D . 13.18 -8.52 -31.92
C36 PC1 D . 13.78 -8.28 -30.54
C37 PC1 D . 12.77 -8.41 -29.41
C38 PC1 D . 13.39 -8.37 -28.01
C39 PC1 D . 12.39 -8.11 -26.91
C3A PC1 D . 12.69 -8.80 -25.59
C3B PC1 D . 11.54 -8.74 -24.59
C3C PC1 D . 10.19 -8.97 -25.24
C3D PC1 D . 9.03 -9.19 -24.28
C3E PC1 D . 7.74 -9.56 -24.99
C3F PC1 D . 6.56 -9.81 -24.07
C3G PC1 D . 5.26 -10.12 -24.79
C3H PC1 D . 5.07 -11.59 -25.15
C3I PC1 D . 3.72 -12.16 -24.72
#